data_4CI8
#
_entry.id   4CI8
#
_cell.length_a   91.980
_cell.length_b   83.980
_cell.length_c   115.520
_cell.angle_alpha   90.00
_cell.angle_beta   96.61
_cell.angle_gamma   90.00
#
_symmetry.space_group_name_H-M   'P 1 21 1'
#
loop_
_entity.id
_entity.type
_entity.pdbx_description
1 polymer 'ECHINODERM MICROTUBULE-ASSOCIATED PROTEIN-LIKE 1'
2 non-polymer 'SULFATE ION'
3 water water
#
_entity_poly.entity_id   1
_entity_poly.type   'polypeptide(L)'
_entity_poly.pdbx_seq_one_letter_code
;GPHMSMGKKNSESKPKEPVFSAEEGYVKMFLRGRPVTMYMPKDQVDSYSLEAKVELPTKRLKLEWVYGYRGRDCRNNLYL
LPTGETVYFIASVVVLYNVEEQLQRHYAGHNDDVKCLAVHPDRITIATGQVAGTSKDGKQLPPHVRIWDSVTLNTLHVIG
IGFFDRAVTCIAFSKSNGGTNLCAVDDSNDHVLSVWDWQKEEKLADVKCSNEAVFAADFHPTDTNIIVTCGKSHLYFWTL
EGSSLNKKQGLFEKQEKPKFVLCVTFSENGDTITGDSSGNILVWGKGTNRISYAVQGAHEGGIFALCMLRDGTLVSGGGK
DRKLISWSGNYQKLRKTEIPEQFGPIRTVAEGKGDVILIGTTRNFVLQGTLSGDFTPITQGHTDELWGLAIHASKSQFLT
CGHDKHATLWDAVGHRPVWDKIIEDPAQSSGFHPSGSVVAVGTLTGRWFVFDTETKDLVTVHTDGNEQLSVMRYSPDGNF
LAIGSHDNCIYIYGVSDNGRKYTRVGKCSGHSSFITHLDWSVNSQFLVSNSGDYEILYWVPSACKQVVSVETTRDIEWAT
YTCTLGFHVFGVWPEGSDGTDINAVCRAHEKKLLSTGDDFGKVHLFSYPCSQFRAPSHIYGGHSSHVTNVDFLCEDSHLI
STGGKDTSIMQWRVI
;
_entity_poly.pdbx_strand_id   A,B
#
loop_
_chem_comp.id
_chem_comp.type
_chem_comp.name
_chem_comp.formula
SO4 non-polymer 'SULFATE ION' 'O4 S -2'
#
# COMPACT_ATOMS: atom_id res chain seq x y z
N LYS A 16 14.63 -18.33 -26.10
CA LYS A 16 15.52 -17.78 -25.09
C LYS A 16 16.13 -16.44 -25.53
N GLU A 17 17.44 -16.33 -25.40
CA GLU A 17 18.15 -15.11 -25.78
C GLU A 17 18.40 -15.05 -27.28
N PRO A 18 18.52 -13.83 -27.82
CA PRO A 18 18.77 -13.65 -29.26
C PRO A 18 20.15 -14.17 -29.68
N VAL A 19 20.27 -14.57 -30.94
CA VAL A 19 21.52 -15.11 -31.47
C VAL A 19 22.11 -14.25 -32.58
N PHE A 20 23.43 -14.23 -32.66
CA PHE A 20 24.13 -13.45 -33.67
C PHE A 20 24.72 -14.33 -34.77
N SER A 21 24.64 -13.83 -36.00
CA SER A 21 25.19 -14.54 -37.14
C SER A 21 26.20 -13.66 -37.86
N ALA A 22 27.49 -14.00 -37.71
CA ALA A 22 28.53 -13.30 -38.43
C ALA A 22 28.45 -13.61 -39.92
N GLU A 23 28.29 -14.89 -40.24
CA GLU A 23 28.23 -15.36 -41.63
C GLU A 23 27.09 -14.73 -42.43
N GLU A 24 25.96 -14.49 -41.78
CA GLU A 24 24.80 -13.94 -42.48
C GLU A 24 24.50 -12.48 -42.10
N GLY A 25 25.19 -11.96 -41.10
CA GLY A 25 25.00 -10.59 -40.68
C GLY A 25 23.60 -10.28 -40.16
N TYR A 26 23.19 -10.99 -39.11
CA TYR A 26 21.91 -10.69 -38.48
C TYR A 26 21.89 -11.05 -37.01
N VAL A 27 20.92 -10.51 -36.31
CA VAL A 27 20.58 -11.00 -34.99
C VAL A 27 19.19 -11.59 -35.07
N LYS A 28 18.99 -12.73 -34.44
CA LYS A 28 17.69 -13.38 -34.42
C LYS A 28 17.12 -13.27 -33.02
N MET A 29 16.03 -12.52 -32.87
CA MET A 29 15.39 -12.37 -31.57
C MET A 29 14.21 -13.34 -31.49
N PHE A 30 13.76 -13.64 -30.28
CA PHE A 30 12.73 -14.65 -30.12
C PHE A 30 11.47 -14.11 -29.45
N LEU A 31 10.36 -14.20 -30.16
CA LEU A 31 9.09 -13.76 -29.64
C LEU A 31 8.31 -14.99 -29.26
N ARG A 32 8.25 -15.24 -27.96
CA ARG A 32 7.60 -16.44 -27.51
C ARG A 32 8.53 -17.45 -28.14
N GLY A 33 7.99 -18.35 -28.92
CA GLY A 33 8.82 -19.36 -29.52
C GLY A 33 9.47 -18.87 -30.78
N ARG A 34 8.66 -18.53 -31.77
CA ARG A 34 9.21 -18.18 -33.08
C ARG A 34 10.34 -17.14 -33.02
N PRO A 35 11.38 -17.34 -33.84
CA PRO A 35 12.46 -16.37 -34.00
C PRO A 35 12.19 -15.44 -35.17
N VAL A 36 12.55 -14.16 -35.03
CA VAL A 36 12.41 -13.21 -36.13
C VAL A 36 13.79 -12.70 -36.57
N THR A 37 14.07 -12.81 -37.87
CA THR A 37 15.40 -12.54 -38.38
C THR A 37 15.58 -11.10 -38.85
N MET A 38 16.51 -10.41 -38.21
CA MET A 38 16.73 -8.99 -38.47
C MET A 38 18.15 -8.74 -39.00
N TYR A 39 18.25 -8.20 -40.21
CA TYR A 39 19.56 -8.00 -40.84
C TYR A 39 20.17 -6.64 -40.55
N MET A 40 21.45 -6.64 -40.18
CA MET A 40 22.16 -5.40 -39.94
C MET A 40 22.89 -4.93 -41.21
N PRO A 41 23.33 -3.67 -41.23
CA PRO A 41 24.15 -3.15 -42.32
C PRO A 41 25.51 -3.85 -42.36
N LYS A 42 26.07 -3.99 -43.56
CA LYS A 42 27.35 -4.67 -43.75
C LYS A 42 28.47 -4.06 -42.93
N ASP A 43 28.48 -2.72 -42.82
CA ASP A 43 29.53 -2.01 -42.10
C ASP A 43 29.48 -2.26 -40.60
N GLN A 44 28.45 -2.98 -40.16
CA GLN A 44 28.25 -3.23 -38.75
C GLN A 44 28.61 -4.67 -38.35
N VAL A 45 28.50 -5.59 -39.30
CA VAL A 45 28.71 -7.01 -39.03
C VAL A 45 30.10 -7.35 -38.48
N ASP A 46 31.11 -6.65 -38.98
CA ASP A 46 32.50 -6.93 -38.61
C ASP A 46 32.77 -6.89 -37.11
N SER A 47 32.16 -5.94 -36.41
CA SER A 47 32.45 -5.74 -34.99
C SER A 47 31.22 -5.77 -34.09
N TYR A 48 30.15 -6.39 -34.57
CA TYR A 48 28.97 -6.53 -33.75
C TYR A 48 29.20 -7.52 -32.61
N SER A 49 28.90 -7.08 -31.38
CA SER A 49 29.05 -7.94 -30.22
C SER A 49 27.68 -8.20 -29.59
N LEU A 50 27.28 -9.46 -29.58
CA LEU A 50 25.99 -9.86 -29.03
C LEU A 50 25.86 -9.44 -27.56
N GLU A 51 26.97 -9.53 -26.84
CA GLU A 51 26.99 -9.24 -25.40
C GLU A 51 27.16 -7.76 -25.07
N ALA A 52 27.19 -6.93 -26.10
CA ALA A 52 27.41 -5.50 -25.90
C ALA A 52 26.18 -4.80 -25.35
N LYS A 53 26.37 -3.73 -24.59
CA LYS A 53 25.26 -2.98 -24.03
C LYS A 53 25.05 -1.66 -24.78
N VAL A 54 23.80 -1.23 -24.83
CA VAL A 54 23.46 0.09 -25.35
C VAL A 54 23.19 1.01 -24.16
N GLU A 55 23.65 2.25 -24.25
CA GLU A 55 23.56 3.17 -23.11
C GLU A 55 22.16 3.68 -22.86
N LEU A 56 21.97 4.38 -21.75
CA LEU A 56 20.74 5.11 -21.50
C LEU A 56 20.74 6.35 -22.36
N PRO A 57 19.55 6.83 -22.72
CA PRO A 57 19.49 8.06 -23.51
C PRO A 57 20.01 9.25 -22.72
N THR A 58 20.45 10.28 -23.44
CA THR A 58 21.00 11.47 -22.82
C THR A 58 19.90 12.38 -22.32
N LYS A 59 18.71 12.21 -22.88
CA LYS A 59 17.54 13.00 -22.53
C LYS A 59 16.56 12.23 -21.65
N ARG A 60 15.52 12.93 -21.19
CA ARG A 60 14.47 12.33 -20.37
C ARG A 60 13.12 12.88 -20.82
N LEU A 61 12.04 12.32 -20.29
CA LEU A 61 10.71 12.86 -20.53
C LEU A 61 10.12 13.44 -19.25
N LYS A 62 9.20 14.38 -19.42
CA LYS A 62 8.54 15.02 -18.30
C LYS A 62 7.11 15.35 -18.72
N LEU A 63 6.14 14.72 -18.07
CA LEU A 63 4.74 14.93 -18.44
C LEU A 63 4.42 16.42 -18.40
N GLU A 64 3.88 16.93 -19.49
CA GLU A 64 3.56 18.35 -19.59
C GLU A 64 2.06 18.58 -19.69
N TRP A 65 1.35 17.62 -20.27
CA TRP A 65 -0.07 17.81 -20.54
C TRP A 65 -0.81 16.50 -20.77
N VAL A 66 -1.99 16.41 -20.16
CA VAL A 66 -2.90 15.32 -20.39
C VAL A 66 -4.16 15.87 -21.06
N TYR A 67 -4.60 15.24 -22.15
CA TYR A 67 -5.80 15.66 -22.84
C TYR A 67 -6.96 14.74 -22.48
N GLY A 68 -8.12 15.32 -22.19
CA GLY A 68 -9.28 14.54 -21.86
C GLY A 68 -9.64 14.59 -20.40
N TYR A 69 -10.91 14.31 -20.11
CA TYR A 69 -11.42 14.28 -18.75
C TYR A 69 -12.29 13.04 -18.64
N ARG A 70 -12.11 12.27 -17.58
CA ARG A 70 -12.96 11.10 -17.41
C ARG A 70 -14.31 11.47 -16.82
N GLY A 71 -15.27 11.76 -17.69
CA GLY A 71 -16.62 12.09 -17.25
C GLY A 71 -17.62 11.02 -17.63
N ARG A 72 -17.38 10.38 -18.78
CA ARG A 72 -18.32 9.41 -19.33
C ARG A 72 -18.81 8.35 -18.33
N ASP A 73 -17.88 7.78 -17.58
CA ASP A 73 -18.22 6.68 -16.66
C ASP A 73 -17.75 6.95 -15.23
N CYS A 74 -17.71 8.21 -14.85
CA CYS A 74 -17.31 8.60 -13.50
C CYS A 74 -18.11 9.79 -13.01
N ARG A 75 -18.24 9.90 -11.70
CA ARG A 75 -18.93 11.04 -11.10
C ARG A 75 -18.09 11.64 -9.96
N ASN A 76 -18.44 12.83 -9.52
CA ASN A 76 -17.78 13.48 -8.40
C ASN A 76 -16.28 13.54 -8.53
N ASN A 77 -15.79 14.02 -9.68
CA ASN A 77 -14.36 14.12 -9.90
C ASN A 77 -13.93 15.42 -10.57
N LEU A 78 -14.51 16.52 -10.09
CA LEU A 78 -14.17 17.85 -10.58
C LEU A 78 -14.20 18.86 -9.43
N TYR A 79 -13.06 19.50 -9.19
CA TYR A 79 -12.96 20.48 -8.12
C TYR A 79 -12.12 21.66 -8.57
N LEU A 80 -12.23 22.77 -7.84
CA LEU A 80 -11.49 23.98 -8.17
C LEU A 80 -10.82 24.57 -6.92
N LEU A 81 -9.55 24.27 -6.75
CA LEU A 81 -8.80 24.74 -5.58
C LEU A 81 -8.71 26.26 -5.56
N PRO A 82 -8.53 26.84 -4.36
CA PRO A 82 -8.44 28.30 -4.24
C PRO A 82 -7.19 28.86 -4.92
N THR A 83 -6.33 27.97 -5.41
CA THR A 83 -5.11 28.39 -6.11
C THR A 83 -5.37 28.76 -7.56
N GLY A 84 -6.53 28.37 -8.08
CA GLY A 84 -6.86 28.63 -9.47
C GLY A 84 -6.63 27.40 -10.32
N GLU A 85 -6.42 26.27 -9.65
CA GLU A 85 -6.19 25.01 -10.33
C GLU A 85 -7.44 24.17 -10.36
N THR A 86 -7.89 23.84 -11.57
CA THR A 86 -8.99 22.91 -11.76
C THR A 86 -8.47 21.49 -11.60
N VAL A 87 -9.05 20.73 -10.68
CA VAL A 87 -8.59 19.38 -10.40
C VAL A 87 -9.57 18.30 -10.87
N TYR A 88 -9.05 17.37 -11.66
CA TYR A 88 -9.80 16.20 -12.09
C TYR A 88 -8.84 15.06 -12.35
N PHE A 89 -9.36 13.96 -12.87
CA PHE A 89 -8.50 12.85 -13.21
C PHE A 89 -8.92 12.16 -14.50
N ILE A 90 -8.06 11.26 -14.96
CA ILE A 90 -8.27 10.51 -16.19
C ILE A 90 -7.12 9.53 -16.32
N ALA A 91 -7.41 8.33 -16.79
CA ALA A 91 -6.44 7.26 -16.76
C ALA A 91 -5.94 7.11 -15.33
N SER A 92 -4.63 7.15 -15.12
CA SER A 92 -4.05 6.95 -13.79
C SER A 92 -3.50 8.25 -13.22
N VAL A 93 -3.79 9.35 -13.89
CA VAL A 93 -3.20 10.63 -13.50
C VAL A 93 -4.25 11.56 -12.94
N VAL A 94 -3.91 12.25 -11.85
CA VAL A 94 -4.71 13.36 -11.41
C VAL A 94 -4.15 14.63 -12.02
N VAL A 95 -5.01 15.44 -12.61
CA VAL A 95 -4.57 16.67 -13.25
C VAL A 95 -4.94 17.88 -12.40
N LEU A 96 -3.98 18.78 -12.22
CA LEU A 96 -4.24 20.07 -11.61
C LEU A 96 -3.98 21.14 -12.67
N TYR A 97 -5.06 21.63 -13.28
CA TYR A 97 -4.99 22.51 -14.43
C TYR A 97 -5.32 23.95 -14.06
N ASN A 98 -4.32 24.83 -14.17
CA ASN A 98 -4.50 26.27 -13.94
C ASN A 98 -4.86 26.98 -15.25
N VAL A 99 -6.16 27.05 -15.54
CA VAL A 99 -6.67 27.62 -16.78
C VAL A 99 -6.05 28.99 -17.11
N GLU A 100 -5.89 29.84 -16.10
CA GLU A 100 -5.35 31.18 -16.32
C GLU A 100 -3.89 31.18 -16.77
N GLU A 101 -3.08 30.36 -16.13
CA GLU A 101 -1.67 30.23 -16.49
C GLU A 101 -1.46 29.28 -17.67
N GLN A 102 -2.52 28.59 -18.08
CA GLN A 102 -2.41 27.48 -19.04
C GLN A 102 -1.32 26.48 -18.66
N LEU A 103 -1.34 26.03 -17.40
CA LEU A 103 -0.34 25.08 -16.95
C LEU A 103 -0.98 23.90 -16.25
N GLN A 104 -0.38 22.72 -16.43
CA GLN A 104 -0.82 21.53 -15.72
C GLN A 104 0.26 21.02 -14.78
N ARG A 105 -0.16 20.54 -13.62
CA ARG A 105 0.70 19.78 -12.74
C ARG A 105 0.00 18.45 -12.58
N HIS A 106 0.75 17.40 -12.23
CA HIS A 106 0.16 16.07 -12.19
C HIS A 106 0.59 15.30 -10.94
N TYR A 107 -0.34 14.55 -10.38
CA TYR A 107 -0.01 13.57 -9.35
C TYR A 107 -0.23 12.19 -9.96
N ALA A 108 0.83 11.39 -10.00
CA ALA A 108 0.78 10.12 -10.71
C ALA A 108 1.02 8.95 -9.77
N GLY A 109 0.83 9.18 -8.47
CA GLY A 109 1.03 8.15 -7.47
C GLY A 109 0.37 6.81 -7.72
N HIS A 110 -0.76 6.82 -8.41
CA HIS A 110 -1.50 5.58 -8.64
C HIS A 110 -0.90 4.75 -9.78
N ASN A 111 -1.17 3.45 -9.75
CA ASN A 111 -0.66 2.54 -10.78
C ASN A 111 -1.76 1.93 -11.65
N ASP A 112 -2.97 2.48 -11.55
CA ASP A 112 -4.05 2.17 -12.50
C ASP A 112 -5.12 3.25 -12.44
N ASP A 113 -6.23 3.02 -13.13
CA ASP A 113 -7.30 4.02 -13.26
C ASP A 113 -7.75 4.64 -11.92
N VAL A 114 -7.68 5.96 -11.83
CA VAL A 114 -8.26 6.68 -10.71
C VAL A 114 -9.76 6.64 -10.89
N LYS A 115 -10.48 6.42 -9.79
CA LYS A 115 -11.93 6.26 -9.87
C LYS A 115 -12.70 7.26 -9.02
N CYS A 116 -12.04 7.78 -7.97
CA CYS A 116 -12.68 8.77 -7.11
C CYS A 116 -11.66 9.75 -6.55
N LEU A 117 -12.14 10.90 -6.10
CA LEU A 117 -11.27 11.96 -5.61
C LEU A 117 -12.04 12.88 -4.68
N ALA A 118 -11.45 13.15 -3.53
CA ALA A 118 -12.05 14.07 -2.58
C ALA A 118 -11.01 15.07 -2.09
N VAL A 119 -11.44 16.30 -1.86
CA VAL A 119 -10.56 17.32 -1.33
C VAL A 119 -10.85 17.56 0.15
N HIS A 120 -9.79 17.63 0.95
CA HIS A 120 -9.88 17.84 2.39
C HIS A 120 -10.40 19.26 2.68
N PRO A 121 -11.03 19.45 3.86
CA PRO A 121 -11.51 20.76 4.28
C PRO A 121 -10.41 21.82 4.30
N ASP A 122 -9.16 21.37 4.39
CA ASP A 122 -8.03 22.28 4.40
C ASP A 122 -7.74 22.87 3.02
N ARG A 123 -8.43 22.35 2.00
CA ARG A 123 -8.36 22.93 0.67
C ARG A 123 -7.06 22.57 -0.06
N ILE A 124 -6.22 21.78 0.60
CA ILE A 124 -4.90 21.46 0.06
C ILE A 124 -4.63 19.96 0.02
N THR A 125 -5.10 19.24 1.02
CA THR A 125 -4.89 17.80 1.12
C THR A 125 -5.90 17.07 0.26
N ILE A 126 -5.43 16.26 -0.67
CA ILE A 126 -6.31 15.52 -1.57
C ILE A 126 -6.31 14.04 -1.21
N ALA A 127 -7.36 13.33 -1.62
CA ALA A 127 -7.40 11.87 -1.46
C ALA A 127 -7.97 11.25 -2.74
N THR A 128 -7.42 10.11 -3.15
CA THR A 128 -7.86 9.49 -4.39
C THR A 128 -7.95 7.98 -4.27
N GLY A 129 -8.87 7.39 -5.03
CA GLY A 129 -9.03 5.96 -5.06
C GLY A 129 -8.64 5.39 -6.42
N GLN A 130 -8.66 4.07 -6.52
CA GLN A 130 -8.15 3.42 -7.71
C GLN A 130 -8.82 2.07 -7.91
N VAL A 131 -8.87 1.61 -9.15
CA VAL A 131 -9.34 0.27 -9.46
C VAL A 131 -8.25 -0.73 -9.10
N ALA A 132 -8.56 -2.01 -9.23
CA ALA A 132 -7.54 -3.04 -9.08
C ALA A 132 -6.75 -3.09 -10.39
N GLY A 133 -5.49 -3.48 -10.26
CA GLY A 133 -4.62 -3.48 -11.39
C GLY A 133 -4.46 -4.87 -11.95
N THR A 134 -3.50 -4.97 -12.84
CA THR A 134 -3.02 -6.21 -13.40
C THR A 134 -1.74 -5.71 -14.06
N SER A 135 -0.61 -6.28 -13.68
CA SER A 135 0.68 -5.77 -14.10
C SER A 135 1.25 -6.46 -15.32
N LYS A 136 2.53 -6.23 -15.58
CA LYS A 136 3.17 -6.79 -16.77
C LYS A 136 3.49 -8.27 -16.60
N ASP A 137 3.08 -8.82 -15.46
CA ASP A 137 3.41 -10.21 -15.14
C ASP A 137 2.37 -11.21 -15.69
N GLY A 138 1.10 -11.05 -15.33
CA GLY A 138 0.64 -9.99 -14.43
C GLY A 138 -0.30 -10.51 -13.36
N LYS A 139 0.00 -10.17 -12.11
CA LYS A 139 -0.85 -10.52 -10.99
C LYS A 139 -1.80 -9.36 -10.66
N GLN A 140 -2.64 -9.54 -9.64
CA GLN A 140 -3.61 -8.51 -9.27
C GLN A 140 -3.08 -7.56 -8.20
N LEU A 141 -2.92 -6.30 -8.58
CA LEU A 141 -2.55 -5.23 -7.64
C LEU A 141 -3.82 -4.67 -6.99
N PRO A 142 -3.97 -4.90 -5.68
CA PRO A 142 -5.18 -4.49 -4.96
C PRO A 142 -5.47 -3.00 -5.05
N PRO A 143 -6.76 -2.64 -5.11
CA PRO A 143 -7.24 -1.26 -5.08
C PRO A 143 -6.90 -0.62 -3.75
N HIS A 144 -6.48 0.64 -3.78
CA HIS A 144 -6.15 1.34 -2.54
C HIS A 144 -6.50 2.83 -2.61
N VAL A 145 -6.34 3.52 -1.48
CA VAL A 145 -6.57 4.95 -1.42
C VAL A 145 -5.24 5.65 -1.14
N ARG A 146 -5.03 6.81 -1.76
CA ARG A 146 -3.83 7.59 -1.50
C ARG A 146 -4.20 8.99 -1.02
N ILE A 147 -3.53 9.44 0.03
CA ILE A 147 -3.71 10.80 0.49
C ILE A 147 -2.44 11.56 0.24
N TRP A 148 -2.54 12.66 -0.51
CA TRP A 148 -1.36 13.42 -0.90
C TRP A 148 -1.56 14.93 -0.77
N ASP A 149 -0.45 15.65 -0.84
CA ASP A 149 -0.45 17.10 -0.76
C ASP A 149 -0.49 17.69 -2.17
N SER A 150 -1.42 18.61 -2.41
CA SER A 150 -1.57 19.22 -3.72
C SER A 150 -0.47 20.24 -3.98
N VAL A 151 0.21 20.65 -2.91
CA VAL A 151 1.30 21.61 -3.02
C VAL A 151 2.61 20.96 -3.45
N THR A 152 3.07 19.98 -2.67
CA THR A 152 4.33 19.30 -2.94
C THR A 152 4.14 18.06 -3.81
N LEU A 153 2.89 17.66 -4.01
CA LEU A 153 2.57 16.46 -4.77
C LEU A 153 3.20 15.22 -4.16
N ASN A 154 3.63 15.34 -2.91
CA ASN A 154 4.14 14.20 -2.14
C ASN A 154 3.00 13.34 -1.59
N THR A 155 3.15 12.03 -1.69
CA THR A 155 2.20 11.13 -1.06
C THR A 155 2.29 11.26 0.47
N LEU A 156 1.13 11.24 1.14
CA LEU A 156 1.07 11.45 2.57
C LEU A 156 0.79 10.14 3.29
N HIS A 157 -0.11 9.34 2.72
CA HIS A 157 -0.48 8.06 3.31
C HIS A 157 -1.01 7.10 2.25
N VAL A 158 -0.98 5.81 2.56
CA VAL A 158 -1.54 4.80 1.68
C VAL A 158 -2.44 3.88 2.51
N ILE A 159 -3.73 3.93 2.23
CA ILE A 159 -4.73 3.33 3.11
C ILE A 159 -5.25 1.99 2.61
N GLY A 160 -5.60 1.12 3.56
CA GLY A 160 -6.24 -0.16 3.26
C GLY A 160 -5.75 -0.87 2.02
N ILE A 161 -4.44 -1.11 1.94
CA ILE A 161 -3.84 -1.74 0.78
C ILE A 161 -4.44 -3.12 0.48
N GLY A 162 -4.55 -3.96 1.51
CA GLY A 162 -5.12 -5.27 1.32
C GLY A 162 -6.62 -5.35 1.54
N PHE A 163 -7.20 -4.28 2.09
CA PHE A 163 -8.61 -4.30 2.51
C PHE A 163 -9.62 -4.16 1.36
N PHE A 164 -9.48 -3.13 0.54
CA PHE A 164 -10.42 -2.86 -0.54
C PHE A 164 -10.44 -3.97 -1.59
N ASP A 165 -11.57 -4.14 -2.26
CA ASP A 165 -11.69 -5.10 -3.36
C ASP A 165 -12.22 -4.46 -4.63
N ARG A 166 -11.72 -4.91 -5.77
CA ARG A 166 -12.17 -4.44 -7.10
C ARG A 166 -11.80 -2.99 -7.44
N ALA A 167 -12.24 -2.05 -6.62
CA ALA A 167 -11.96 -0.64 -6.85
C ALA A 167 -12.54 0.23 -5.74
N VAL A 168 -11.91 1.35 -5.46
CA VAL A 168 -12.44 2.33 -4.52
C VAL A 168 -13.25 3.37 -5.31
N THR A 169 -14.58 3.30 -5.21
CA THR A 169 -15.44 4.13 -6.07
C THR A 169 -15.91 5.44 -5.43
N CYS A 170 -15.94 5.48 -4.11
CA CYS A 170 -16.39 6.68 -3.41
C CYS A 170 -15.41 7.04 -2.30
N ILE A 171 -15.29 8.33 -2.00
CA ILE A 171 -14.39 8.78 -0.96
C ILE A 171 -14.75 10.19 -0.48
N ALA A 172 -14.46 10.49 0.77
CA ALA A 172 -14.80 11.79 1.33
C ALA A 172 -14.14 12.06 2.67
N PHE A 173 -13.74 13.30 2.89
CA PHE A 173 -13.25 13.73 4.18
C PHE A 173 -14.40 14.23 5.04
N SER A 174 -14.36 13.96 6.33
CA SER A 174 -15.34 14.53 7.24
C SER A 174 -15.03 16.01 7.29
N LYS A 175 -16.04 16.85 7.25
CA LYS A 175 -15.83 18.30 7.26
C LYS A 175 -15.99 18.99 8.59
N SER A 176 -16.68 18.37 9.54
CA SER A 176 -16.87 19.01 10.84
C SER A 176 -15.58 19.22 11.63
N ASN A 177 -14.87 18.13 11.89
CA ASN A 177 -13.73 18.13 12.81
C ASN A 177 -12.46 18.72 12.23
N GLY A 178 -12.41 18.84 10.92
CA GLY A 178 -11.20 19.26 10.24
C GLY A 178 -10.73 18.12 9.37
N GLY A 179 -11.67 17.27 8.98
CA GLY A 179 -11.41 16.18 8.07
C GLY A 179 -10.41 15.15 8.56
N THR A 180 -10.38 14.94 9.88
CA THR A 180 -9.48 13.95 10.44
C THR A 180 -9.89 12.54 10.01
N ASN A 181 -11.11 12.42 9.52
CA ASN A 181 -11.61 11.14 9.03
C ASN A 181 -11.88 11.06 7.53
N LEU A 182 -11.94 9.83 7.02
CA LEU A 182 -12.13 9.58 5.61
C LEU A 182 -13.06 8.38 5.48
N CYS A 183 -13.97 8.43 4.51
CA CYS A 183 -14.79 7.27 4.23
C CYS A 183 -14.60 6.82 2.78
N ALA A 184 -14.74 5.54 2.54
CA ALA A 184 -14.55 5.01 1.20
C ALA A 184 -15.50 3.85 0.96
N VAL A 185 -15.74 3.54 -0.31
CA VAL A 185 -16.63 2.46 -0.68
C VAL A 185 -16.02 1.70 -1.84
N ASP A 186 -15.73 0.42 -1.63
CA ASP A 186 -15.18 -0.39 -2.71
C ASP A 186 -16.31 -1.01 -3.53
N ASP A 187 -15.95 -1.78 -4.53
CA ASP A 187 -16.92 -2.42 -5.40
C ASP A 187 -16.97 -3.90 -5.12
N SER A 188 -16.92 -4.25 -3.83
CA SER A 188 -16.81 -5.64 -3.38
C SER A 188 -17.98 -6.52 -3.79
N ASN A 189 -18.95 -5.97 -4.52
CA ASN A 189 -20.18 -6.70 -4.81
C ASN A 189 -21.00 -6.85 -3.53
N ASP A 190 -20.36 -6.54 -2.41
CA ASP A 190 -21.01 -6.23 -1.15
C ASP A 190 -20.82 -4.75 -0.84
N HIS A 191 -20.03 -4.08 -1.68
CA HIS A 191 -19.80 -2.64 -1.61
C HIS A 191 -19.53 -2.20 -0.18
N VAL A 192 -18.36 -2.55 0.34
CA VAL A 192 -18.02 -2.24 1.72
C VAL A 192 -17.75 -0.76 1.94
N LEU A 193 -18.39 -0.20 2.96
CA LEU A 193 -18.14 1.17 3.36
C LEU A 193 -17.26 1.18 4.61
N SER A 194 -16.16 1.93 4.55
CA SER A 194 -15.24 1.97 5.67
C SER A 194 -14.87 3.40 6.06
N VAL A 195 -14.47 3.57 7.30
CA VAL A 195 -14.04 4.88 7.80
C VAL A 195 -12.63 4.74 8.35
N TRP A 196 -11.83 5.78 8.17
CA TRP A 196 -10.43 5.73 8.56
C TRP A 196 -10.02 7.03 9.25
N ASP A 197 -9.04 6.94 10.15
CA ASP A 197 -8.31 8.12 10.58
C ASP A 197 -7.09 8.20 9.68
N TRP A 198 -7.26 8.86 8.54
CA TRP A 198 -6.27 8.82 7.47
C TRP A 198 -4.85 9.19 7.93
N GLN A 199 -4.75 10.14 8.85
CA GLN A 199 -3.44 10.60 9.30
C GLN A 199 -2.71 9.53 10.14
N LYS A 200 -3.47 8.55 10.61
CA LYS A 200 -2.91 7.45 11.41
C LYS A 200 -2.95 6.15 10.64
N GLU A 201 -3.51 6.19 9.44
CA GLU A 201 -3.62 5.01 8.60
C GLU A 201 -4.30 3.87 9.34
N GLU A 202 -5.30 4.23 10.16
CA GLU A 202 -6.04 3.25 10.94
C GLU A 202 -7.50 3.16 10.49
N LYS A 203 -8.02 1.94 10.42
CA LYS A 203 -9.43 1.76 10.09
C LYS A 203 -10.31 1.82 11.34
N LEU A 204 -11.18 2.82 11.41
CA LEU A 204 -12.09 2.98 12.53
C LEU A 204 -13.22 1.94 12.53
N ALA A 205 -13.82 1.72 11.36
CA ALA A 205 -14.90 0.74 11.25
C ALA A 205 -15.26 0.47 9.80
N ASP A 206 -16.18 -0.48 9.60
CA ASP A 206 -16.65 -0.82 8.26
C ASP A 206 -17.93 -1.64 8.30
N VAL A 207 -18.61 -1.75 7.17
CA VAL A 207 -19.85 -2.53 7.07
C VAL A 207 -20.35 -2.60 5.63
N LYS A 208 -20.90 -3.74 5.24
CA LYS A 208 -21.49 -3.88 3.91
C LYS A 208 -22.52 -2.78 3.67
N CYS A 209 -22.16 -1.79 2.87
CA CYS A 209 -22.99 -0.61 2.65
C CYS A 209 -24.22 -0.90 1.79
N SER A 210 -24.07 -1.85 0.87
CA SER A 210 -25.13 -2.18 -0.07
C SER A 210 -24.67 -3.35 -0.93
N ASN A 211 -25.59 -3.97 -1.66
CA ASN A 211 -25.22 -5.03 -2.59
C ASN A 211 -25.48 -4.60 -4.04
N GLU A 212 -25.81 -3.32 -4.20
CA GLU A 212 -25.93 -2.72 -5.52
C GLU A 212 -25.00 -1.52 -5.64
N ALA A 213 -24.86 -1.01 -6.86
CA ALA A 213 -24.00 0.13 -7.11
C ALA A 213 -24.30 1.29 -6.18
N VAL A 214 -23.30 1.72 -5.42
CA VAL A 214 -23.44 2.95 -4.64
C VAL A 214 -22.58 4.07 -5.25
N PHE A 215 -23.21 5.23 -5.45
CA PHE A 215 -22.65 6.29 -6.27
C PHE A 215 -22.02 7.43 -5.48
N ALA A 216 -22.36 7.54 -4.21
CA ALA A 216 -21.78 8.61 -3.40
C ALA A 216 -21.75 8.24 -1.93
N ALA A 217 -20.85 8.88 -1.21
CA ALA A 217 -20.77 8.76 0.22
C ALA A 217 -20.16 10.06 0.72
N ASP A 218 -20.79 10.68 1.71
CA ASP A 218 -20.31 11.97 2.18
C ASP A 218 -20.62 12.21 3.65
N PHE A 219 -19.73 12.92 4.32
CA PHE A 219 -19.91 13.26 5.72
C PHE A 219 -20.84 14.47 5.90
N HIS A 220 -21.53 14.50 7.03
CA HIS A 220 -22.41 15.62 7.38
C HIS A 220 -21.57 16.83 7.75
N PRO A 221 -21.95 18.02 7.27
CA PRO A 221 -21.12 19.21 7.46
C PRO A 221 -20.86 19.54 8.92
N THR A 222 -21.81 19.23 9.80
CA THR A 222 -21.70 19.62 11.21
C THR A 222 -21.43 18.44 12.16
N ASP A 223 -21.74 17.23 11.74
CA ASP A 223 -21.51 16.05 12.57
C ASP A 223 -20.62 15.00 11.90
N THR A 224 -19.41 14.86 12.41
CA THR A 224 -18.42 13.95 11.85
C THR A 224 -18.82 12.49 11.97
N ASN A 225 -19.89 12.21 12.70
CA ASN A 225 -20.27 10.82 12.98
C ASN A 225 -21.32 10.27 12.02
N ILE A 226 -21.70 11.07 11.03
CA ILE A 226 -22.72 10.63 10.07
C ILE A 226 -22.26 10.64 8.61
N ILE A 227 -22.40 9.50 7.96
CA ILE A 227 -22.09 9.36 6.54
C ILE A 227 -23.38 9.06 5.79
N VAL A 228 -23.58 9.73 4.66
CA VAL A 228 -24.73 9.45 3.81
C VAL A 228 -24.24 8.80 2.54
N THR A 229 -24.86 7.69 2.14
CA THR A 229 -24.50 7.03 0.90
C THR A 229 -25.73 6.85 0.03
N CYS A 230 -25.55 6.89 -1.29
CA CYS A 230 -26.67 6.74 -2.21
C CYS A 230 -26.28 5.95 -3.45
N GLY A 231 -27.30 5.43 -4.14
CA GLY A 231 -27.09 4.60 -5.30
C GLY A 231 -28.38 3.89 -5.70
N LYS A 232 -28.25 2.84 -6.51
CA LYS A 232 -29.40 2.10 -7.00
C LYS A 232 -30.35 1.72 -5.86
N SER A 233 -31.56 2.27 -5.89
CA SER A 233 -32.58 2.03 -4.86
C SER A 233 -31.97 2.04 -3.45
N HIS A 234 -31.38 3.18 -3.08
CA HIS A 234 -30.53 3.22 -1.90
C HIS A 234 -30.23 4.65 -1.47
N LEU A 235 -30.67 5.00 -0.26
CA LEU A 235 -30.23 6.22 0.40
C LEU A 235 -30.18 5.95 1.89
N TYR A 236 -29.00 5.59 2.39
CA TYR A 236 -28.86 5.22 3.79
C TYR A 236 -28.17 6.31 4.60
N PHE A 237 -28.53 6.39 5.89
CA PHE A 237 -27.88 7.30 6.81
C PHE A 237 -27.08 6.49 7.84
N TRP A 238 -25.75 6.57 7.75
CA TRP A 238 -24.88 5.79 8.64
C TRP A 238 -24.37 6.64 9.80
N THR A 239 -24.45 6.08 11.01
CA THR A 239 -23.93 6.77 12.19
C THR A 239 -22.72 6.03 12.75
N LEU A 240 -21.64 6.77 12.99
CA LEU A 240 -20.39 6.18 13.46
C LEU A 240 -20.35 6.12 14.98
N GLU A 241 -20.64 4.94 15.52
CA GLU A 241 -20.57 4.72 16.96
C GLU A 241 -19.36 3.86 17.29
N GLY A 242 -18.32 4.49 17.83
CA GLY A 242 -17.08 3.81 18.16
C GLY A 242 -16.47 3.14 16.94
N SER A 243 -16.69 1.84 16.82
CA SER A 243 -16.14 1.06 15.72
C SER A 243 -17.21 0.28 14.99
N SER A 244 -18.41 0.84 14.94
CA SER A 244 -19.51 0.24 14.21
C SER A 244 -20.29 1.31 13.44
N LEU A 245 -20.90 0.91 12.32
CA LEU A 245 -21.74 1.82 11.54
C LEU A 245 -23.20 1.41 11.61
N ASN A 246 -24.05 2.30 12.12
CA ASN A 246 -25.48 2.03 12.25
C ASN A 246 -26.28 2.59 11.08
N LYS A 247 -26.99 1.70 10.38
CA LYS A 247 -27.73 2.10 9.18
C LYS A 247 -29.18 2.50 9.47
N LYS A 248 -29.60 3.61 8.86
CA LYS A 248 -30.98 4.05 8.90
C LYS A 248 -31.44 4.39 7.49
N GLN A 249 -32.24 3.53 6.89
CA GLN A 249 -32.68 3.73 5.51
C GLN A 249 -33.55 4.97 5.37
N GLY A 250 -33.48 5.60 4.18
CA GLY A 250 -34.31 6.74 3.88
C GLY A 250 -35.74 6.31 3.61
N LEU A 251 -36.68 6.94 4.32
CA LEU A 251 -38.09 6.63 4.17
C LEU A 251 -38.80 7.69 3.33
N PHE A 252 -38.84 7.47 2.02
CA PHE A 252 -39.49 8.42 1.11
C PHE A 252 -40.91 8.75 1.58
N GLU A 253 -41.65 7.70 1.91
CA GLU A 253 -43.01 7.83 2.41
C GLU A 253 -43.67 8.29 1.14
N LYS A 254 -44.19 9.50 1.17
CA LYS A 254 -45.15 10.02 0.22
C LYS A 254 -44.56 10.13 -1.17
N GLN A 255 -43.25 10.23 -1.23
CA GLN A 255 -42.57 10.25 -2.51
C GLN A 255 -42.34 8.83 -2.96
N GLU A 256 -42.61 8.58 -4.23
CA GLU A 256 -42.29 7.29 -4.84
C GLU A 256 -40.78 7.15 -5.00
N LYS A 257 -40.22 6.07 -4.46
CA LYS A 257 -38.78 5.84 -4.49
C LYS A 257 -38.24 5.77 -5.91
N PRO A 258 -37.23 6.61 -6.21
CA PRO A 258 -36.62 6.69 -7.54
C PRO A 258 -35.80 5.44 -7.86
N LYS A 259 -35.59 5.15 -9.13
CA LYS A 259 -34.77 4.00 -9.52
C LYS A 259 -33.36 4.16 -8.97
N PHE A 260 -32.79 5.35 -9.15
CA PHE A 260 -31.46 5.66 -8.61
C PHE A 260 -31.49 6.95 -7.80
N VAL A 261 -30.76 6.98 -6.69
CA VAL A 261 -30.42 8.25 -6.07
C VAL A 261 -29.00 8.63 -6.51
N LEU A 262 -28.91 9.57 -7.45
CA LEU A 262 -27.66 9.86 -8.15
C LEU A 262 -26.63 10.66 -7.35
N CYS A 263 -27.07 11.65 -6.59
CA CYS A 263 -26.13 12.52 -5.89
C CYS A 263 -26.66 13.03 -4.57
N VAL A 264 -25.78 13.58 -3.75
CA VAL A 264 -26.19 14.14 -2.47
C VAL A 264 -25.32 15.31 -2.04
N THR A 265 -25.90 16.22 -1.26
CA THR A 265 -25.16 17.32 -0.67
C THR A 265 -25.88 17.78 0.59
N PHE A 266 -25.54 18.98 1.07
CA PHE A 266 -26.07 19.44 2.35
C PHE A 266 -26.32 20.94 2.39
N SER A 267 -27.47 21.31 2.96
CA SER A 267 -27.82 22.71 3.14
C SER A 267 -27.07 23.32 4.32
N GLU A 268 -27.04 24.64 4.38
CA GLU A 268 -26.39 25.33 5.49
C GLU A 268 -26.99 24.90 6.83
N ASN A 269 -28.28 24.56 6.81
CA ASN A 269 -29.00 24.18 8.02
C ASN A 269 -28.89 22.69 8.37
N GLY A 270 -28.07 21.98 7.61
CA GLY A 270 -27.77 20.59 7.93
C GLY A 270 -28.77 19.57 7.41
N ASP A 271 -29.51 19.94 6.38
CA ASP A 271 -30.40 18.98 5.74
C ASP A 271 -29.66 18.24 4.64
N THR A 272 -30.03 16.98 4.43
CA THR A 272 -29.50 16.20 3.35
C THR A 272 -30.29 16.50 2.08
N ILE A 273 -29.58 16.82 1.00
CA ILE A 273 -30.23 17.12 -0.28
C ILE A 273 -29.86 16.08 -1.33
N THR A 274 -30.84 15.64 -2.09
CA THR A 274 -30.71 14.46 -2.94
C THR A 274 -31.25 14.68 -4.35
N GLY A 275 -30.44 14.33 -5.34
CA GLY A 275 -30.89 14.31 -6.73
C GLY A 275 -31.04 12.87 -7.17
N ASP A 276 -32.05 12.58 -7.99
CA ASP A 276 -32.35 11.20 -8.33
C ASP A 276 -32.70 10.94 -9.80
N SER A 277 -32.99 9.69 -10.10
CA SER A 277 -33.30 9.24 -11.45
C SER A 277 -34.52 9.95 -12.02
N SER A 278 -35.44 10.31 -11.15
CA SER A 278 -36.74 10.84 -11.55
C SER A 278 -36.67 12.32 -11.93
N GLY A 279 -35.57 12.97 -11.55
CA GLY A 279 -35.41 14.38 -11.79
C GLY A 279 -35.93 15.17 -10.60
N ASN A 280 -35.90 14.53 -9.43
CA ASN A 280 -36.43 15.15 -8.22
C ASN A 280 -35.34 15.56 -7.23
N ILE A 281 -35.37 16.83 -6.83
CA ILE A 281 -34.55 17.29 -5.73
C ILE A 281 -35.29 17.05 -4.43
N LEU A 282 -34.73 16.21 -3.57
CA LEU A 282 -35.36 15.85 -2.30
C LEU A 282 -34.59 16.40 -1.11
N VAL A 283 -35.28 17.11 -0.23
CA VAL A 283 -34.68 17.60 1.00
C VAL A 283 -35.06 16.70 2.18
N TRP A 284 -34.07 16.29 2.95
CA TRP A 284 -34.31 15.45 4.12
C TRP A 284 -33.91 16.20 5.38
N GLY A 285 -34.84 16.32 6.32
CA GLY A 285 -34.62 17.12 7.51
C GLY A 285 -33.49 16.63 8.40
N LYS A 286 -32.65 17.55 8.83
CA LYS A 286 -31.58 17.23 9.76
C LYS A 286 -32.06 16.32 10.89
N GLY A 287 -31.41 15.17 11.04
CA GLY A 287 -31.74 14.25 12.10
C GLY A 287 -32.73 13.19 11.69
N THR A 288 -33.48 13.45 10.62
CA THR A 288 -34.50 12.51 10.17
C THR A 288 -33.98 11.55 9.12
N ASN A 289 -34.82 10.59 8.77
CA ASN A 289 -34.57 9.69 7.66
C ASN A 289 -35.74 9.80 6.70
N ARG A 290 -36.41 10.96 6.75
CA ARG A 290 -37.63 11.18 5.99
C ARG A 290 -37.56 12.49 5.22
N ILE A 291 -38.30 12.55 4.12
CA ILE A 291 -38.30 13.71 3.23
C ILE A 291 -39.14 14.85 3.80
N SER A 292 -38.52 16.01 3.95
CA SER A 292 -39.24 17.17 4.48
C SER A 292 -39.69 18.12 3.36
N TYR A 293 -38.89 18.23 2.31
CA TYR A 293 -39.27 19.03 1.15
C TYR A 293 -39.01 18.24 -0.14
N ALA A 294 -39.62 18.65 -1.24
CA ALA A 294 -39.43 17.94 -2.51
C ALA A 294 -39.73 18.80 -3.74
N VAL A 295 -38.67 19.16 -4.46
CA VAL A 295 -38.82 19.78 -5.76
C VAL A 295 -39.17 18.69 -6.78
N GLN A 296 -40.45 18.60 -7.12
CA GLN A 296 -40.93 17.56 -8.03
C GLN A 296 -40.65 17.92 -9.48
N GLY A 297 -39.95 17.02 -10.17
CA GLY A 297 -39.60 17.25 -11.56
C GLY A 297 -38.78 18.51 -11.80
N ALA A 298 -37.74 18.70 -10.97
CA ALA A 298 -36.80 19.79 -11.18
C ALA A 298 -36.06 19.62 -12.51
N HIS A 299 -35.90 18.38 -12.93
CA HIS A 299 -35.28 18.08 -14.22
C HIS A 299 -36.12 17.07 -15.00
N GLU A 300 -36.08 17.17 -16.32
CA GLU A 300 -36.79 16.24 -17.19
C GLU A 300 -36.21 14.83 -17.03
N GLY A 301 -34.90 14.72 -17.16
CA GLY A 301 -34.23 13.44 -16.99
C GLY A 301 -33.77 13.25 -15.56
N GLY A 302 -32.64 12.57 -15.39
CA GLY A 302 -32.06 12.38 -14.07
C GLY A 302 -31.17 13.54 -13.66
N ILE A 303 -30.86 13.60 -12.37
CA ILE A 303 -30.03 14.66 -11.81
C ILE A 303 -28.71 14.07 -11.30
N PHE A 304 -27.62 14.38 -11.99
CA PHE A 304 -26.32 13.76 -11.68
C PHE A 304 -25.43 14.61 -10.79
N ALA A 305 -25.68 15.91 -10.78
CA ALA A 305 -24.82 16.82 -10.04
C ALA A 305 -25.61 17.75 -9.14
N LEU A 306 -25.13 17.91 -7.92
CA LEU A 306 -25.65 18.93 -7.02
C LEU A 306 -24.47 19.67 -6.45
N CYS A 307 -24.60 20.98 -6.29
CA CYS A 307 -23.50 21.79 -5.82
C CYS A 307 -23.99 22.96 -4.98
N MET A 308 -23.65 22.96 -3.69
CA MET A 308 -23.99 24.08 -2.82
C MET A 308 -22.95 25.17 -2.92
N LEU A 309 -23.26 26.22 -3.67
CA LEU A 309 -22.36 27.36 -3.77
C LEU A 309 -22.05 27.91 -2.39
N ARG A 310 -21.06 28.78 -2.30
CA ARG A 310 -20.67 29.36 -1.03
C ARG A 310 -21.79 30.24 -0.49
N ASP A 311 -22.55 30.86 -1.38
CA ASP A 311 -23.54 31.84 -0.99
C ASP A 311 -24.93 31.28 -0.66
N GLY A 312 -25.03 29.96 -0.53
CA GLY A 312 -26.30 29.34 -0.22
C GLY A 312 -27.06 28.80 -1.42
N THR A 313 -26.74 29.31 -2.61
CA THR A 313 -27.35 28.83 -3.84
C THR A 313 -27.08 27.34 -4.06
N LEU A 314 -28.09 26.59 -4.46
CA LEU A 314 -27.91 25.20 -4.82
C LEU A 314 -27.96 25.08 -6.34
N VAL A 315 -26.94 24.50 -6.94
CA VAL A 315 -26.92 24.34 -8.40
C VAL A 315 -27.23 22.89 -8.78
N SER A 316 -27.99 22.75 -9.85
CA SER A 316 -28.59 21.48 -10.23
C SER A 316 -28.15 21.14 -11.65
N GLY A 317 -27.65 19.93 -11.85
CA GLY A 317 -27.18 19.52 -13.16
C GLY A 317 -27.94 18.35 -13.74
N GLY A 318 -28.57 18.56 -14.89
CA GLY A 318 -29.36 17.51 -15.52
C GLY A 318 -28.58 16.69 -16.54
N GLY A 319 -28.63 15.37 -16.37
CA GLY A 319 -28.07 14.47 -17.35
C GLY A 319 -28.74 14.61 -18.70
N LYS A 320 -29.97 14.10 -18.81
CA LYS A 320 -30.71 14.08 -20.07
C LYS A 320 -31.03 15.47 -20.63
N ASP A 321 -31.52 16.36 -19.78
CA ASP A 321 -32.03 17.66 -20.24
C ASP A 321 -30.96 18.73 -20.40
N ARG A 322 -29.75 18.46 -19.92
CA ARG A 322 -28.62 19.35 -20.13
C ARG A 322 -28.87 20.74 -19.53
N LYS A 323 -29.75 20.82 -18.54
CA LYS A 323 -30.06 22.10 -17.93
C LYS A 323 -29.29 22.30 -16.62
N LEU A 324 -28.86 23.54 -16.39
CA LEU A 324 -28.09 23.90 -15.21
C LEU A 324 -28.89 24.90 -14.39
N ILE A 325 -29.61 24.40 -13.38
CA ILE A 325 -30.55 25.23 -12.65
C ILE A 325 -30.01 25.78 -11.33
N SER A 326 -30.28 27.05 -11.07
CA SER A 326 -29.86 27.68 -9.83
C SER A 326 -31.05 27.78 -8.85
N TRP A 327 -30.87 27.29 -7.64
CA TRP A 327 -31.94 27.30 -6.63
C TRP A 327 -31.56 28.13 -5.41
N SER A 328 -32.56 28.77 -4.81
CA SER A 328 -32.34 29.59 -3.61
C SER A 328 -32.12 28.72 -2.39
N GLY A 329 -31.75 29.35 -1.28
CA GLY A 329 -31.66 28.66 -0.01
C GLY A 329 -32.97 27.97 0.35
N ASN A 330 -34.07 28.43 -0.22
CA ASN A 330 -35.38 27.87 0.09
C ASN A 330 -35.96 27.00 -1.02
N TYR A 331 -35.12 26.70 -2.00
CA TYR A 331 -35.45 25.73 -3.05
C TYR A 331 -36.45 26.25 -4.08
N GLN A 332 -36.41 27.56 -4.32
CA GLN A 332 -37.21 28.15 -5.38
C GLN A 332 -36.35 28.46 -6.60
N LYS A 333 -36.85 28.13 -7.79
CA LYS A 333 -36.10 28.32 -9.02
C LYS A 333 -35.61 29.75 -9.13
N LEU A 334 -34.30 29.91 -9.35
CA LEU A 334 -33.70 31.24 -9.43
C LEU A 334 -33.32 31.58 -10.86
N ARG A 335 -32.58 30.67 -11.50
CA ARG A 335 -32.08 30.88 -12.86
C ARG A 335 -31.92 29.53 -13.55
N LYS A 336 -31.73 29.56 -14.86
CA LYS A 336 -31.63 28.33 -15.64
C LYS A 336 -30.82 28.56 -16.91
N THR A 337 -30.04 27.54 -17.30
CA THR A 337 -29.34 27.56 -18.57
C THR A 337 -29.32 26.18 -19.19
N GLU A 338 -29.09 26.13 -20.49
CA GLU A 338 -28.92 24.87 -21.20
C GLU A 338 -27.51 24.81 -21.76
N ILE A 339 -26.88 23.64 -21.62
CA ILE A 339 -25.55 23.44 -22.15
C ILE A 339 -25.65 22.98 -23.59
N PRO A 340 -24.89 23.62 -24.50
CA PRO A 340 -24.87 23.21 -25.90
C PRO A 340 -24.81 21.68 -26.03
N GLU A 341 -25.72 21.11 -26.78
CA GLU A 341 -25.88 19.65 -26.82
C GLU A 341 -24.64 18.93 -27.36
N GLN A 342 -23.77 19.68 -28.02
CA GLN A 342 -22.51 19.14 -28.51
C GLN A 342 -21.66 18.59 -27.36
N PHE A 343 -21.64 19.31 -26.26
CA PHE A 343 -20.94 18.87 -25.07
C PHE A 343 -21.54 17.62 -24.45
N GLY A 344 -22.87 17.49 -24.53
CA GLY A 344 -23.55 16.34 -23.98
C GLY A 344 -24.06 16.56 -22.56
N PRO A 345 -24.64 15.51 -21.98
CA PRO A 345 -25.25 15.61 -20.65
C PRO A 345 -24.27 15.93 -19.52
N ILE A 346 -24.72 16.73 -18.57
CA ILE A 346 -23.91 17.13 -17.43
C ILE A 346 -23.64 15.95 -16.49
N ARG A 347 -22.47 15.95 -15.88
CA ARG A 347 -22.07 14.88 -14.97
C ARG A 347 -21.56 15.42 -13.64
N THR A 348 -20.84 16.54 -13.69
CA THR A 348 -20.28 17.12 -12.47
C THR A 348 -20.36 18.64 -12.56
N VAL A 349 -20.41 19.27 -11.39
CA VAL A 349 -20.45 20.72 -11.31
C VAL A 349 -19.55 21.14 -10.16
N ALA A 350 -18.78 22.20 -10.38
CA ALA A 350 -17.88 22.69 -9.33
C ALA A 350 -17.87 24.20 -9.29
N GLU A 351 -17.76 24.74 -8.09
CA GLU A 351 -17.81 26.18 -7.91
C GLU A 351 -16.46 26.81 -8.24
N GLY A 352 -16.49 27.87 -9.03
CA GLY A 352 -15.28 28.61 -9.37
C GLY A 352 -15.12 29.86 -8.53
N LYS A 353 -14.15 30.70 -8.90
CA LYS A 353 -13.98 31.99 -8.25
C LYS A 353 -14.97 32.98 -8.85
N GLY A 354 -15.51 33.85 -8.00
CA GLY A 354 -16.55 34.78 -8.44
C GLY A 354 -17.76 34.04 -9.00
N ASP A 355 -18.22 34.50 -10.16
CA ASP A 355 -19.42 33.93 -10.77
C ASP A 355 -19.08 32.75 -11.67
N VAL A 356 -17.86 32.25 -11.54
CA VAL A 356 -17.39 31.12 -12.34
C VAL A 356 -18.06 29.80 -11.94
N ILE A 357 -18.42 29.00 -12.93
CA ILE A 357 -18.94 27.66 -12.71
C ILE A 357 -18.26 26.70 -13.67
N LEU A 358 -17.93 25.51 -13.17
CA LEU A 358 -17.36 24.49 -14.02
C LEU A 358 -18.31 23.30 -14.15
N ILE A 359 -18.38 22.74 -15.35
CA ILE A 359 -19.16 21.54 -15.62
C ILE A 359 -18.31 20.48 -16.33
N GLY A 360 -18.47 19.24 -15.91
CA GLY A 360 -17.87 18.11 -16.60
C GLY A 360 -18.99 17.31 -17.25
N THR A 361 -18.80 16.94 -18.50
CA THR A 361 -19.85 16.27 -19.26
C THR A 361 -19.53 14.82 -19.56
N THR A 362 -20.53 14.10 -20.03
CA THR A 362 -20.42 12.69 -20.35
C THR A 362 -19.55 12.48 -21.59
N ARG A 363 -19.33 13.56 -22.34
CA ARG A 363 -18.50 13.50 -23.54
C ARG A 363 -17.06 13.90 -23.25
N ASN A 364 -16.72 14.01 -21.98
CA ASN A 364 -15.35 14.30 -21.55
C ASN A 364 -14.87 15.73 -21.82
N PHE A 365 -15.82 16.66 -21.81
CA PHE A 365 -15.50 18.09 -21.84
C PHE A 365 -15.51 18.61 -20.41
N VAL A 366 -14.65 19.58 -20.14
CA VAL A 366 -14.78 20.37 -18.93
C VAL A 366 -15.00 21.79 -19.40
N LEU A 367 -16.19 22.32 -19.11
CA LEU A 367 -16.56 23.65 -19.58
C LEU A 367 -16.41 24.66 -18.46
N GLN A 368 -16.08 25.89 -18.83
CA GLN A 368 -16.08 26.99 -17.89
C GLN A 368 -17.07 28.03 -18.38
N GLY A 369 -18.04 28.35 -17.52
CA GLY A 369 -19.04 29.33 -17.88
C GLY A 369 -19.56 30.06 -16.66
N THR A 370 -20.87 30.28 -16.65
CA THR A 370 -21.50 30.98 -15.55
C THR A 370 -22.95 30.53 -15.48
N LEU A 371 -23.65 30.91 -14.42
CA LEU A 371 -25.05 30.52 -14.26
C LEU A 371 -25.97 31.12 -15.32
N SER A 372 -25.39 31.87 -16.27
CA SER A 372 -26.19 32.73 -17.15
C SER A 372 -26.54 32.23 -18.57
N GLY A 373 -25.64 31.54 -19.27
CA GLY A 373 -24.26 31.30 -18.89
C GLY A 373 -23.49 30.84 -20.12
N ASP A 374 -22.33 31.43 -20.36
CA ASP A 374 -21.59 31.16 -21.60
C ASP A 374 -20.53 30.08 -21.43
N PHE A 375 -20.90 28.83 -21.69
CA PHE A 375 -20.00 27.72 -21.43
C PHE A 375 -19.10 27.35 -22.61
N THR A 376 -17.80 27.51 -22.41
CA THR A 376 -16.79 27.11 -23.39
C THR A 376 -15.84 26.09 -22.79
N PRO A 377 -15.44 25.09 -23.58
CA PRO A 377 -14.51 24.05 -23.11
C PRO A 377 -13.16 24.62 -22.71
N ILE A 378 -12.56 24.03 -21.67
CA ILE A 378 -11.21 24.38 -21.24
C ILE A 378 -10.38 23.11 -21.25
N THR A 379 -11.06 21.99 -21.49
CA THR A 379 -10.45 20.67 -21.56
C THR A 379 -11.38 19.78 -22.36
N GLN A 380 -10.82 18.82 -23.08
CA GLN A 380 -11.62 17.87 -23.84
C GLN A 380 -10.72 16.76 -24.35
N GLY A 381 -11.34 15.68 -24.80
CA GLY A 381 -10.58 14.55 -25.29
C GLY A 381 -11.51 13.53 -25.94
N HIS A 382 -10.95 12.38 -26.31
CA HIS A 382 -11.73 11.33 -26.93
C HIS A 382 -12.55 10.59 -25.88
N THR A 383 -13.58 9.89 -26.33
CA THR A 383 -14.50 9.21 -25.42
C THR A 383 -14.53 7.71 -25.67
N ASP A 384 -13.54 7.23 -26.42
CA ASP A 384 -13.46 5.82 -26.77
C ASP A 384 -12.02 5.43 -27.09
N GLU A 385 -11.80 4.16 -27.40
CA GLU A 385 -10.46 3.63 -27.66
C GLU A 385 -9.74 4.40 -28.75
N LEU A 386 -8.49 4.78 -28.49
CA LEU A 386 -7.74 5.67 -29.38
C LEU A 386 -6.46 5.00 -29.90
N TRP A 387 -6.30 4.98 -31.21
CA TRP A 387 -5.10 4.40 -31.84
C TRP A 387 -4.42 5.36 -32.81
N GLY A 388 -5.17 6.32 -33.32
CA GLY A 388 -4.67 7.20 -34.38
C GLY A 388 -3.84 8.37 -33.90
N LEU A 389 -2.61 8.46 -34.38
CA LEU A 389 -1.72 9.56 -34.04
C LEU A 389 -0.88 9.93 -35.24
N ALA A 390 -0.80 11.22 -35.55
CA ALA A 390 0.05 11.70 -36.63
C ALA A 390 0.59 13.09 -36.30
N ILE A 391 1.86 13.31 -36.63
CA ILE A 391 2.54 14.55 -36.31
C ILE A 391 2.73 15.41 -37.55
N HIS A 392 2.60 16.73 -37.38
CA HIS A 392 2.79 17.67 -38.47
C HIS A 392 4.28 17.79 -38.78
N ALA A 393 4.61 17.86 -40.07
CA ALA A 393 6.00 17.86 -40.50
C ALA A 393 6.74 19.16 -40.13
N SER A 394 6.04 20.28 -40.19
CA SER A 394 6.68 21.58 -39.99
C SER A 394 6.07 22.43 -38.86
N LYS A 395 4.80 22.17 -38.53
CA LYS A 395 4.13 22.90 -37.45
C LYS A 395 4.08 22.09 -36.17
N SER A 396 3.84 22.79 -35.06
CA SER A 396 3.75 22.13 -33.77
C SER A 396 2.33 21.62 -33.52
N GLN A 397 1.83 20.82 -34.44
CA GLN A 397 0.48 20.28 -34.36
C GLN A 397 0.52 18.76 -34.46
N PHE A 398 -0.60 18.12 -34.13
CA PHE A 398 -0.73 16.68 -34.28
C PHE A 398 -2.19 16.31 -34.37
N LEU A 399 -2.48 15.13 -34.88
CA LEU A 399 -3.84 14.69 -35.12
C LEU A 399 -4.06 13.37 -34.41
N THR A 400 -5.19 13.28 -33.70
CA THR A 400 -5.61 12.01 -33.10
C THR A 400 -6.96 11.62 -33.66
N CYS A 401 -7.20 10.33 -33.78
CA CYS A 401 -8.47 9.82 -34.28
C CYS A 401 -8.75 8.47 -33.66
N GLY A 402 -9.97 8.29 -33.15
CA GLY A 402 -10.30 7.09 -32.40
C GLY A 402 -11.61 6.44 -32.79
N HIS A 403 -12.01 5.44 -32.01
CA HIS A 403 -13.23 4.69 -32.30
C HIS A 403 -14.46 5.54 -32.08
N ASP A 404 -14.28 6.71 -31.48
CA ASP A 404 -15.38 7.62 -31.20
C ASP A 404 -15.73 8.46 -32.44
N LYS A 405 -15.08 8.13 -33.56
CA LYS A 405 -15.36 8.75 -34.86
C LYS A 405 -14.87 10.19 -34.97
N HIS A 406 -14.11 10.66 -33.99
CA HIS A 406 -13.52 11.99 -34.07
C HIS A 406 -12.09 11.97 -34.60
N ALA A 407 -11.81 12.89 -35.52
CA ALA A 407 -10.44 13.19 -35.91
C ALA A 407 -10.16 14.59 -35.38
N THR A 408 -9.21 14.72 -34.48
CA THR A 408 -8.94 16.03 -33.88
C THR A 408 -7.56 16.56 -34.24
N LEU A 409 -7.53 17.81 -34.71
CA LEU A 409 -6.27 18.47 -35.03
C LEU A 409 -5.85 19.41 -33.90
N TRP A 410 -4.86 18.97 -33.12
CA TRP A 410 -4.44 19.70 -31.92
C TRP A 410 -3.34 20.72 -32.16
N ASP A 411 -3.43 21.84 -31.43
CA ASP A 411 -2.36 22.80 -31.31
C ASP A 411 -1.55 22.38 -30.08
N ALA A 412 -0.28 22.05 -30.27
CA ALA A 412 0.50 21.49 -29.17
C ALA A 412 1.12 22.55 -28.27
N VAL A 413 0.98 23.81 -28.64
CA VAL A 413 1.50 24.90 -27.82
C VAL A 413 0.36 25.53 -27.01
N GLY A 414 -0.82 25.58 -27.61
CA GLY A 414 -1.99 26.10 -26.94
C GLY A 414 -2.71 25.01 -26.18
N HIS A 415 -2.43 23.76 -26.56
CA HIS A 415 -3.05 22.60 -25.92
C HIS A 415 -4.56 22.63 -26.12
N ARG A 416 -4.98 22.89 -27.35
CA ARG A 416 -6.39 22.91 -27.69
C ARG A 416 -6.56 22.54 -29.14
N PRO A 417 -7.74 22.02 -29.50
CA PRO A 417 -7.95 21.60 -30.89
C PRO A 417 -7.92 22.79 -31.82
N VAL A 418 -7.40 22.58 -33.03
CA VAL A 418 -7.50 23.57 -34.08
C VAL A 418 -8.83 23.32 -34.79
N TRP A 419 -9.15 22.04 -34.97
CA TRP A 419 -10.48 21.63 -35.41
C TRP A 419 -10.79 20.18 -35.04
N ASP A 420 -12.04 19.79 -35.19
CA ASP A 420 -12.47 18.44 -34.84
C ASP A 420 -13.47 17.92 -35.86
N LYS A 421 -13.03 16.99 -36.70
CA LYS A 421 -13.90 16.42 -37.72
C LYS A 421 -14.55 15.15 -37.18
N ILE A 422 -15.85 15.04 -37.38
CA ILE A 422 -16.54 13.82 -37.02
C ILE A 422 -16.86 13.06 -38.29
N ILE A 423 -16.31 11.85 -38.40
CA ILE A 423 -16.47 11.05 -39.59
C ILE A 423 -17.47 9.92 -39.38
N GLU A 424 -17.82 9.25 -40.47
CA GLU A 424 -18.84 8.21 -40.44
C GLU A 424 -18.41 6.98 -39.64
N ASP A 425 -17.18 6.55 -39.82
CA ASP A 425 -16.72 5.30 -39.22
C ASP A 425 -15.61 5.50 -38.20
N PRO A 426 -15.51 4.57 -37.24
CA PRO A 426 -14.44 4.59 -36.24
C PRO A 426 -13.04 4.64 -36.87
N ALA A 427 -12.26 5.64 -36.47
CA ALA A 427 -10.92 5.85 -37.01
C ALA A 427 -9.85 5.07 -36.25
N GLN A 428 -8.77 4.73 -36.94
CA GLN A 428 -7.73 3.89 -36.37
C GLN A 428 -6.33 4.43 -36.61
N SER A 429 -6.13 5.15 -37.70
CA SER A 429 -4.80 5.64 -38.05
C SER A 429 -4.82 6.91 -38.89
N SER A 430 -3.69 7.60 -38.94
CA SER A 430 -3.59 8.77 -39.79
C SER A 430 -2.14 9.15 -40.13
N GLY A 431 -2.00 10.12 -41.02
CA GLY A 431 -0.71 10.63 -41.42
C GLY A 431 -0.83 11.97 -42.09
N PHE A 432 0.17 12.83 -41.88
CA PHE A 432 0.22 14.12 -42.56
C PHE A 432 0.99 13.99 -43.88
N HIS A 433 0.63 14.81 -44.86
CA HIS A 433 1.42 14.96 -46.07
C HIS A 433 2.60 15.89 -45.76
N PRO A 434 3.81 15.54 -46.25
CA PRO A 434 5.03 16.26 -45.91
C PRO A 434 4.92 17.77 -46.15
N SER A 435 4.00 18.17 -47.02
CA SER A 435 3.75 19.58 -47.28
C SER A 435 3.02 20.21 -46.10
N GLY A 436 2.18 19.41 -45.44
CA GLY A 436 1.43 19.88 -44.29
C GLY A 436 0.05 20.40 -44.69
N SER A 437 -0.28 20.24 -45.96
CA SER A 437 -1.50 20.81 -46.52
C SER A 437 -2.72 19.91 -46.31
N VAL A 438 -2.49 18.60 -46.27
CA VAL A 438 -3.58 17.66 -46.04
C VAL A 438 -3.17 16.60 -45.02
N VAL A 439 -4.17 15.92 -44.45
CA VAL A 439 -3.93 14.83 -43.52
C VAL A 439 -4.84 13.65 -43.84
N ALA A 440 -4.27 12.45 -43.82
CA ALA A 440 -5.03 11.25 -44.15
C ALA A 440 -5.53 10.55 -42.88
N VAL A 441 -6.69 9.91 -42.98
CA VAL A 441 -7.31 9.23 -41.85
C VAL A 441 -7.89 7.88 -42.26
N GLY A 442 -7.44 6.81 -41.62
CA GLY A 442 -7.96 5.48 -41.88
C GLY A 442 -9.00 5.02 -40.87
N THR A 443 -9.92 4.18 -41.31
CA THR A 443 -10.98 3.67 -40.43
C THR A 443 -10.94 2.14 -40.34
N LEU A 444 -11.86 1.57 -39.58
CA LEU A 444 -11.90 0.13 -39.37
C LEU A 444 -12.58 -0.58 -40.53
N THR A 445 -13.20 0.19 -41.41
CA THR A 445 -14.03 -0.37 -42.48
C THR A 445 -13.23 -0.68 -43.74
N GLY A 446 -12.09 -0.03 -43.90
CA GLY A 446 -11.29 -0.15 -45.11
C GLY A 446 -11.42 1.12 -45.90
N ARG A 447 -12.25 2.03 -45.40
CA ARG A 447 -12.46 3.32 -46.03
C ARG A 447 -11.49 4.34 -45.43
N TRP A 448 -11.01 5.26 -46.26
CA TRP A 448 -10.11 6.30 -45.79
C TRP A 448 -10.42 7.66 -46.39
N PHE A 449 -9.98 8.71 -45.71
CA PHE A 449 -10.31 10.08 -46.09
C PHE A 449 -9.06 10.92 -46.12
N VAL A 450 -9.11 12.02 -46.87
CA VAL A 450 -8.10 13.04 -46.76
C VAL A 450 -8.78 14.36 -46.47
N PHE A 451 -8.30 15.09 -45.47
CA PHE A 451 -8.89 16.37 -45.12
C PHE A 451 -7.88 17.51 -45.26
N ASP A 452 -8.39 18.71 -45.49
CA ASP A 452 -7.56 19.89 -45.62
C ASP A 452 -7.10 20.40 -44.25
N THR A 453 -5.81 20.32 -44.00
CA THR A 453 -5.22 20.81 -42.77
C THR A 453 -5.80 22.16 -42.34
N GLU A 454 -5.97 23.04 -43.31
CA GLU A 454 -6.36 24.42 -43.05
C GLU A 454 -7.86 24.59 -42.86
N THR A 455 -8.64 23.95 -43.73
CA THR A 455 -10.07 24.23 -43.80
C THR A 455 -10.94 23.10 -43.25
N LYS A 456 -10.37 21.90 -43.17
CA LYS A 456 -11.07 20.74 -42.66
C LYS A 456 -11.98 20.15 -43.73
N ASP A 457 -12.00 20.79 -44.90
CA ASP A 457 -12.79 20.30 -46.03
C ASP A 457 -12.30 18.94 -46.48
N LEU A 458 -13.21 18.09 -46.91
CA LEU A 458 -12.85 16.79 -47.45
C LEU A 458 -12.03 16.97 -48.73
N VAL A 459 -11.09 16.07 -48.97
CA VAL A 459 -10.25 16.13 -50.16
C VAL A 459 -10.43 14.90 -51.03
N THR A 460 -10.78 13.78 -50.42
CA THR A 460 -11.01 12.55 -51.17
C THR A 460 -11.39 11.39 -50.25
N VAL A 461 -12.12 10.42 -50.81
CA VAL A 461 -12.51 9.23 -50.08
C VAL A 461 -12.26 8.00 -50.93
N HIS A 462 -11.83 6.92 -50.29
CA HIS A 462 -11.55 5.69 -51.02
C HIS A 462 -11.72 4.51 -50.09
N THR A 463 -12.04 3.36 -50.67
CA THR A 463 -12.20 2.15 -49.89
C THR A 463 -11.29 1.08 -50.48
N ASP A 464 -10.34 0.62 -49.68
CA ASP A 464 -9.45 -0.44 -50.11
C ASP A 464 -9.51 -1.57 -49.11
N GLY A 465 -9.99 -2.72 -49.56
CA GLY A 465 -10.28 -3.83 -48.68
C GLY A 465 -11.55 -3.56 -47.90
N ASN A 466 -11.85 -4.43 -46.95
CA ASN A 466 -13.01 -4.28 -46.09
C ASN A 466 -12.65 -4.40 -44.61
N GLU A 467 -11.35 -4.51 -44.34
CA GLU A 467 -10.87 -4.64 -42.97
C GLU A 467 -10.25 -3.34 -42.44
N GLN A 468 -9.64 -3.42 -41.26
CA GLN A 468 -9.10 -2.25 -40.59
C GLN A 468 -7.86 -1.67 -41.26
N LEU A 469 -7.82 -0.36 -41.38
CA LEU A 469 -6.64 0.31 -41.90
C LEU A 469 -5.73 0.74 -40.75
N SER A 470 -4.68 -0.06 -40.52
CA SER A 470 -3.82 0.14 -39.36
C SER A 470 -2.80 1.26 -39.49
N VAL A 471 -2.42 1.59 -40.72
CA VAL A 471 -1.34 2.55 -40.95
C VAL A 471 -1.58 3.41 -42.19
N MET A 472 -1.36 4.71 -42.06
CA MET A 472 -1.54 5.65 -43.17
C MET A 472 -0.32 6.56 -43.27
N ARG A 473 0.55 6.33 -44.24
CA ARG A 473 1.76 7.12 -44.33
C ARG A 473 2.18 7.52 -45.73
N TYR A 474 2.36 8.82 -45.93
CA TYR A 474 2.93 9.33 -47.16
C TYR A 474 4.43 9.10 -47.17
N SER A 475 5.00 8.95 -48.37
CA SER A 475 6.43 8.86 -48.53
C SER A 475 7.05 10.22 -48.26
N PRO A 476 8.32 10.25 -47.82
CA PRO A 476 9.05 11.48 -47.51
C PRO A 476 8.92 12.56 -48.58
N ASP A 477 8.85 12.16 -49.85
CA ASP A 477 8.73 13.12 -50.95
C ASP A 477 7.28 13.50 -51.24
N GLY A 478 6.35 12.81 -50.59
CA GLY A 478 4.93 13.12 -50.71
C GLY A 478 4.35 12.67 -52.03
N ASN A 479 5.08 11.84 -52.76
CA ASN A 479 4.63 11.37 -54.07
C ASN A 479 3.80 10.08 -54.01
N PHE A 480 3.79 9.43 -52.86
CA PHE A 480 3.04 8.19 -52.69
C PHE A 480 2.34 8.10 -51.33
N LEU A 481 1.21 7.41 -51.28
CA LEU A 481 0.58 7.09 -50.01
C LEU A 481 0.64 5.58 -49.80
N ALA A 482 1.15 5.17 -48.65
CA ALA A 482 1.19 3.75 -48.29
C ALA A 482 0.15 3.47 -47.20
N ILE A 483 -0.78 2.56 -47.49
CA ILE A 483 -1.87 2.24 -46.56
C ILE A 483 -1.82 0.78 -46.11
N GLY A 484 -1.65 0.59 -44.80
CA GLY A 484 -1.65 -0.75 -44.24
C GLY A 484 -3.04 -1.24 -43.90
N SER A 485 -3.35 -2.48 -44.26
CA SER A 485 -4.66 -3.06 -44.01
C SER A 485 -4.55 -4.36 -43.22
N HIS A 486 -5.61 -4.69 -42.49
CA HIS A 486 -5.64 -5.94 -41.74
C HIS A 486 -5.96 -7.13 -42.66
N ASP A 487 -6.29 -6.85 -43.91
CA ASP A 487 -6.50 -7.92 -44.89
C ASP A 487 -5.17 -8.49 -45.35
N ASN A 488 -4.08 -7.96 -44.80
CA ASN A 488 -2.72 -8.44 -45.08
C ASN A 488 -2.07 -7.79 -46.29
N CYS A 489 -2.72 -6.78 -46.86
CA CYS A 489 -2.17 -6.06 -48.00
C CYS A 489 -1.74 -4.64 -47.66
N ILE A 490 -0.88 -4.08 -48.50
CA ILE A 490 -0.50 -2.68 -48.39
C ILE A 490 -0.89 -1.97 -49.69
N TYR A 491 -1.85 -1.07 -49.59
CA TYR A 491 -2.36 -0.38 -50.77
C TYR A 491 -1.55 0.87 -51.08
N ILE A 492 -1.09 0.98 -52.32
CA ILE A 492 -0.26 2.11 -52.73
C ILE A 492 -0.99 3.07 -53.66
N TYR A 493 -0.93 4.36 -53.33
CA TYR A 493 -1.48 5.40 -54.19
C TYR A 493 -0.39 6.39 -54.59
N GLY A 494 -0.49 6.91 -55.81
CA GLY A 494 0.37 7.98 -56.27
C GLY A 494 -0.27 9.30 -55.93
N VAL A 495 0.50 10.20 -55.32
CA VAL A 495 -0.03 11.46 -54.84
C VAL A 495 0.62 12.64 -55.57
N SER A 496 -0.21 13.57 -56.03
CA SER A 496 0.29 14.75 -56.72
C SER A 496 -0.52 15.98 -56.34
N ASP A 497 -0.01 17.16 -56.71
CA ASP A 497 -0.66 18.42 -56.36
C ASP A 497 -0.68 18.65 -54.85
N ASN A 498 0.43 18.28 -54.22
CA ASN A 498 0.60 18.45 -52.77
C ASN A 498 -0.45 17.73 -51.91
N GLY A 499 -0.60 16.44 -52.13
CA GLY A 499 -1.51 15.62 -51.35
C GLY A 499 -2.98 15.77 -51.71
N ARG A 500 -3.26 16.44 -52.82
CA ARG A 500 -4.64 16.72 -53.20
C ARG A 500 -5.18 15.85 -54.34
N LYS A 501 -4.28 15.17 -55.05
CA LYS A 501 -4.68 14.28 -56.14
C LYS A 501 -4.15 12.87 -55.92
N TYR A 502 -5.01 11.88 -56.11
CA TYR A 502 -4.65 10.49 -55.84
C TYR A 502 -5.00 9.55 -56.98
N THR A 503 -4.23 8.48 -57.10
CA THR A 503 -4.50 7.46 -58.11
C THR A 503 -3.91 6.11 -57.68
N ARG A 504 -4.76 5.09 -57.61
CA ARG A 504 -4.34 3.78 -57.12
C ARG A 504 -3.25 3.17 -58.00
N VAL A 505 -2.06 2.99 -57.42
CA VAL A 505 -0.96 2.35 -58.14
C VAL A 505 -1.13 0.84 -58.14
N GLY A 506 -1.58 0.30 -57.02
CA GLY A 506 -1.78 -1.13 -56.89
C GLY A 506 -1.62 -1.62 -55.47
N LYS A 507 -1.25 -2.89 -55.30
CA LYS A 507 -1.20 -3.50 -53.99
C LYS A 507 0.08 -4.30 -53.76
N CYS A 508 0.67 -4.13 -52.57
CA CYS A 508 1.75 -4.98 -52.12
C CYS A 508 1.17 -6.16 -51.36
N SER A 509 1.34 -7.37 -51.91
CA SER A 509 0.83 -8.56 -51.24
C SER A 509 1.94 -9.59 -51.04
N GLY A 510 1.83 -10.37 -49.97
CA GLY A 510 2.87 -11.31 -49.60
C GLY A 510 2.87 -11.60 -48.10
N HIS A 511 2.35 -10.67 -47.32
CA HIS A 511 2.20 -10.88 -45.88
C HIS A 511 1.13 -11.94 -45.60
N SER A 512 1.40 -12.78 -44.60
CA SER A 512 0.47 -13.84 -44.24
C SER A 512 -0.51 -13.37 -43.17
N SER A 513 -0.31 -12.15 -42.67
CA SER A 513 -1.10 -11.62 -41.57
C SER A 513 -1.36 -10.13 -41.71
N PHE A 514 -2.15 -9.58 -40.79
CA PHE A 514 -2.49 -8.16 -40.85
C PHE A 514 -1.25 -7.27 -40.72
N ILE A 515 -1.31 -6.10 -41.34
CA ILE A 515 -0.23 -5.14 -41.30
C ILE A 515 -0.23 -4.37 -39.98
N THR A 516 0.90 -4.38 -39.28
CA THR A 516 1.03 -3.64 -38.03
C THR A 516 1.79 -2.33 -38.20
N HIS A 517 2.88 -2.35 -38.97
CA HIS A 517 3.74 -1.17 -39.14
C HIS A 517 4.36 -1.02 -40.55
N LEU A 518 4.58 0.22 -40.96
CA LEU A 518 5.25 0.54 -42.23
C LEU A 518 6.28 1.63 -42.04
N ASP A 519 7.34 1.61 -42.83
CA ASP A 519 8.31 2.71 -42.86
C ASP A 519 8.81 2.92 -44.29
N TRP A 520 8.88 4.19 -44.72
CA TRP A 520 9.50 4.53 -46.01
C TRP A 520 10.99 4.75 -45.83
N SER A 521 11.75 4.54 -46.89
CA SER A 521 13.18 4.85 -46.86
C SER A 521 13.38 6.33 -47.11
N VAL A 522 14.55 6.85 -46.70
CA VAL A 522 14.87 8.26 -46.90
C VAL A 522 14.68 8.73 -48.35
N ASN A 523 14.96 7.84 -49.30
CA ASN A 523 14.85 8.19 -50.71
C ASN A 523 13.49 7.86 -51.34
N SER A 524 12.50 7.57 -50.51
CA SER A 524 11.12 7.33 -50.97
C SER A 524 10.97 6.12 -51.88
N GLN A 525 12.00 5.28 -51.94
CA GLN A 525 12.02 4.18 -52.90
C GLN A 525 11.51 2.88 -52.31
N PHE A 526 11.83 2.66 -51.04
CA PHE A 526 11.53 1.41 -50.37
C PHE A 526 10.55 1.57 -49.21
N LEU A 527 10.03 0.44 -48.75
CA LEU A 527 9.09 0.42 -47.65
C LEU A 527 9.36 -0.83 -46.82
N VAL A 528 9.33 -0.71 -45.50
CA VAL A 528 9.40 -1.88 -44.63
C VAL A 528 8.04 -2.24 -44.08
N SER A 529 7.92 -3.48 -43.62
CA SER A 529 6.66 -4.00 -43.13
C SER A 529 6.82 -4.86 -41.88
N ASN A 530 5.92 -4.68 -40.94
CA ASN A 530 5.73 -5.64 -39.85
C ASN A 530 4.30 -6.16 -39.92
N SER A 531 4.10 -7.40 -39.51
CA SER A 531 2.78 -8.01 -39.55
C SER A 531 2.48 -8.78 -38.27
N GLY A 532 1.25 -9.27 -38.15
CA GLY A 532 0.86 -10.13 -37.04
C GLY A 532 1.70 -11.39 -36.95
N ASP A 533 2.12 -11.91 -38.10
CA ASP A 533 3.06 -13.03 -38.19
C ASP A 533 4.36 -12.75 -37.46
N TYR A 534 4.69 -11.46 -37.36
CA TYR A 534 6.00 -11.00 -36.91
C TYR A 534 7.05 -11.27 -37.98
N GLU A 535 6.71 -10.94 -39.22
CA GLU A 535 7.68 -11.03 -40.30
C GLU A 535 8.03 -9.64 -40.84
N ILE A 536 9.29 -9.45 -41.23
CA ILE A 536 9.76 -8.19 -41.78
C ILE A 536 9.92 -8.31 -43.30
N LEU A 537 9.00 -7.69 -44.04
CA LEU A 537 9.04 -7.70 -45.49
C LEU A 537 9.46 -6.34 -46.04
N TYR A 538 9.98 -6.34 -47.27
CA TYR A 538 10.40 -5.09 -47.91
C TYR A 538 9.70 -4.89 -49.25
N TRP A 539 9.57 -3.64 -49.67
CA TRP A 539 8.80 -3.34 -50.87
C TRP A 539 9.31 -2.18 -51.71
N VAL A 540 9.03 -2.25 -53.00
CA VAL A 540 9.19 -1.10 -53.89
C VAL A 540 7.80 -0.65 -54.31
N PRO A 541 7.19 0.22 -53.50
CA PRO A 541 5.78 0.62 -53.67
C PRO A 541 5.47 1.07 -55.09
N SER A 542 6.38 1.83 -55.69
CA SER A 542 6.17 2.33 -57.05
C SER A 542 5.87 1.19 -58.02
N ALA A 543 6.47 0.04 -57.75
CA ALA A 543 6.31 -1.15 -58.58
C ALA A 543 5.39 -2.19 -57.93
N CYS A 544 4.93 -1.87 -56.73
CA CYS A 544 4.09 -2.79 -55.95
C CYS A 544 4.62 -4.21 -55.95
N LYS A 545 5.93 -4.35 -55.76
CA LYS A 545 6.57 -5.64 -55.75
C LYS A 545 7.44 -5.75 -54.51
N GLN A 546 7.62 -6.98 -54.04
CA GLN A 546 8.39 -7.22 -52.83
C GLN A 546 9.85 -7.42 -53.16
N VAL A 547 10.72 -6.75 -52.41
CA VAL A 547 12.15 -6.97 -52.54
C VAL A 547 12.59 -8.04 -51.56
N VAL A 548 12.98 -9.20 -52.09
CA VAL A 548 13.34 -10.33 -51.25
C VAL A 548 14.84 -10.43 -50.98
N SER A 549 15.65 -9.72 -51.76
CA SER A 549 17.10 -9.87 -51.66
C SER A 549 17.70 -9.14 -50.47
N VAL A 550 18.42 -9.88 -49.64
CA VAL A 550 19.00 -9.31 -48.42
C VAL A 550 20.02 -8.21 -48.67
N GLU A 551 21.05 -8.53 -49.45
CA GLU A 551 22.16 -7.59 -49.68
C GLU A 551 21.70 -6.20 -50.08
N THR A 552 20.51 -6.10 -50.67
CA THR A 552 19.98 -4.80 -51.11
C THR A 552 19.23 -4.05 -50.01
N THR A 553 18.45 -4.77 -49.21
CA THR A 553 17.61 -4.14 -48.19
C THR A 553 18.34 -3.91 -46.87
N ARG A 554 19.41 -4.67 -46.63
CA ARG A 554 20.10 -4.63 -45.34
C ARG A 554 20.79 -3.29 -45.05
N ASP A 555 21.19 -2.58 -46.10
CA ASP A 555 21.92 -1.33 -45.92
C ASP A 555 21.06 -0.11 -46.20
N ILE A 556 19.77 -0.33 -46.42
CA ILE A 556 18.84 0.77 -46.64
C ILE A 556 18.79 1.68 -45.41
N GLU A 557 18.63 2.98 -45.64
CA GLU A 557 18.47 3.93 -44.55
C GLU A 557 17.06 4.46 -44.55
N TRP A 558 16.38 4.30 -43.43
CA TRP A 558 14.94 4.55 -43.38
C TRP A 558 14.59 5.96 -42.89
N ALA A 559 13.48 6.47 -43.39
CA ALA A 559 13.01 7.80 -43.04
C ALA A 559 12.51 7.84 -41.60
N THR A 560 11.78 6.80 -41.20
CA THR A 560 11.22 6.72 -39.87
C THR A 560 11.43 5.33 -39.30
N TYR A 561 11.19 5.19 -38.00
CA TYR A 561 11.38 3.91 -37.33
C TYR A 561 10.17 3.58 -36.47
N THR A 562 9.02 3.39 -37.13
CA THR A 562 7.80 3.02 -36.43
C THR A 562 7.54 1.52 -36.52
N CYS A 563 8.48 0.80 -37.12
CA CYS A 563 8.47 -0.67 -37.11
C CYS A 563 9.12 -1.16 -35.82
N THR A 564 8.37 -1.89 -35.02
CA THR A 564 8.91 -2.43 -33.78
C THR A 564 9.82 -3.61 -34.07
N LEU A 565 9.68 -4.19 -35.25
CA LEU A 565 10.48 -5.35 -35.62
C LEU A 565 11.55 -4.96 -36.63
N GLY A 566 12.79 -4.80 -36.13
CA GLY A 566 13.91 -4.37 -36.95
C GLY A 566 15.19 -4.28 -36.14
N PHE A 567 16.33 -4.39 -36.83
CA PHE A 567 17.63 -4.43 -36.18
C PHE A 567 17.99 -3.14 -35.42
N HIS A 568 17.63 -1.99 -35.97
CA HIS A 568 17.94 -0.71 -35.33
C HIS A 568 17.06 -0.45 -34.12
N VAL A 569 16.08 -1.30 -33.91
CA VAL A 569 15.04 -1.01 -32.94
C VAL A 569 14.82 -2.14 -31.95
N PHE A 570 15.12 -3.38 -32.37
CA PHE A 570 15.00 -4.51 -31.47
C PHE A 570 15.78 -4.18 -30.20
N GLY A 571 15.46 -4.85 -29.10
CA GLY A 571 16.15 -4.53 -27.87
C GLY A 571 15.35 -3.55 -27.03
N VAL A 572 14.38 -2.88 -27.67
CA VAL A 572 13.34 -2.20 -26.91
C VAL A 572 12.43 -3.28 -26.34
N TRP A 573 12.49 -4.47 -26.95
CA TRP A 573 11.75 -5.64 -26.49
C TRP A 573 12.39 -6.26 -25.26
N PRO A 574 11.61 -6.43 -24.19
CA PRO A 574 12.05 -7.10 -22.97
C PRO A 574 12.16 -8.60 -23.22
N GLU A 575 13.08 -9.26 -22.52
CA GLU A 575 13.22 -10.71 -22.61
C GLU A 575 11.89 -11.42 -22.34
N GLY A 576 11.64 -12.50 -23.08
CA GLY A 576 10.42 -13.27 -22.90
C GLY A 576 9.19 -12.53 -23.39
N SER A 577 9.44 -11.37 -23.99
CA SER A 577 8.37 -10.54 -24.53
C SER A 577 7.49 -11.35 -25.47
N ASP A 578 6.25 -10.89 -25.64
CA ASP A 578 5.32 -11.48 -26.57
C ASP A 578 5.09 -10.49 -27.70
N GLY A 579 4.87 -11.00 -28.91
CA GLY A 579 4.76 -10.15 -30.08
C GLY A 579 3.84 -8.95 -29.92
N THR A 580 2.84 -9.08 -29.07
CA THR A 580 1.83 -8.03 -28.92
C THR A 580 2.09 -7.09 -27.75
N ASP A 581 3.24 -7.24 -27.10
CA ASP A 581 3.57 -6.45 -25.91
C ASP A 581 3.90 -4.99 -26.22
N ILE A 582 4.36 -4.72 -27.44
CA ILE A 582 4.69 -3.34 -27.82
C ILE A 582 3.87 -2.87 -29.02
N ASN A 583 2.98 -1.91 -28.77
CA ASN A 583 2.10 -1.39 -29.81
C ASN A 583 2.78 -0.43 -30.78
N ALA A 584 3.77 0.30 -30.28
CA ALA A 584 4.33 1.40 -31.05
C ALA A 584 5.78 1.71 -30.69
N VAL A 585 6.50 2.21 -31.69
CA VAL A 585 7.87 2.67 -31.50
C VAL A 585 8.04 3.85 -32.45
N CYS A 586 9.01 4.71 -32.14
CA CYS A 586 9.29 5.84 -33.01
C CYS A 586 10.65 6.43 -32.66
N ARG A 587 11.25 7.11 -33.63
CA ARG A 587 12.54 7.75 -33.44
C ARG A 587 12.35 9.25 -33.45
N ALA A 588 13.17 9.98 -32.68
CA ALA A 588 13.14 11.42 -32.75
C ALA A 588 13.65 11.85 -34.12
N HIS A 589 13.28 13.04 -34.56
CA HIS A 589 13.64 13.48 -35.90
C HIS A 589 15.13 13.80 -36.02
N GLU A 590 15.71 14.44 -35.01
CA GLU A 590 17.12 14.77 -35.03
C GLU A 590 17.92 14.08 -33.93
N LYS A 591 17.38 14.11 -32.71
CA LYS A 591 18.05 13.49 -31.56
C LYS A 591 18.10 11.97 -31.70
N LYS A 592 19.06 11.35 -31.02
CA LYS A 592 19.22 9.90 -31.05
C LYS A 592 18.38 9.24 -29.96
N LEU A 593 17.07 9.34 -30.06
CA LEU A 593 16.17 8.71 -29.09
C LEU A 593 15.13 7.83 -29.77
N LEU A 594 14.76 6.74 -29.09
CA LEU A 594 13.62 5.93 -29.47
C LEU A 594 12.60 5.94 -28.33
N SER A 595 11.33 5.83 -28.67
CA SER A 595 10.29 5.72 -27.66
C SER A 595 9.31 4.60 -28.01
N THR A 596 8.82 3.91 -26.99
CA THR A 596 7.82 2.87 -27.20
C THR A 596 6.61 3.02 -26.29
N GLY A 597 5.52 2.38 -26.68
CA GLY A 597 4.34 2.26 -25.84
C GLY A 597 3.99 0.79 -25.70
N ASP A 598 3.97 0.28 -24.48
CA ASP A 598 3.71 -1.14 -24.27
C ASP A 598 2.28 -1.42 -23.83
N ASP A 599 1.96 -2.71 -23.66
CA ASP A 599 0.61 -3.15 -23.33
C ASP A 599 0.39 -3.10 -21.82
N PHE A 600 1.25 -2.35 -21.13
CA PHE A 600 1.21 -2.30 -19.68
C PHE A 600 1.17 -0.85 -19.22
N GLY A 601 0.83 0.05 -20.13
CA GLY A 601 0.59 1.43 -19.82
C GLY A 601 1.84 2.27 -19.70
N LYS A 602 2.94 1.73 -20.19
CA LYS A 602 4.23 2.39 -20.02
C LYS A 602 4.77 2.99 -21.30
N VAL A 603 5.34 4.18 -21.20
CA VAL A 603 6.11 4.75 -22.28
C VAL A 603 7.58 4.69 -21.91
N HIS A 604 8.41 4.29 -22.86
CA HIS A 604 9.85 4.18 -22.62
C HIS A 604 10.62 5.14 -23.50
N LEU A 605 11.75 5.60 -22.98
CA LEU A 605 12.69 6.38 -23.76
C LEU A 605 14.00 5.61 -23.80
N PHE A 606 14.44 5.30 -25.01
CA PHE A 606 15.72 4.63 -25.23
C PHE A 606 16.62 5.55 -26.03
N SER A 607 17.90 5.24 -26.08
CA SER A 607 18.77 5.93 -27.01
C SER A 607 18.68 5.24 -28.37
N TYR A 608 19.04 5.96 -29.41
CA TYR A 608 19.14 5.39 -30.74
C TYR A 608 20.60 5.38 -31.20
N PRO A 609 21.00 4.32 -31.92
CA PRO A 609 20.13 3.17 -32.18
C PRO A 609 20.03 2.28 -30.94
N CYS A 610 19.07 1.37 -30.97
CA CYS A 610 18.88 0.43 -29.88
C CYS A 610 19.04 -0.97 -30.44
N SER A 611 20.29 -1.44 -30.55
CA SER A 611 20.58 -2.66 -31.31
C SER A 611 21.25 -3.75 -30.48
N GLN A 612 21.15 -3.63 -29.17
CA GLN A 612 21.68 -4.64 -28.26
C GLN A 612 20.58 -5.17 -27.36
N PHE A 613 20.70 -6.43 -26.95
CA PHE A 613 19.70 -7.08 -26.12
C PHE A 613 19.60 -6.39 -24.76
N ARG A 614 18.40 -6.39 -24.18
CA ARG A 614 18.16 -5.84 -22.85
C ARG A 614 18.59 -4.38 -22.72
N ALA A 615 18.13 -3.55 -23.65
CA ALA A 615 18.45 -2.13 -23.59
C ALA A 615 17.86 -1.45 -22.36
N PRO A 616 18.65 -0.60 -21.71
CA PRO A 616 18.17 0.24 -20.60
C PRO A 616 17.21 1.29 -21.12
N SER A 617 16.32 1.77 -20.26
CA SER A 617 15.35 2.76 -20.66
C SER A 617 14.81 3.53 -19.46
N HIS A 618 14.33 4.74 -19.71
CA HIS A 618 13.58 5.48 -18.74
C HIS A 618 12.14 5.14 -18.90
N ILE A 619 11.48 4.75 -17.83
CA ILE A 619 10.08 4.33 -17.89
C ILE A 619 9.15 5.38 -17.32
N TYR A 620 8.08 5.69 -18.05
CA TYR A 620 7.14 6.74 -17.63
C TYR A 620 5.70 6.24 -17.59
N GLY A 621 5.07 6.35 -16.43
CA GLY A 621 3.71 5.90 -16.24
C GLY A 621 2.68 7.02 -16.26
N GLY A 622 1.43 6.65 -16.45
CA GLY A 622 0.35 7.62 -16.53
C GLY A 622 -0.84 6.95 -17.18
N HIS A 623 -0.65 6.47 -18.40
CA HIS A 623 -1.70 5.78 -19.11
C HIS A 623 -2.14 4.56 -18.32
N SER A 624 -3.44 4.35 -18.25
CA SER A 624 -4.03 3.22 -17.52
C SER A 624 -3.84 1.81 -18.08
N SER A 625 -3.98 1.65 -19.39
CA SER A 625 -3.93 0.30 -19.96
C SER A 625 -2.87 0.06 -21.02
N HIS A 626 -3.22 0.35 -22.27
CA HIS A 626 -2.33 0.14 -23.41
C HIS A 626 -1.93 1.46 -24.03
N VAL A 627 -0.64 1.78 -24.03
CA VAL A 627 -0.16 2.88 -24.83
C VAL A 627 -0.18 2.41 -26.29
N THR A 628 -1.10 2.96 -27.08
CA THR A 628 -1.35 2.44 -28.42
C THR A 628 -0.46 3.07 -29.48
N ASN A 629 -0.01 4.29 -29.23
CA ASN A 629 0.79 4.97 -30.22
C ASN A 629 1.68 6.02 -29.62
N VAL A 630 2.77 6.32 -30.32
CA VAL A 630 3.77 7.24 -29.81
C VAL A 630 4.47 7.92 -30.98
N ASP A 631 4.77 9.20 -30.82
CA ASP A 631 5.34 9.98 -31.92
C ASP A 631 5.89 11.30 -31.42
N PHE A 632 7.10 11.66 -31.86
CA PHE A 632 7.71 12.95 -31.51
C PHE A 632 7.17 14.08 -32.37
N LEU A 633 7.04 15.27 -31.79
CA LEU A 633 6.71 16.44 -32.59
C LEU A 633 7.89 16.80 -33.49
N CYS A 634 7.63 17.62 -34.49
CA CYS A 634 8.60 17.85 -35.57
C CYS A 634 9.96 18.37 -35.12
N GLU A 635 10.02 19.06 -33.99
CA GLU A 635 11.30 19.58 -33.50
C GLU A 635 11.84 18.81 -32.30
N ASP A 636 11.24 17.66 -32.03
CA ASP A 636 11.64 16.85 -30.87
C ASP A 636 11.42 17.62 -29.57
N SER A 637 10.52 18.60 -29.61
CA SER A 637 10.20 19.37 -28.43
C SER A 637 9.39 18.51 -27.46
N HIS A 638 8.60 17.59 -28.01
CA HIS A 638 7.71 16.77 -27.22
C HIS A 638 7.53 15.36 -27.79
N LEU A 639 7.08 14.45 -26.92
CA LEU A 639 6.58 13.16 -27.34
C LEU A 639 5.07 13.11 -27.07
N ILE A 640 4.33 12.53 -27.99
CA ILE A 640 2.89 12.38 -27.84
C ILE A 640 2.50 10.90 -27.73
N SER A 641 1.86 10.52 -26.62
CA SER A 641 1.34 9.15 -26.52
C SER A 641 -0.18 9.11 -26.54
N THR A 642 -0.72 8.01 -27.05
CA THR A 642 -2.16 7.76 -27.07
C THR A 642 -2.47 6.61 -26.10
N GLY A 643 -3.57 6.73 -25.36
CA GLY A 643 -3.85 5.80 -24.28
C GLY A 643 -4.78 4.64 -24.62
N GLY A 644 -5.26 4.59 -25.86
CA GLY A 644 -6.18 3.53 -26.23
C GLY A 644 -7.47 3.58 -25.45
N LYS A 645 -7.72 2.54 -24.66
CA LYS A 645 -8.97 2.46 -23.90
C LYS A 645 -9.03 3.50 -22.79
N ASP A 646 -7.88 3.91 -22.25
CA ASP A 646 -7.89 4.93 -21.20
C ASP A 646 -8.35 6.27 -21.74
N THR A 647 -8.42 6.39 -23.07
CA THR A 647 -9.06 7.54 -23.70
C THR A 647 -8.14 8.77 -23.87
N SER A 648 -7.03 8.81 -23.14
CA SER A 648 -6.25 10.04 -23.03
C SER A 648 -5.19 10.23 -24.10
N ILE A 649 -4.77 11.48 -24.26
CA ILE A 649 -3.56 11.82 -24.99
C ILE A 649 -2.65 12.48 -23.98
N MET A 650 -1.40 12.06 -23.97
CA MET A 650 -0.43 12.63 -23.05
C MET A 650 0.73 13.27 -23.82
N GLN A 651 1.14 14.45 -23.38
CA GLN A 651 2.17 15.20 -24.07
C GLN A 651 3.39 15.36 -23.18
N TRP A 652 4.44 14.63 -23.52
CA TRP A 652 5.67 14.64 -22.74
C TRP A 652 6.66 15.57 -23.39
N ARG A 653 7.31 16.43 -22.60
CA ARG A 653 8.34 17.29 -23.16
C ARG A 653 9.71 16.68 -22.94
N VAL A 654 10.56 16.79 -23.96
CA VAL A 654 11.91 16.23 -23.92
C VAL A 654 12.83 17.21 -23.19
N ILE A 655 13.51 16.71 -22.16
CA ILE A 655 14.32 17.57 -21.29
C ILE A 655 15.77 17.09 -21.19
N LYS B 16 -28.91 -14.69 19.81
CA LYS B 16 -27.66 -13.92 19.78
C LYS B 16 -27.73 -12.68 20.68
N GLU B 17 -28.60 -11.74 20.32
CA GLU B 17 -28.74 -10.50 21.08
C GLU B 17 -29.13 -10.75 22.52
N PRO B 18 -28.42 -10.12 23.46
CA PRO B 18 -28.63 -10.27 24.91
C PRO B 18 -30.04 -9.87 25.36
N VAL B 19 -30.61 -10.64 26.28
CA VAL B 19 -31.95 -10.37 26.80
C VAL B 19 -31.90 -9.86 28.23
N PHE B 20 -32.86 -9.00 28.60
CA PHE B 20 -32.91 -8.43 29.95
C PHE B 20 -34.11 -8.92 30.74
N SER B 21 -33.86 -9.36 31.98
CA SER B 21 -34.92 -9.85 32.85
C SER B 21 -35.22 -8.86 33.97
N ALA B 22 -36.38 -8.22 33.90
CA ALA B 22 -36.80 -7.27 34.91
C ALA B 22 -37.04 -7.95 36.25
N GLU B 23 -37.60 -9.16 36.19
CA GLU B 23 -37.95 -9.91 37.40
C GLU B 23 -36.72 -10.40 38.16
N GLU B 24 -35.73 -10.90 37.44
CA GLU B 24 -34.56 -11.52 38.06
C GLU B 24 -33.39 -10.56 38.25
N GLY B 25 -33.49 -9.37 37.67
CA GLY B 25 -32.43 -8.37 37.78
C GLY B 25 -31.10 -8.81 37.19
N TYR B 26 -31.16 -9.46 36.03
CA TYR B 26 -29.93 -9.88 35.35
C TYR B 26 -29.92 -9.55 33.86
N VAL B 27 -28.79 -9.83 33.22
CA VAL B 27 -28.69 -9.76 31.77
C VAL B 27 -28.16 -11.09 31.27
N LYS B 28 -28.75 -11.62 30.21
CA LYS B 28 -28.31 -12.87 29.63
C LYS B 28 -27.62 -12.60 28.30
N MET B 29 -26.31 -12.84 28.25
CA MET B 29 -25.55 -12.66 27.02
C MET B 29 -25.19 -14.04 26.43
N PHE B 30 -25.15 -14.13 25.11
CA PHE B 30 -24.82 -15.39 24.45
C PHE B 30 -23.46 -15.31 23.75
N LEU B 31 -22.57 -16.22 24.10
CA LEU B 31 -21.28 -16.29 23.44
C LEU B 31 -21.32 -17.59 22.68
N ARG B 32 -21.24 -17.50 21.36
CA ARG B 32 -21.39 -18.69 20.57
C ARG B 32 -22.72 -19.24 21.03
N GLY B 33 -22.75 -20.54 21.29
CA GLY B 33 -23.91 -21.19 21.86
C GLY B 33 -24.32 -20.86 23.28
N ARG B 34 -23.31 -20.73 24.16
CA ARG B 34 -23.51 -20.70 25.60
C ARG B 34 -24.13 -19.38 26.07
N PRO B 35 -25.14 -19.48 26.96
CA PRO B 35 -25.70 -18.29 27.60
C PRO B 35 -25.02 -18.04 28.94
N VAL B 36 -24.60 -16.80 29.20
CA VAL B 36 -24.10 -16.45 30.52
C VAL B 36 -25.03 -15.42 31.14
N THR B 37 -25.47 -15.70 32.37
CA THR B 37 -26.36 -14.82 33.08
C THR B 37 -25.55 -13.95 34.04
N MET B 38 -25.85 -12.65 34.06
CA MET B 38 -25.06 -11.71 34.83
C MET B 38 -25.94 -10.78 35.63
N TYR B 39 -26.00 -11.01 36.94
CA TYR B 39 -26.89 -10.24 37.81
C TYR B 39 -26.32 -8.86 38.11
N MET B 40 -27.18 -7.85 38.04
CA MET B 40 -26.78 -6.48 38.33
C MET B 40 -27.13 -6.13 39.78
N PRO B 41 -26.60 -5.01 40.29
CA PRO B 41 -27.04 -4.54 41.61
C PRO B 41 -28.54 -4.27 41.62
N LYS B 42 -29.16 -4.31 42.80
CA LYS B 42 -30.59 -4.04 42.91
C LYS B 42 -30.92 -2.60 42.56
N ASP B 43 -29.99 -1.69 42.85
CA ASP B 43 -30.17 -0.27 42.57
C ASP B 43 -30.26 -0.02 41.07
N GLN B 44 -29.95 -1.03 40.28
CA GLN B 44 -29.94 -0.85 38.84
C GLN B 44 -31.17 -1.37 38.14
N VAL B 45 -31.68 -2.49 38.60
CA VAL B 45 -32.77 -3.16 37.93
C VAL B 45 -33.96 -2.25 37.75
N ASP B 46 -33.89 -1.06 38.32
CA ASP B 46 -35.00 -0.11 38.24
C ASP B 46 -35.09 0.57 36.87
N SER B 47 -34.15 1.48 36.63
CA SER B 47 -34.11 2.25 35.41
C SER B 47 -33.12 1.71 34.39
N TYR B 48 -33.04 0.39 34.28
CA TYR B 48 -32.13 -0.22 33.33
C TYR B 48 -32.80 -0.41 31.99
N SER B 49 -32.10 0.00 30.94
CA SER B 49 -32.57 -0.14 29.57
C SER B 49 -31.63 -1.06 28.79
N LEU B 50 -32.21 -2.05 28.10
CA LEU B 50 -31.42 -2.98 27.31
C LEU B 50 -30.80 -2.28 26.10
N GLU B 51 -31.53 -1.31 25.56
CA GLU B 51 -31.07 -0.58 24.38
C GLU B 51 -30.06 0.50 24.73
N ALA B 52 -30.01 0.88 26.00
CA ALA B 52 -29.09 1.93 26.46
C ALA B 52 -27.69 1.68 25.93
N LYS B 53 -26.97 2.76 25.66
CA LYS B 53 -25.60 2.65 25.14
C LYS B 53 -24.58 3.28 26.07
N VAL B 54 -23.50 2.55 26.33
CA VAL B 54 -22.38 3.06 27.10
C VAL B 54 -21.59 4.02 26.21
N GLU B 55 -21.20 5.15 26.78
CA GLU B 55 -20.54 6.20 26.00
C GLU B 55 -19.08 5.88 25.72
N LEU B 56 -18.48 6.61 24.78
CA LEU B 56 -17.06 6.50 24.51
C LEU B 56 -16.29 7.05 25.70
N PRO B 57 -15.08 6.54 25.95
CA PRO B 57 -14.26 7.06 27.04
C PRO B 57 -13.88 8.52 26.78
N THR B 58 -13.48 9.20 27.84
CA THR B 58 -13.01 10.58 27.72
C THR B 58 -11.52 10.57 27.38
N LYS B 59 -10.75 9.81 28.15
CA LYS B 59 -9.32 9.68 27.94
C LYS B 59 -8.98 8.89 26.68
N ARG B 60 -7.71 8.96 26.28
CA ARG B 60 -7.20 8.18 25.16
C ARG B 60 -5.94 7.44 25.56
N LEU B 61 -5.45 6.59 24.66
CA LEU B 61 -4.18 5.92 24.86
C LEU B 61 -3.20 6.43 23.81
N LYS B 62 -1.91 6.40 24.14
CA LYS B 62 -0.88 6.72 23.16
C LYS B 62 0.37 5.93 23.44
N LEU B 63 0.65 4.95 22.59
CA LEU B 63 1.83 4.12 22.72
C LEU B 63 3.03 5.01 22.99
N GLU B 64 3.88 4.60 23.92
CA GLU B 64 5.01 5.44 24.31
C GLU B 64 6.30 4.64 24.41
N TRP B 65 6.18 3.35 24.72
CA TRP B 65 7.36 2.49 24.81
C TRP B 65 7.09 1.07 24.34
N VAL B 66 8.10 0.48 23.72
CA VAL B 66 8.07 -0.92 23.38
C VAL B 66 9.33 -1.59 23.93
N TYR B 67 9.14 -2.65 24.71
CA TYR B 67 10.26 -3.39 25.28
C TYR B 67 10.55 -4.61 24.41
N GLY B 68 11.81 -4.78 24.05
CA GLY B 68 12.20 -5.93 23.27
C GLY B 68 12.70 -5.53 21.89
N TYR B 69 13.34 -6.50 21.24
CA TYR B 69 13.93 -6.29 19.92
C TYR B 69 14.02 -7.64 19.26
N ARG B 70 13.51 -7.77 18.05
CA ARG B 70 13.50 -9.08 17.41
C ARG B 70 14.86 -9.44 16.85
N GLY B 71 15.64 -10.20 17.61
CA GLY B 71 16.97 -10.60 17.18
C GLY B 71 17.11 -12.10 16.98
N ARG B 72 16.41 -12.88 17.80
CA ARG B 72 16.56 -14.33 17.80
C ARG B 72 16.43 -14.96 16.41
N ASP B 73 15.53 -14.42 15.58
CA ASP B 73 15.28 -15.00 14.28
C ASP B 73 15.29 -13.97 13.14
N CYS B 74 15.97 -12.84 13.37
CA CYS B 74 16.06 -11.79 12.36
C CYS B 74 17.46 -11.22 12.30
N ARG B 75 17.77 -10.56 11.20
CA ARG B 75 19.11 -9.98 11.02
C ARG B 75 19.07 -8.68 10.23
N ASN B 76 20.08 -7.85 10.44
CA ASN B 76 20.18 -6.56 9.76
C ASN B 76 18.99 -5.67 10.03
N ASN B 77 18.60 -5.58 11.29
CA ASN B 77 17.49 -4.73 11.65
C ASN B 77 17.89 -3.73 12.72
N LEU B 78 19.17 -3.39 12.74
CA LEU B 78 19.68 -2.43 13.70
C LEU B 78 20.48 -1.36 12.97
N TYR B 79 20.02 -0.12 13.05
CA TYR B 79 20.71 1.01 12.43
C TYR B 79 20.63 2.23 13.32
N LEU B 80 21.54 3.17 13.11
CA LEU B 80 21.48 4.44 13.81
C LEU B 80 21.28 5.60 12.85
N LEU B 81 20.17 6.31 13.00
CA LEU B 81 19.87 7.46 12.17
C LEU B 81 20.55 8.71 12.72
N PRO B 82 20.73 9.72 11.85
CA PRO B 82 21.32 10.99 12.27
C PRO B 82 20.39 11.83 13.15
N THR B 83 19.17 11.36 13.37
CA THR B 83 18.27 12.03 14.30
C THR B 83 18.69 11.72 15.74
N GLY B 84 19.59 10.76 15.89
CA GLY B 84 19.98 10.29 17.21
C GLY B 84 19.17 9.08 17.63
N GLU B 85 18.32 8.61 16.72
CA GLU B 85 17.43 7.50 17.02
C GLU B 85 17.99 6.15 16.54
N THR B 86 17.96 5.16 17.42
CA THR B 86 18.31 3.79 17.06
C THR B 86 17.09 3.07 16.50
N VAL B 87 17.18 2.59 15.27
CA VAL B 87 16.04 1.95 14.61
C VAL B 87 16.13 0.44 14.60
N TYR B 88 15.01 -0.21 14.90
CA TYR B 88 14.87 -1.66 14.89
C TYR B 88 13.39 -1.97 14.98
N PHE B 89 13.03 -3.24 15.06
CA PHE B 89 11.63 -3.59 15.07
C PHE B 89 11.30 -4.81 15.93
N ILE B 90 10.04 -4.91 16.28
CA ILE B 90 9.51 -6.09 16.95
C ILE B 90 8.00 -6.10 16.74
N ALA B 91 7.39 -7.27 16.78
CA ALA B 91 5.98 -7.37 16.46
C ALA B 91 5.71 -6.64 15.16
N SER B 92 4.64 -5.86 15.12
CA SER B 92 4.25 -5.16 13.90
C SER B 92 4.74 -3.72 13.89
N VAL B 93 5.53 -3.36 14.90
CA VAL B 93 5.97 -1.97 15.06
C VAL B 93 7.46 -1.78 14.74
N VAL B 94 7.78 -0.64 14.15
CA VAL B 94 9.17 -0.23 13.97
C VAL B 94 9.49 0.86 14.99
N VAL B 95 10.49 0.60 15.82
CA VAL B 95 10.82 1.51 16.94
C VAL B 95 11.99 2.44 16.63
N LEU B 96 11.75 3.74 16.72
CA LEU B 96 12.82 4.72 16.58
C LEU B 96 13.19 5.25 17.96
N TYR B 97 14.28 4.72 18.49
CA TYR B 97 14.61 4.91 19.89
C TYR B 97 15.82 5.84 20.07
N ASN B 98 15.56 7.06 20.54
CA ASN B 98 16.62 7.98 20.89
C ASN B 98 17.12 7.72 22.31
N VAL B 99 18.22 7.00 22.42
CA VAL B 99 18.75 6.58 23.71
C VAL B 99 19.03 7.75 24.67
N GLU B 100 19.67 8.79 24.16
CA GLU B 100 20.08 9.92 24.98
C GLU B 100 18.89 10.67 25.54
N GLU B 101 17.84 10.77 24.73
CA GLU B 101 16.63 11.47 25.15
C GLU B 101 15.62 10.54 25.83
N GLN B 102 15.94 9.26 25.88
CA GLN B 102 15.02 8.24 26.37
C GLN B 102 13.64 8.46 25.77
N LEU B 103 13.59 8.45 24.45
CA LEU B 103 12.37 8.77 23.72
C LEU B 103 12.21 7.82 22.54
N GLN B 104 11.06 7.18 22.44
CA GLN B 104 10.77 6.30 21.31
C GLN B 104 9.66 6.89 20.47
N ARG B 105 9.79 6.75 19.15
CA ARG B 105 8.67 6.94 18.25
C ARG B 105 8.42 5.60 17.57
N HIS B 106 7.28 5.45 16.93
CA HIS B 106 6.89 4.14 16.44
C HIS B 106 6.18 4.24 15.10
N TYR B 107 6.50 3.33 14.19
CA TYR B 107 5.82 3.27 12.90
C TYR B 107 4.88 2.07 12.87
N ALA B 108 3.59 2.34 12.73
CA ALA B 108 2.58 1.29 12.87
C ALA B 108 1.99 0.84 11.53
N GLY B 109 2.58 1.32 10.43
CA GLY B 109 2.08 1.02 9.10
C GLY B 109 1.82 -0.44 8.77
N HIS B 110 2.62 -1.34 9.36
CA HIS B 110 2.46 -2.76 9.07
C HIS B 110 1.32 -3.37 9.87
N ASN B 111 0.68 -4.38 9.28
CA ASN B 111 -0.44 -5.07 9.93
C ASN B 111 -0.07 -6.51 10.32
N ASP B 112 1.23 -6.76 10.45
CA ASP B 112 1.73 -8.03 10.97
C ASP B 112 3.24 -7.93 11.17
N ASP B 113 3.85 -8.97 11.73
CA ASP B 113 5.28 -8.98 12.06
C ASP B 113 6.17 -8.36 10.99
N VAL B 114 6.97 -7.37 11.40
CA VAL B 114 8.01 -6.83 10.54
C VAL B 114 9.17 -7.82 10.55
N LYS B 115 9.70 -8.16 9.38
CA LYS B 115 10.76 -9.17 9.30
C LYS B 115 12.08 -8.62 8.77
N CYS B 116 12.04 -7.46 8.13
CA CYS B 116 13.26 -6.89 7.58
C CYS B 116 13.19 -5.37 7.42
N LEU B 117 14.35 -4.73 7.46
CA LEU B 117 14.43 -3.28 7.40
C LEU B 117 15.69 -2.81 6.68
N ALA B 118 15.58 -1.70 5.96
CA ALA B 118 16.73 -1.11 5.29
C ALA B 118 16.59 0.42 5.29
N VAL B 119 17.70 1.11 5.46
CA VAL B 119 17.72 2.56 5.42
C VAL B 119 18.33 3.08 4.10
N HIS B 120 17.69 4.09 3.53
CA HIS B 120 18.13 4.69 2.28
C HIS B 120 19.44 5.47 2.51
N PRO B 121 20.20 5.69 1.44
CA PRO B 121 21.43 6.50 1.51
C PRO B 121 21.20 7.90 2.08
N ASP B 122 19.97 8.40 1.95
CA ASP B 122 19.65 9.73 2.47
C ASP B 122 19.48 9.69 4.00
N ARG B 123 19.63 8.48 4.55
CA ARG B 123 19.52 8.25 5.99
C ARG B 123 18.21 8.78 6.58
N ILE B 124 17.18 8.85 5.75
CA ILE B 124 15.87 9.38 6.16
C ILE B 124 14.74 8.44 5.74
N THR B 125 14.74 8.06 4.46
CA THR B 125 13.74 7.15 3.94
C THR B 125 14.03 5.73 4.45
N ILE B 126 12.99 5.05 4.90
CA ILE B 126 13.12 3.69 5.42
C ILE B 126 12.24 2.74 4.65
N ALA B 127 12.66 1.48 4.57
CA ALA B 127 11.83 0.45 3.93
C ALA B 127 11.75 -0.78 4.83
N THR B 128 10.53 -1.31 4.98
CA THR B 128 10.32 -2.47 5.82
C THR B 128 9.41 -3.48 5.13
N GLY B 129 9.60 -4.76 5.45
CA GLY B 129 8.78 -5.83 4.91
C GLY B 129 8.15 -6.62 6.04
N GLN B 130 7.09 -7.38 5.73
CA GLN B 130 6.37 -8.12 6.77
C GLN B 130 6.00 -9.52 6.31
N VAL B 131 5.59 -10.35 7.25
CA VAL B 131 5.09 -11.69 6.93
C VAL B 131 3.66 -11.60 6.41
N ALA B 132 3.17 -12.73 5.91
CA ALA B 132 1.78 -12.85 5.51
C ALA B 132 0.93 -12.97 6.78
N GLY B 133 -0.26 -12.37 6.76
CA GLY B 133 -1.14 -12.41 7.91
C GLY B 133 -2.60 -12.59 7.57
N THR B 134 -3.42 -12.76 8.60
CA THR B 134 -4.85 -12.93 8.41
C THR B 134 -5.63 -11.90 9.24
N SER B 135 -6.75 -11.44 8.70
CA SER B 135 -7.57 -10.44 9.36
C SER B 135 -8.56 -11.09 10.32
N LYS B 136 -9.16 -10.29 11.19
CA LYS B 136 -10.22 -10.77 12.07
C LYS B 136 -11.27 -11.46 11.21
N ASP B 137 -11.69 -10.76 10.15
CA ASP B 137 -12.68 -11.30 9.23
C ASP B 137 -12.14 -12.49 8.45
N GLY B 138 -10.82 -12.66 8.48
CA GLY B 138 -10.18 -13.78 7.81
C GLY B 138 -9.59 -13.42 6.46
N LYS B 139 -9.78 -12.18 6.03
CA LYS B 139 -9.22 -11.73 4.76
C LYS B 139 -7.69 -11.76 4.78
N GLN B 140 -7.09 -12.15 3.66
CA GLN B 140 -5.64 -12.28 3.58
C GLN B 140 -4.90 -10.95 3.60
N LEU B 141 -3.94 -10.83 4.51
CA LEU B 141 -3.07 -9.67 4.60
C LEU B 141 -1.78 -9.94 3.83
N PRO B 142 -1.64 -9.31 2.66
CA PRO B 142 -0.53 -9.60 1.74
C PRO B 142 0.84 -9.18 2.28
N PRO B 143 1.83 -10.09 2.22
CA PRO B 143 3.22 -9.72 2.53
C PRO B 143 3.64 -8.60 1.61
N HIS B 144 4.30 -7.58 2.14
CA HIS B 144 4.63 -6.42 1.32
C HIS B 144 5.69 -5.53 1.94
N VAL B 145 6.15 -4.57 1.16
CA VAL B 145 7.13 -3.61 1.62
C VAL B 145 6.49 -2.24 1.70
N ARG B 146 6.79 -1.51 2.77
CA ARG B 146 6.34 -0.13 2.87
C ARG B 146 7.58 0.76 2.90
N ILE B 147 7.54 1.85 2.15
CA ILE B 147 8.61 2.83 2.17
C ILE B 147 8.09 4.07 2.88
N TRP B 148 8.73 4.44 3.97
CA TRP B 148 8.20 5.53 4.80
C TRP B 148 9.27 6.53 5.21
N ASP B 149 8.82 7.69 5.69
CA ASP B 149 9.71 8.79 6.04
C ASP B 149 9.98 8.79 7.54
N SER B 150 11.22 8.53 7.94
CA SER B 150 11.55 8.45 9.36
C SER B 150 11.17 9.71 10.14
N VAL B 151 11.11 10.85 9.45
CA VAL B 151 10.86 12.13 10.11
C VAL B 151 9.37 12.41 10.35
N THR B 152 8.55 12.22 9.33
CA THR B 152 7.11 12.49 9.43
C THR B 152 6.32 11.23 9.77
N LEU B 153 6.98 10.08 9.62
CA LEU B 153 6.33 8.78 9.76
C LEU B 153 5.28 8.56 8.68
N ASN B 154 5.32 9.41 7.65
CA ASN B 154 4.43 9.27 6.49
C ASN B 154 4.78 8.04 5.68
N THR B 155 3.77 7.38 5.13
CA THR B 155 3.99 6.28 4.20
C THR B 155 3.99 6.78 2.75
N LEU B 156 5.14 6.66 2.09
CA LEU B 156 5.35 7.21 0.76
C LEU B 156 5.03 6.22 -0.36
N HIS B 157 5.17 4.92 -0.07
CA HIS B 157 4.95 3.89 -1.07
C HIS B 157 4.69 2.53 -0.45
N VAL B 158 3.86 1.74 -1.11
CA VAL B 158 3.78 0.32 -0.84
C VAL B 158 4.36 -0.40 -2.07
N ILE B 159 4.88 -1.61 -1.89
CA ILE B 159 5.60 -2.28 -2.96
C ILE B 159 5.21 -3.74 -3.14
N GLY B 160 5.05 -4.15 -4.40
CA GLY B 160 4.76 -5.53 -4.74
C GLY B 160 3.78 -6.21 -3.82
N ILE B 161 2.58 -5.66 -3.74
CA ILE B 161 1.57 -6.16 -2.83
C ILE B 161 1.16 -7.60 -3.19
N GLY B 162 0.48 -7.78 -4.30
CA GLY B 162 0.07 -9.11 -4.73
C GLY B 162 1.23 -10.02 -5.12
N PHE B 163 2.42 -9.43 -5.24
CA PHE B 163 3.61 -10.17 -5.69
C PHE B 163 4.16 -11.13 -4.63
N PHE B 164 4.80 -10.57 -3.60
CA PHE B 164 5.48 -11.36 -2.57
C PHE B 164 4.62 -12.47 -1.98
N ASP B 165 5.25 -13.62 -1.73
CA ASP B 165 4.58 -14.75 -1.12
C ASP B 165 5.22 -15.23 0.18
N ARG B 166 4.38 -15.57 1.16
CA ARG B 166 4.84 -15.97 2.50
C ARG B 166 5.33 -14.85 3.43
N ALA B 167 6.34 -14.11 3.00
CA ALA B 167 6.93 -13.06 3.81
C ALA B 167 8.07 -12.39 3.05
N VAL B 168 8.36 -11.13 3.38
CA VAL B 168 9.55 -10.48 2.83
C VAL B 168 10.66 -10.56 3.87
N THR B 169 11.76 -11.22 3.52
CA THR B 169 12.84 -11.50 4.48
C THR B 169 14.07 -10.64 4.27
N CYS B 170 14.36 -10.28 3.02
CA CYS B 170 15.51 -9.43 2.74
C CYS B 170 15.08 -8.20 1.95
N ILE B 171 15.80 -7.10 2.15
CA ILE B 171 15.46 -5.84 1.51
C ILE B 171 16.64 -4.88 1.62
N ALA B 172 16.83 -4.05 0.61
CA ALA B 172 17.94 -3.09 0.61
C ALA B 172 17.87 -2.10 -0.53
N PHE B 173 18.36 -0.90 -0.29
CA PHE B 173 18.46 0.11 -1.35
C PHE B 173 19.79 -0.01 -2.08
N SER B 174 19.83 0.53 -3.28
CA SER B 174 21.08 0.69 -3.99
C SER B 174 21.80 1.89 -3.38
N LYS B 175 23.12 1.84 -3.32
CA LYS B 175 23.89 2.93 -2.74
C LYS B 175 24.53 3.77 -3.83
N SER B 176 24.82 3.15 -4.94
CA SER B 176 25.55 3.79 -6.02
C SER B 176 24.89 5.04 -6.53
N ASN B 177 23.58 4.99 -6.66
CA ASN B 177 22.81 6.03 -7.34
C ASN B 177 21.70 6.58 -6.47
N GLY B 178 22.05 7.16 -5.33
CA GLY B 178 21.05 7.70 -4.43
C GLY B 178 19.95 6.69 -4.20
N GLY B 179 20.34 5.43 -4.12
CA GLY B 179 19.42 4.33 -3.85
C GLY B 179 18.03 4.46 -4.44
N THR B 180 17.95 4.57 -5.76
CA THR B 180 16.66 4.67 -6.43
C THR B 180 16.06 3.29 -6.62
N ASN B 181 16.88 2.26 -6.45
CA ASN B 181 16.45 0.87 -6.57
C ASN B 181 16.32 0.17 -5.22
N LEU B 182 15.68 -0.99 -5.23
CA LEU B 182 15.43 -1.76 -4.03
C LEU B 182 15.31 -3.22 -4.42
N CYS B 183 16.10 -4.08 -3.81
CA CYS B 183 15.92 -5.50 -4.01
C CYS B 183 15.21 -6.11 -2.80
N ALA B 184 14.55 -7.23 -3.00
CA ALA B 184 13.87 -7.91 -1.92
C ALA B 184 13.84 -9.39 -2.17
N VAL B 185 13.72 -10.15 -1.09
CA VAL B 185 13.65 -11.61 -1.18
C VAL B 185 12.50 -12.06 -0.30
N ASP B 186 11.61 -12.86 -0.85
CA ASP B 186 10.50 -13.40 -0.06
C ASP B 186 10.79 -14.84 0.37
N ASP B 187 9.83 -15.47 1.03
CA ASP B 187 9.98 -16.84 1.49
C ASP B 187 9.21 -17.81 0.61
N SER B 188 9.21 -17.52 -0.70
CA SER B 188 8.38 -18.23 -1.67
C SER B 188 8.65 -19.72 -1.81
N ASN B 189 9.58 -20.24 -1.01
CA ASN B 189 10.03 -21.63 -1.18
C ASN B 189 10.80 -21.78 -2.48
N ASP B 190 10.75 -20.71 -3.28
CA ASP B 190 11.69 -20.49 -4.38
C ASP B 190 12.41 -19.18 -4.08
N HIS B 191 12.14 -18.64 -2.89
CA HIS B 191 12.78 -17.42 -2.39
C HIS B 191 13.07 -16.43 -3.51
N VAL B 192 12.01 -15.97 -4.17
CA VAL B 192 12.16 -15.04 -5.29
C VAL B 192 12.89 -13.76 -4.89
N LEU B 193 13.79 -13.31 -5.76
CA LEU B 193 14.50 -12.05 -5.57
C LEU B 193 14.06 -11.07 -6.64
N SER B 194 13.71 -9.86 -6.23
CA SER B 194 13.22 -8.87 -7.16
C SER B 194 13.89 -7.53 -6.97
N VAL B 195 13.78 -6.67 -7.97
CA VAL B 195 14.39 -5.35 -7.93
C VAL B 195 13.34 -4.36 -8.37
N TRP B 196 13.27 -3.23 -7.67
CA TRP B 196 12.19 -2.28 -7.85
C TRP B 196 12.73 -0.87 -7.93
N ASP B 197 12.18 -0.08 -8.84
CA ASP B 197 12.32 1.37 -8.72
C ASP B 197 11.21 1.81 -7.78
N TRP B 198 11.55 2.01 -6.50
CA TRP B 198 10.55 2.23 -5.47
C TRP B 198 9.67 3.46 -5.66
N GLN B 199 10.26 4.59 -6.08
CA GLN B 199 9.47 5.79 -6.31
C GLN B 199 8.44 5.60 -7.43
N LYS B 200 8.90 5.09 -8.58
CA LYS B 200 8.01 4.77 -9.68
C LYS B 200 7.22 3.49 -9.37
N GLU B 201 7.40 2.94 -8.18
CA GLU B 201 6.77 1.68 -7.79
C GLU B 201 6.70 0.69 -8.94
N GLU B 202 7.80 0.53 -9.68
CA GLU B 202 7.82 -0.42 -10.78
C GLU B 202 8.84 -1.54 -10.60
N LYS B 203 8.42 -2.77 -10.84
CA LYS B 203 9.28 -3.95 -10.69
C LYS B 203 10.21 -4.13 -11.88
N LEU B 204 11.41 -3.56 -11.79
CA LEU B 204 12.40 -3.63 -12.88
C LEU B 204 12.68 -5.05 -13.33
N ALA B 205 12.75 -5.98 -12.39
CA ALA B 205 13.00 -7.38 -12.73
C ALA B 205 12.92 -8.30 -11.52
N ASP B 206 12.87 -9.60 -11.78
CA ASP B 206 12.81 -10.59 -10.70
C ASP B 206 13.29 -11.95 -11.21
N VAL B 207 13.52 -12.86 -10.27
CA VAL B 207 14.04 -14.18 -10.60
C VAL B 207 14.12 -15.07 -9.36
N LYS B 208 13.84 -16.35 -9.53
CA LYS B 208 14.08 -17.32 -8.46
C LYS B 208 15.51 -17.16 -7.98
N CYS B 209 15.71 -17.08 -6.67
CA CYS B 209 17.02 -16.80 -6.12
C CYS B 209 17.64 -17.98 -5.41
N SER B 210 16.82 -18.88 -4.88
CA SER B 210 17.34 -20.01 -4.13
C SER B 210 16.31 -21.08 -3.82
N ASN B 211 16.81 -22.30 -3.65
CA ASN B 211 15.99 -23.44 -3.29
C ASN B 211 15.76 -23.47 -1.78
N GLU B 212 16.76 -23.00 -1.05
CA GLU B 212 16.70 -22.96 0.41
C GLU B 212 16.71 -21.51 0.91
N ALA B 213 16.90 -21.34 2.21
CA ALA B 213 16.85 -20.02 2.81
C ALA B 213 17.91 -19.07 2.26
N VAL B 214 17.52 -17.83 2.01
CA VAL B 214 18.48 -16.78 1.68
C VAL B 214 18.47 -15.70 2.77
N PHE B 215 19.65 -15.47 3.34
CA PHE B 215 19.81 -14.63 4.53
C PHE B 215 19.89 -13.13 4.24
N ALA B 216 20.61 -12.76 3.19
CA ALA B 216 20.80 -11.35 2.89
C ALA B 216 20.87 -11.05 1.40
N ALA B 217 20.71 -9.79 1.07
CA ALA B 217 20.80 -9.33 -0.30
C ALA B 217 21.21 -7.87 -0.24
N ASP B 218 22.26 -7.51 -0.98
CA ASP B 218 22.76 -6.16 -0.89
C ASP B 218 23.30 -5.66 -2.22
N PHE B 219 23.16 -4.37 -2.46
CA PHE B 219 23.68 -3.74 -3.66
C PHE B 219 25.16 -3.42 -3.49
N HIS B 220 25.89 -3.40 -4.61
CA HIS B 220 27.27 -2.97 -4.58
C HIS B 220 27.34 -1.46 -4.42
N PRO B 221 28.27 -0.98 -3.59
CA PRO B 221 28.41 0.45 -3.30
C PRO B 221 28.59 1.30 -4.55
N THR B 222 29.23 0.77 -5.59
CA THR B 222 29.56 1.57 -6.76
C THR B 222 28.96 1.06 -8.08
N ASP B 223 28.43 -0.15 -8.06
CA ASP B 223 27.74 -0.70 -9.23
C ASP B 223 26.29 -1.05 -8.89
N THR B 224 25.38 -0.13 -9.18
CA THR B 224 23.96 -0.33 -8.85
C THR B 224 23.35 -1.52 -9.59
N ASN B 225 24.15 -2.20 -10.40
CA ASN B 225 23.66 -3.29 -11.25
C ASN B 225 24.15 -4.67 -10.84
N ILE B 226 24.79 -4.77 -9.68
CA ILE B 226 25.17 -6.08 -9.16
C ILE B 226 24.71 -6.25 -7.71
N ILE B 227 24.21 -7.43 -7.41
CA ILE B 227 23.63 -7.70 -6.09
C ILE B 227 24.16 -9.00 -5.52
N VAL B 228 24.64 -8.95 -4.28
CA VAL B 228 25.12 -10.14 -3.62
C VAL B 228 24.08 -10.70 -2.66
N THR B 229 23.77 -11.99 -2.81
CA THR B 229 22.89 -12.68 -1.88
C THR B 229 23.63 -13.88 -1.30
N CYS B 230 23.26 -14.28 -0.08
CA CYS B 230 23.90 -15.40 0.57
C CYS B 230 22.92 -16.15 1.46
N GLY B 231 23.27 -17.38 1.81
CA GLY B 231 22.41 -18.23 2.61
C GLY B 231 22.88 -19.67 2.60
N LYS B 232 21.96 -20.59 2.86
CA LYS B 232 22.27 -22.02 2.93
C LYS B 232 23.12 -22.45 1.73
N SER B 233 24.38 -22.78 2.00
CA SER B 233 25.35 -23.18 0.97
C SER B 233 25.13 -22.46 -0.35
N HIS B 234 25.15 -21.14 -0.29
CA HIS B 234 24.85 -20.31 -1.45
C HIS B 234 25.52 -18.96 -1.32
N LEU B 235 26.04 -18.44 -2.42
CA LEU B 235 26.58 -17.10 -2.47
C LEU B 235 26.60 -16.68 -3.93
N TYR B 236 25.66 -15.83 -4.30
CA TYR B 236 25.49 -15.48 -5.71
C TYR B 236 25.84 -14.03 -6.03
N PHE B 237 26.46 -13.84 -7.20
CA PHE B 237 26.84 -12.51 -7.67
C PHE B 237 25.96 -12.11 -8.83
N TRP B 238 24.81 -11.53 -8.51
CA TRP B 238 23.82 -11.19 -9.51
C TRP B 238 24.22 -9.93 -10.27
N THR B 239 23.81 -9.86 -11.53
CA THR B 239 24.02 -8.68 -12.36
C THR B 239 22.67 -8.29 -12.98
N LEU B 240 22.29 -7.04 -12.80
CA LEU B 240 21.01 -6.55 -13.33
C LEU B 240 21.17 -5.91 -14.70
N GLU B 241 20.67 -6.59 -15.73
CA GLU B 241 20.66 -6.02 -17.07
C GLU B 241 19.24 -5.87 -17.58
N GLY B 242 18.81 -4.62 -17.77
CA GLY B 242 17.45 -4.33 -18.20
C GLY B 242 16.42 -4.84 -17.21
N SER B 243 15.63 -5.82 -17.64
CA SER B 243 14.68 -6.49 -16.77
C SER B 243 15.12 -7.95 -16.61
N SER B 244 16.44 -8.13 -16.47
CA SER B 244 16.99 -9.48 -16.40
C SER B 244 18.05 -9.62 -15.29
N LEU B 245 17.86 -10.62 -14.45
CA LEU B 245 18.83 -10.92 -13.39
C LEU B 245 19.52 -12.25 -13.67
N ASN B 246 20.82 -12.20 -13.96
CA ASN B 246 21.61 -13.42 -14.12
C ASN B 246 22.64 -13.56 -13.02
N LYS B 247 22.86 -14.79 -12.58
CA LYS B 247 23.69 -15.05 -11.41
C LYS B 247 24.96 -15.85 -11.68
N LYS B 248 26.11 -15.20 -11.52
CA LYS B 248 27.37 -15.91 -11.46
C LYS B 248 27.56 -16.36 -10.02
N GLN B 249 27.61 -17.67 -9.80
CA GLN B 249 27.80 -18.21 -8.45
C GLN B 249 29.22 -17.95 -7.94
N GLY B 250 29.36 -17.85 -6.63
CA GLY B 250 30.68 -17.70 -6.03
C GLY B 250 31.43 -19.00 -6.04
N LEU B 251 32.69 -18.97 -6.48
CA LEU B 251 33.51 -20.17 -6.59
C LEU B 251 34.55 -20.23 -5.49
N PHE B 252 34.52 -21.32 -4.72
CA PHE B 252 35.37 -21.45 -3.55
C PHE B 252 36.79 -21.88 -3.90
N GLU B 253 36.95 -22.53 -5.05
CA GLU B 253 38.23 -23.08 -5.48
C GLU B 253 38.95 -23.90 -4.41
N LYS B 254 40.05 -23.37 -3.88
CA LYS B 254 40.87 -24.10 -2.91
C LYS B 254 40.38 -23.95 -1.46
N GLN B 255 39.31 -23.19 -1.27
CA GLN B 255 38.72 -23.01 0.07
C GLN B 255 37.54 -23.95 0.30
N GLU B 256 37.56 -24.65 1.43
CA GLU B 256 36.46 -25.56 1.78
C GLU B 256 35.18 -24.77 2.05
N LYS B 257 34.18 -25.00 1.20
CA LYS B 257 32.89 -24.33 1.32
C LYS B 257 32.24 -24.62 2.67
N PRO B 258 31.86 -23.56 3.42
CA PRO B 258 31.22 -23.70 4.73
C PRO B 258 29.76 -24.09 4.58
N LYS B 259 29.18 -24.64 5.64
CA LYS B 259 27.78 -25.03 5.62
C LYS B 259 26.92 -23.85 5.15
N PHE B 260 27.17 -22.67 5.71
CA PHE B 260 26.40 -21.47 5.39
C PHE B 260 27.30 -20.26 5.17
N VAL B 261 26.89 -19.37 4.27
CA VAL B 261 27.45 -18.02 4.21
C VAL B 261 26.48 -17.07 4.89
N LEU B 262 26.86 -16.59 6.07
CA LEU B 262 25.95 -15.90 6.97
C LEU B 262 25.73 -14.42 6.67
N CYS B 263 26.82 -13.71 6.39
CA CYS B 263 26.71 -12.27 6.12
C CYS B 263 27.61 -11.82 4.98
N VAL B 264 27.40 -10.59 4.53
CA VAL B 264 28.13 -10.03 3.42
C VAL B 264 28.24 -8.51 3.56
N THR B 265 29.35 -7.95 3.09
CA THR B 265 29.55 -6.50 3.10
C THR B 265 30.59 -6.14 2.04
N PHE B 266 31.10 -4.91 2.04
CA PHE B 266 31.99 -4.47 0.99
C PHE B 266 33.15 -3.61 1.49
N SER B 267 34.32 -3.79 0.88
CA SER B 267 35.51 -3.03 1.23
C SER B 267 35.50 -1.67 0.54
N GLU B 268 36.41 -0.79 0.94
CA GLU B 268 36.52 0.54 0.34
C GLU B 268 36.75 0.42 -1.16
N ASN B 269 37.58 -0.55 -1.55
CA ASN B 269 37.96 -0.72 -2.95
C ASN B 269 37.01 -1.61 -3.74
N GLY B 270 35.86 -1.92 -3.16
CA GLY B 270 34.79 -2.58 -3.89
C GLY B 270 34.81 -4.09 -3.88
N ASP B 271 35.58 -4.67 -2.98
CA ASP B 271 35.59 -6.13 -2.85
C ASP B 271 34.41 -6.59 -2.01
N THR B 272 33.87 -7.75 -2.33
CA THR B 272 32.83 -8.38 -1.53
C THR B 272 33.46 -9.08 -0.33
N ILE B 273 32.91 -8.86 0.85
CA ILE B 273 33.42 -9.50 2.06
C ILE B 273 32.33 -10.31 2.74
N THR B 274 32.62 -11.56 3.05
CA THR B 274 31.60 -12.44 3.63
C THR B 274 32.06 -13.06 4.95
N GLY B 275 31.09 -13.37 5.80
CA GLY B 275 31.33 -14.17 6.99
C GLY B 275 30.53 -15.45 6.82
N ASP B 276 31.00 -16.54 7.42
CA ASP B 276 30.36 -17.84 7.21
C ASP B 276 30.38 -18.70 8.47
N SER B 277 29.80 -19.90 8.36
CA SER B 277 29.66 -20.81 9.50
C SER B 277 30.99 -21.41 10.01
N SER B 278 32.01 -21.39 9.16
CA SER B 278 33.31 -21.94 9.55
C SER B 278 34.14 -20.95 10.37
N GLY B 279 33.74 -19.68 10.35
CA GLY B 279 34.41 -18.67 11.13
C GLY B 279 35.39 -17.89 10.30
N ASN B 280 35.21 -17.98 8.98
CA ASN B 280 36.12 -17.34 8.04
C ASN B 280 35.57 -16.03 7.51
N ILE B 281 36.43 -15.02 7.47
CA ILE B 281 36.13 -13.81 6.72
C ILE B 281 36.70 -14.02 5.33
N LEU B 282 35.86 -13.89 4.31
CA LEU B 282 36.28 -14.15 2.93
C LEU B 282 36.20 -12.91 2.04
N VAL B 283 37.31 -12.59 1.38
CA VAL B 283 37.35 -11.46 0.47
C VAL B 283 37.23 -11.93 -0.98
N TRP B 284 36.31 -11.32 -1.74
CA TRP B 284 36.11 -11.67 -3.13
C TRP B 284 36.42 -10.44 -3.98
N GLY B 285 37.30 -10.62 -4.95
CA GLY B 285 37.79 -9.51 -5.75
C GLY B 285 36.71 -8.84 -6.57
N LYS B 286 36.66 -7.52 -6.52
CA LYS B 286 35.69 -6.75 -7.29
C LYS B 286 35.63 -7.23 -8.74
N GLY B 287 34.42 -7.51 -9.21
CA GLY B 287 34.22 -7.90 -10.59
C GLY B 287 34.22 -9.40 -10.80
N THR B 288 34.73 -10.14 -9.82
CA THR B 288 34.89 -11.58 -9.96
C THR B 288 33.87 -12.34 -9.13
N ASN B 289 33.98 -13.66 -9.16
CA ASN B 289 33.18 -14.54 -8.31
C ASN B 289 34.11 -15.56 -7.66
N ARG B 290 35.32 -15.13 -7.35
CA ARG B 290 36.32 -16.00 -6.76
C ARG B 290 36.99 -15.34 -5.57
N ILE B 291 37.40 -16.14 -4.61
CA ILE B 291 38.05 -15.64 -3.40
C ILE B 291 39.45 -15.13 -3.72
N SER B 292 39.78 -13.94 -3.21
CA SER B 292 41.12 -13.40 -3.39
C SER B 292 41.92 -13.41 -2.08
N TYR B 293 41.22 -13.21 -0.96
CA TYR B 293 41.87 -13.22 0.35
C TYR B 293 40.95 -13.88 1.37
N ALA B 294 41.52 -14.51 2.39
CA ALA B 294 40.73 -15.28 3.35
C ALA B 294 41.32 -15.28 4.76
N VAL B 295 40.59 -14.74 5.72
CA VAL B 295 41.01 -14.79 7.11
C VAL B 295 40.49 -16.09 7.71
N GLN B 296 41.35 -17.09 7.75
CA GLN B 296 40.97 -18.42 8.22
C GLN B 296 40.73 -18.41 9.73
N GLY B 297 39.56 -18.90 10.14
CA GLY B 297 39.22 -19.02 11.55
C GLY B 297 39.34 -17.75 12.36
N ALA B 298 38.83 -16.65 11.83
CA ALA B 298 38.78 -15.40 12.58
C ALA B 298 37.90 -15.58 13.82
N HIS B 299 36.89 -16.43 13.70
CA HIS B 299 35.97 -16.71 14.79
C HIS B 299 35.89 -18.21 15.02
N GLU B 300 35.63 -18.60 16.27
CA GLU B 300 35.51 -20.01 16.60
C GLU B 300 34.33 -20.62 15.87
N GLY B 301 33.18 -19.98 15.97
CA GLY B 301 31.99 -20.44 15.29
C GLY B 301 31.72 -19.66 14.03
N GLY B 302 30.47 -19.58 13.63
CA GLY B 302 30.10 -18.84 12.44
C GLY B 302 30.12 -17.35 12.66
N ILE B 303 30.25 -16.59 11.58
CA ILE B 303 30.20 -15.14 11.66
C ILE B 303 28.82 -14.66 11.22
N PHE B 304 28.13 -13.97 12.11
CA PHE B 304 26.75 -13.56 11.85
C PHE B 304 26.62 -12.11 11.44
N ALA B 305 27.56 -11.28 11.84
CA ALA B 305 27.49 -9.86 11.53
C ALA B 305 28.82 -9.27 11.10
N LEU B 306 28.79 -8.54 9.99
CA LEU B 306 29.93 -7.77 9.55
C LEU B 306 29.48 -6.34 9.40
N CYS B 307 30.38 -5.40 9.69
CA CYS B 307 30.04 -3.99 9.63
C CYS B 307 31.26 -3.16 9.29
N MET B 308 31.14 -2.40 8.20
CA MET B 308 32.22 -1.51 7.79
C MET B 308 32.01 -0.13 8.38
N LEU B 309 32.80 0.20 9.41
CA LEU B 309 32.78 1.54 9.99
C LEU B 309 33.15 2.56 8.92
N ARG B 310 32.83 3.83 9.18
CA ARG B 310 33.12 4.88 8.22
C ARG B 310 34.57 5.33 8.27
N ASP B 311 35.39 4.65 9.05
CA ASP B 311 36.80 4.99 9.16
C ASP B 311 37.67 3.88 8.56
N GLY B 312 37.04 3.00 7.80
CA GLY B 312 37.76 1.92 7.13
C GLY B 312 37.76 0.62 7.93
N THR B 313 37.58 0.73 9.24
CA THR B 313 37.57 -0.45 10.10
C THR B 313 36.47 -1.43 9.68
N LEU B 314 36.77 -2.72 9.75
CA LEU B 314 35.77 -3.76 9.54
C LEU B 314 35.51 -4.43 10.88
N VAL B 315 34.25 -4.51 11.29
CA VAL B 315 33.91 -5.16 12.56
C VAL B 315 33.27 -6.52 12.35
N SER B 316 33.73 -7.50 13.12
CA SER B 316 33.30 -8.89 12.96
C SER B 316 32.56 -9.35 14.21
N GLY B 317 31.42 -10.00 14.02
CA GLY B 317 30.59 -10.42 15.14
C GLY B 317 30.28 -11.91 15.11
N GLY B 318 30.66 -12.60 16.18
CA GLY B 318 30.54 -14.05 16.21
C GLY B 318 29.33 -14.55 16.96
N GLY B 319 28.58 -15.46 16.33
CA GLY B 319 27.41 -16.05 16.95
C GLY B 319 27.89 -16.82 18.17
N LYS B 320 28.64 -17.88 17.93
CA LYS B 320 29.05 -18.79 18.99
C LYS B 320 30.00 -18.15 20.00
N ASP B 321 31.17 -17.73 19.53
CA ASP B 321 32.24 -17.28 20.42
C ASP B 321 32.00 -15.93 21.09
N ARG B 322 30.86 -15.31 20.80
CA ARG B 322 30.47 -14.07 21.47
C ARG B 322 31.51 -12.96 21.35
N LYS B 323 32.42 -13.10 20.38
CA LYS B 323 33.56 -12.19 20.26
C LYS B 323 33.32 -11.11 19.21
N LEU B 324 33.73 -9.88 19.54
CA LEU B 324 33.59 -8.75 18.63
C LEU B 324 34.95 -8.19 18.22
N ILE B 325 35.42 -8.56 17.03
CA ILE B 325 36.76 -8.21 16.58
C ILE B 325 36.76 -7.09 15.55
N SER B 326 37.65 -6.11 15.71
CA SER B 326 37.82 -5.09 14.68
C SER B 326 39.07 -5.34 13.85
N TRP B 327 38.94 -5.22 12.53
CA TRP B 327 40.05 -5.39 11.60
C TRP B 327 40.29 -4.08 10.87
N SER B 328 41.44 -3.98 10.21
CA SER B 328 41.73 -2.81 9.38
C SER B 328 41.24 -3.04 7.95
N GLY B 329 41.33 -2.01 7.12
CA GLY B 329 40.98 -2.14 5.72
C GLY B 329 41.87 -3.15 5.01
N ASN B 330 42.93 -3.58 5.69
CA ASN B 330 43.82 -4.60 5.14
C ASN B 330 43.72 -5.94 5.89
N TYR B 331 42.78 -6.00 6.82
CA TYR B 331 42.37 -7.27 7.44
C TYR B 331 43.31 -7.79 8.52
N GLN B 332 44.11 -6.90 9.10
CA GLN B 332 44.91 -7.28 10.26
C GLN B 332 44.10 -7.07 11.54
N LYS B 333 44.11 -8.06 12.41
CA LYS B 333 43.37 -8.01 13.66
C LYS B 333 43.81 -6.81 14.49
N LEU B 334 42.93 -5.83 14.62
CA LEU B 334 43.22 -4.61 15.37
C LEU B 334 42.94 -4.76 16.85
N ARG B 335 41.68 -5.00 17.19
CA ARG B 335 41.26 -5.18 18.59
C ARG B 335 40.24 -6.31 18.71
N LYS B 336 40.02 -6.78 19.94
CA LYS B 336 38.99 -7.77 20.21
C LYS B 336 38.30 -7.45 21.52
N THR B 337 37.04 -7.84 21.61
CA THR B 337 36.29 -7.72 22.86
C THR B 337 35.21 -8.79 22.90
N GLU B 338 34.87 -9.22 24.10
CA GLU B 338 33.89 -10.27 24.27
C GLU B 338 32.61 -9.70 24.87
N ILE B 339 31.48 -10.29 24.49
CA ILE B 339 30.19 -9.88 25.03
C ILE B 339 29.75 -10.89 26.09
N PRO B 340 29.32 -10.39 27.26
CA PRO B 340 28.86 -11.23 28.37
C PRO B 340 27.89 -12.33 27.92
N GLU B 341 28.04 -13.53 28.48
CA GLU B 341 27.24 -14.70 28.09
C GLU B 341 25.74 -14.44 28.22
N GLN B 342 25.37 -13.70 29.26
CA GLN B 342 23.96 -13.39 29.52
C GLN B 342 23.23 -12.85 28.30
N PHE B 343 23.85 -11.90 27.62
CA PHE B 343 23.28 -11.33 26.42
C PHE B 343 23.16 -12.37 25.29
N GLY B 344 24.08 -13.31 25.21
CA GLY B 344 24.01 -14.32 24.17
C GLY B 344 24.69 -13.95 22.87
N PRO B 345 24.51 -14.79 21.87
CA PRO B 345 25.21 -14.66 20.58
C PRO B 345 24.89 -13.39 19.80
N ILE B 346 25.92 -12.84 19.16
CA ILE B 346 25.80 -11.66 18.33
C ILE B 346 24.98 -11.96 17.08
N ARG B 347 24.15 -11.01 16.67
CA ARG B 347 23.33 -11.17 15.47
C ARG B 347 23.49 -10.00 14.50
N THR B 348 23.67 -8.79 15.04
CA THR B 348 23.78 -7.59 14.23
C THR B 348 24.71 -6.58 14.88
N VAL B 349 25.43 -5.84 14.05
CA VAL B 349 26.32 -4.80 14.54
C VAL B 349 25.97 -3.52 13.83
N ALA B 350 26.05 -2.40 14.55
CA ALA B 350 25.75 -1.12 13.94
C ALA B 350 26.67 -0.06 14.50
N GLU B 351 27.07 0.88 13.64
CA GLU B 351 27.97 1.94 14.06
C GLU B 351 27.19 3.11 14.63
N GLY B 352 27.46 3.44 15.89
CA GLY B 352 26.84 4.59 16.51
C GLY B 352 27.59 5.87 16.18
N LYS B 353 27.25 6.95 16.88
CA LYS B 353 28.00 8.19 16.76
C LYS B 353 29.30 8.06 17.53
N GLY B 354 30.38 8.62 16.98
CA GLY B 354 31.68 8.55 17.61
C GLY B 354 32.20 7.13 17.71
N ASP B 355 32.67 6.77 18.89
CA ASP B 355 33.27 5.45 19.13
C ASP B 355 32.24 4.39 19.53
N VAL B 356 30.96 4.77 19.50
CA VAL B 356 29.87 3.89 19.91
C VAL B 356 29.62 2.75 18.93
N ILE B 357 29.30 1.58 19.47
CA ILE B 357 28.93 0.42 18.67
C ILE B 357 27.64 -0.19 19.23
N LEU B 358 26.70 -0.52 18.35
CA LEU B 358 25.45 -1.14 18.78
C LEU B 358 25.44 -2.62 18.39
N ILE B 359 25.02 -3.46 19.33
CA ILE B 359 24.96 -4.89 19.08
C ILE B 359 23.56 -5.45 19.35
N GLY B 360 23.03 -6.20 18.39
CA GLY B 360 21.78 -6.90 18.57
C GLY B 360 22.07 -8.37 18.78
N THR B 361 21.52 -8.94 19.84
CA THR B 361 21.81 -10.32 20.20
C THR B 361 20.63 -11.26 19.94
N THR B 362 20.91 -12.55 20.05
CA THR B 362 19.92 -13.59 19.78
C THR B 362 18.98 -13.73 20.98
N ARG B 363 19.39 -13.17 22.10
CA ARG B 363 18.57 -13.17 23.30
C ARG B 363 17.71 -11.91 23.33
N ASN B 364 17.65 -11.22 22.20
CA ASN B 364 16.80 -10.03 22.05
C ASN B 364 17.23 -8.82 22.88
N PHE B 365 18.53 -8.68 23.09
CA PHE B 365 19.05 -7.45 23.69
C PHE B 365 19.52 -6.51 22.58
N VAL B 366 19.54 -5.21 22.87
CA VAL B 366 20.25 -4.27 22.03
C VAL B 366 21.25 -3.55 22.93
N LEU B 367 22.54 -3.78 22.65
CA LEU B 367 23.59 -3.27 23.53
C LEU B 367 24.27 -2.06 22.92
N GLN B 368 24.69 -1.16 23.79
CA GLN B 368 25.49 -0.02 23.38
C GLN B 368 26.80 -0.03 24.14
N GLY B 369 27.90 0.06 23.40
CA GLY B 369 29.22 0.06 24.00
C GLY B 369 30.28 0.55 23.05
N THR B 370 31.46 -0.06 23.13
CA THR B 370 32.60 0.35 22.32
C THR B 370 33.33 -0.89 21.83
N LEU B 371 34.20 -0.70 20.85
CA LEU B 371 35.02 -1.79 20.32
C LEU B 371 35.99 -2.32 21.38
N SER B 372 35.86 -1.80 22.59
CA SER B 372 36.78 -2.13 23.69
C SER B 372 36.42 -3.39 24.50
N GLY B 373 35.21 -3.48 25.04
CA GLY B 373 34.20 -2.44 25.02
C GLY B 373 33.26 -2.66 26.18
N ASP B 374 32.65 -1.59 26.68
CA ASP B 374 31.77 -1.70 27.85
C ASP B 374 30.29 -1.72 27.48
N PHE B 375 29.81 -2.90 27.10
CA PHE B 375 28.45 -3.05 26.59
C PHE B 375 27.41 -3.23 27.70
N THR B 376 26.37 -2.41 27.68
CA THR B 376 25.20 -2.59 28.52
C THR B 376 23.92 -2.45 27.69
N PRO B 377 22.83 -3.11 28.13
CA PRO B 377 21.59 -3.08 27.36
C PRO B 377 20.97 -1.68 27.30
N ILE B 378 20.39 -1.35 26.16
CA ILE B 378 19.61 -0.13 26.02
C ILE B 378 18.16 -0.52 25.79
N THR B 379 17.97 -1.80 25.47
CA THR B 379 16.65 -2.41 25.50
C THR B 379 16.76 -3.93 25.51
N GLN B 380 15.74 -4.57 26.06
CA GLN B 380 15.68 -6.03 26.11
C GLN B 380 14.23 -6.42 26.22
N GLY B 381 13.95 -7.72 26.08
CA GLY B 381 12.59 -8.19 26.12
C GLY B 381 12.53 -9.69 26.16
N HIS B 382 11.32 -10.22 26.08
CA HIS B 382 11.14 -11.67 26.16
C HIS B 382 11.45 -12.38 24.85
N THR B 383 11.83 -13.64 24.98
CA THR B 383 12.31 -14.47 23.89
C THR B 383 11.22 -15.42 23.37
N ASP B 384 10.17 -15.59 24.17
CA ASP B 384 9.13 -16.58 23.89
C ASP B 384 7.74 -16.04 24.28
N GLU B 385 6.71 -16.88 24.18
CA GLU B 385 5.33 -16.49 24.43
C GLU B 385 5.10 -15.94 25.84
N LEU B 386 4.49 -14.76 25.92
CA LEU B 386 4.41 -14.01 27.17
C LEU B 386 2.98 -13.76 27.64
N TRP B 387 2.63 -14.29 28.80
CA TRP B 387 1.29 -14.07 29.38
C TRP B 387 1.35 -13.33 30.71
N GLY B 388 2.45 -13.50 31.43
CA GLY B 388 2.59 -12.95 32.76
C GLY B 388 2.71 -11.44 32.80
N LEU B 389 1.81 -10.82 33.55
CA LEU B 389 1.85 -9.38 33.77
C LEU B 389 1.32 -9.07 35.16
N ALA B 390 2.02 -8.23 35.91
CA ALA B 390 1.57 -7.84 37.23
C ALA B 390 2.02 -6.41 37.54
N ILE B 391 1.16 -5.67 38.23
CA ILE B 391 1.42 -4.27 38.55
C ILE B 391 1.72 -4.09 40.02
N HIS B 392 2.72 -3.27 40.34
CA HIS B 392 3.03 -2.93 41.71
C HIS B 392 1.91 -2.06 42.28
N ALA B 393 1.65 -2.21 43.57
CA ALA B 393 0.55 -1.50 44.21
C ALA B 393 0.88 -0.05 44.56
N SER B 394 2.16 0.26 44.76
CA SER B 394 2.56 1.59 45.20
C SER B 394 3.71 2.22 44.41
N LYS B 395 4.30 1.48 43.48
CA LYS B 395 5.38 2.01 42.66
C LYS B 395 5.10 1.87 41.16
N SER B 396 5.79 2.68 40.36
CA SER B 396 5.70 2.56 38.91
C SER B 396 6.59 1.42 38.42
N GLN B 397 6.28 0.22 38.89
CA GLN B 397 6.97 -0.98 38.47
C GLN B 397 5.93 -2.03 38.08
N PHE B 398 6.34 -2.93 37.20
CA PHE B 398 5.51 -4.05 36.83
C PHE B 398 6.42 -5.25 36.56
N LEU B 399 5.83 -6.43 36.57
CA LEU B 399 6.59 -7.67 36.42
C LEU B 399 6.02 -8.44 35.25
N THR B 400 6.88 -8.85 34.34
CA THR B 400 6.48 -9.75 33.26
C THR B 400 7.14 -11.10 33.45
N CYS B 401 6.45 -12.15 33.04
CA CYS B 401 7.01 -13.49 33.09
C CYS B 401 6.44 -14.27 31.92
N GLY B 402 7.30 -15.02 31.23
CA GLY B 402 6.87 -15.69 30.01
C GLY B 402 7.42 -17.08 29.87
N HIS B 403 7.06 -17.74 28.77
CA HIS B 403 7.49 -19.12 28.50
C HIS B 403 9.01 -19.21 28.36
N ASP B 404 9.68 -18.08 28.12
CA ASP B 404 11.13 -18.07 27.99
C ASP B 404 11.77 -18.26 29.35
N LYS B 405 10.92 -18.54 30.35
CA LYS B 405 11.37 -18.85 31.70
C LYS B 405 12.01 -17.64 32.38
N HIS B 406 11.68 -16.45 31.90
CA HIS B 406 12.18 -15.22 32.50
C HIS B 406 11.07 -14.46 33.22
N ALA B 407 11.39 -13.99 34.42
CA ALA B 407 10.49 -13.12 35.17
C ALA B 407 11.22 -11.81 35.41
N THR B 408 10.74 -10.74 34.78
CA THR B 408 11.44 -9.46 34.82
C THR B 408 10.66 -8.39 35.57
N LEU B 409 11.32 -7.76 36.55
CA LEU B 409 10.76 -6.65 37.29
C LEU B 409 11.18 -5.34 36.61
N TRP B 410 10.19 -4.59 36.14
CA TRP B 410 10.46 -3.41 35.32
C TRP B 410 10.27 -2.09 36.06
N ASP B 411 11.13 -1.12 35.75
CA ASP B 411 10.94 0.26 36.15
C ASP B 411 10.26 0.98 34.99
N ALA B 412 8.98 1.28 35.13
CA ALA B 412 8.20 1.85 34.04
C ALA B 412 8.49 3.34 33.78
N VAL B 413 9.30 3.95 34.64
CA VAL B 413 9.66 5.36 34.45
C VAL B 413 11.04 5.48 33.81
N GLY B 414 11.92 4.53 34.12
CA GLY B 414 13.24 4.46 33.52
C GLY B 414 13.28 3.52 32.33
N HIS B 415 12.20 2.79 32.12
CA HIS B 415 12.06 1.88 30.99
C HIS B 415 13.16 0.83 30.92
N ARG B 416 13.58 0.34 32.08
CA ARG B 416 14.60 -0.69 32.14
C ARG B 416 14.29 -1.62 33.31
N PRO B 417 14.88 -2.82 33.31
CA PRO B 417 14.59 -3.78 34.38
C PRO B 417 15.20 -3.36 35.72
N VAL B 418 14.56 -3.76 36.81
CA VAL B 418 15.14 -3.61 38.14
C VAL B 418 16.00 -4.84 38.41
N TRP B 419 15.47 -6.00 38.05
CA TRP B 419 16.23 -7.25 38.02
C TRP B 419 15.56 -8.25 37.09
N ASP B 420 16.19 -9.39 36.90
CA ASP B 420 15.65 -10.43 36.04
C ASP B 420 15.93 -11.79 36.66
N LYS B 421 14.89 -12.61 36.79
CA LYS B 421 15.02 -13.92 37.41
C LYS B 421 14.77 -15.03 36.41
N ILE B 422 15.65 -16.04 36.41
CA ILE B 422 15.48 -17.19 35.54
C ILE B 422 14.80 -18.33 36.30
N ILE B 423 13.55 -18.62 35.93
CA ILE B 423 12.75 -19.61 36.60
C ILE B 423 13.02 -21.00 36.03
N GLU B 424 12.91 -22.01 36.88
CA GLU B 424 13.18 -23.37 36.45
C GLU B 424 12.20 -23.81 35.36
N ASP B 425 11.01 -23.22 35.36
CA ASP B 425 9.98 -23.59 34.38
C ASP B 425 9.33 -22.37 33.75
N PRO B 426 8.75 -22.55 32.55
CA PRO B 426 8.06 -21.48 31.81
C PRO B 426 6.94 -20.81 32.61
N ALA B 427 7.08 -19.52 32.86
CA ALA B 427 6.12 -18.73 33.63
C ALA B 427 4.89 -18.39 32.81
N GLN B 428 3.76 -18.19 33.50
CA GLN B 428 2.49 -17.95 32.82
C GLN B 428 1.73 -16.77 33.43
N SER B 429 1.92 -16.53 34.72
CA SER B 429 1.21 -15.45 35.40
C SER B 429 1.92 -15.01 36.68
N SER B 430 1.49 -13.89 37.23
CA SER B 430 2.07 -13.40 38.48
C SER B 430 1.18 -12.38 39.20
N GLY B 431 1.60 -12.01 40.40
CA GLY B 431 0.87 -11.07 41.21
C GLY B 431 1.73 -10.53 42.33
N PHE B 432 1.66 -9.22 42.55
CA PHE B 432 2.35 -8.59 43.67
C PHE B 432 1.50 -8.67 44.94
N HIS B 433 2.17 -8.83 46.08
CA HIS B 433 1.52 -8.70 47.37
C HIS B 433 1.21 -7.22 47.60
N PRO B 434 0.08 -6.91 48.23
CA PRO B 434 -0.35 -5.52 48.44
C PRO B 434 0.71 -4.64 49.11
N SER B 435 1.63 -5.25 49.84
CA SER B 435 2.70 -4.51 50.49
C SER B 435 3.84 -4.20 49.53
N GLY B 436 3.92 -4.95 48.45
CA GLY B 436 4.94 -4.74 47.44
C GLY B 436 6.29 -5.29 47.87
N SER B 437 6.29 -6.06 48.96
CA SER B 437 7.52 -6.65 49.48
C SER B 437 7.92 -7.89 48.70
N VAL B 438 6.93 -8.59 48.16
CA VAL B 438 7.17 -9.83 47.43
C VAL B 438 6.33 -9.88 46.16
N VAL B 439 6.65 -10.84 45.30
CA VAL B 439 5.86 -11.07 44.10
C VAL B 439 5.82 -12.56 43.79
N ALA B 440 4.64 -13.06 43.45
CA ALA B 440 4.47 -14.47 43.16
C ALA B 440 4.39 -14.73 41.66
N VAL B 441 4.89 -15.88 41.24
CA VAL B 441 4.96 -16.22 39.81
C VAL B 441 4.45 -17.63 39.55
N GLY B 442 3.40 -17.73 38.74
CA GLY B 442 2.88 -19.03 38.33
C GLY B 442 3.54 -19.56 37.06
N THR B 443 3.64 -20.88 36.96
CA THR B 443 4.22 -21.52 35.78
C THR B 443 3.27 -22.58 35.20
N LEU B 444 3.70 -23.22 34.12
CA LEU B 444 2.85 -24.15 33.39
C LEU B 444 2.83 -25.54 34.03
N THR B 445 3.73 -25.76 34.99
CA THR B 445 3.91 -27.08 35.59
C THR B 445 3.07 -27.25 36.85
N GLY B 446 2.29 -26.22 37.18
CA GLY B 446 1.52 -26.23 38.41
C GLY B 446 2.34 -25.66 39.56
N ARG B 447 3.63 -25.50 39.33
CA ARG B 447 4.51 -24.95 40.36
C ARG B 447 4.50 -23.42 40.36
N TRP B 448 4.63 -22.83 41.55
CA TRP B 448 4.66 -21.37 41.68
C TRP B 448 5.72 -20.95 42.70
N PHE B 449 6.19 -19.72 42.56
CA PHE B 449 7.27 -19.22 43.41
C PHE B 449 6.87 -17.89 44.01
N VAL B 450 7.66 -17.44 44.99
CA VAL B 450 7.54 -16.09 45.51
C VAL B 450 8.96 -15.58 45.67
N PHE B 451 9.19 -14.34 45.23
CA PHE B 451 10.51 -13.74 45.34
C PHE B 451 10.40 -12.41 46.07
N ASP B 452 11.49 -12.00 46.71
CA ASP B 452 11.57 -10.70 47.35
C ASP B 452 11.70 -9.62 46.28
N THR B 453 10.75 -8.69 46.28
CA THR B 453 10.76 -7.59 45.32
C THR B 453 12.05 -6.76 45.40
N GLU B 454 12.76 -6.89 46.52
CA GLU B 454 13.98 -6.13 46.73
C GLU B 454 15.22 -6.98 46.45
N THR B 455 15.33 -8.10 47.14
CA THR B 455 16.52 -8.95 47.06
C THR B 455 16.46 -9.95 45.91
N LYS B 456 15.26 -10.25 45.44
CA LYS B 456 15.07 -11.21 44.35
C LYS B 456 15.22 -12.65 44.84
N ASP B 457 15.52 -12.80 46.13
CA ASP B 457 15.69 -14.12 46.73
C ASP B 457 14.38 -14.90 46.71
N LEU B 458 14.48 -16.22 46.55
CA LEU B 458 13.30 -17.08 46.53
C LEU B 458 12.72 -17.18 47.94
N VAL B 459 11.51 -16.65 48.11
CA VAL B 459 10.86 -16.65 49.42
C VAL B 459 10.14 -17.96 49.69
N THR B 460 9.46 -18.50 48.68
CA THR B 460 8.81 -19.80 48.83
C THR B 460 8.53 -20.45 47.47
N VAL B 461 8.19 -21.73 47.51
CA VAL B 461 7.83 -22.46 46.30
C VAL B 461 6.94 -23.64 46.65
N HIS B 462 5.91 -23.86 45.84
CA HIS B 462 4.98 -24.97 46.04
C HIS B 462 4.45 -25.47 44.71
N THR B 463 3.91 -26.69 44.71
CA THR B 463 3.31 -27.26 43.52
C THR B 463 1.88 -27.68 43.79
N ASP B 464 0.95 -27.16 42.98
CA ASP B 464 -0.46 -27.49 43.13
C ASP B 464 -1.02 -27.88 41.77
N GLY B 465 -1.53 -29.10 41.68
CA GLY B 465 -2.07 -29.60 40.42
C GLY B 465 -0.98 -29.87 39.40
N ASN B 466 -1.39 -30.39 38.25
CA ASN B 466 -0.47 -30.75 37.17
C ASN B 466 -0.49 -29.70 36.06
N GLU B 467 -1.65 -29.06 35.88
CA GLU B 467 -1.86 -28.14 34.77
C GLU B 467 -1.23 -26.75 34.99
N GLN B 468 -1.52 -25.85 34.05
CA GLN B 468 -0.97 -24.49 34.05
C GLN B 468 -1.65 -23.57 35.06
N LEU B 469 -0.85 -22.71 35.70
CA LEU B 469 -1.36 -21.71 36.64
C LEU B 469 -1.65 -20.38 35.95
N SER B 470 -2.91 -20.17 35.59
CA SER B 470 -3.32 -19.00 34.83
C SER B 470 -3.32 -17.69 35.64
N VAL B 471 -3.64 -17.76 36.92
CA VAL B 471 -3.79 -16.54 37.72
C VAL B 471 -3.16 -16.62 39.10
N MET B 472 -2.47 -15.56 39.49
CA MET B 472 -1.85 -15.47 40.81
C MET B 472 -2.22 -14.14 41.45
N ARG B 473 -3.16 -14.16 42.39
CA ARG B 473 -3.63 -12.90 42.97
C ARG B 473 -3.78 -12.91 44.49
N TYR B 474 -3.08 -11.98 45.15
CA TYR B 474 -3.27 -11.75 46.57
C TYR B 474 -4.55 -10.96 46.80
N SER B 475 -5.17 -11.16 47.96
CA SER B 475 -6.32 -10.37 48.35
C SER B 475 -5.86 -8.96 48.72
N PRO B 476 -6.76 -7.97 48.59
CA PRO B 476 -6.45 -6.58 48.95
C PRO B 476 -5.81 -6.44 50.32
N ASP B 477 -6.09 -7.37 51.23
CA ASP B 477 -5.63 -7.26 52.60
C ASP B 477 -4.31 -8.01 52.83
N GLY B 478 -3.85 -8.70 51.80
CA GLY B 478 -2.59 -9.42 51.85
C GLY B 478 -2.61 -10.66 52.73
N ASN B 479 -3.82 -11.17 53.01
CA ASN B 479 -3.97 -12.32 53.89
C ASN B 479 -4.16 -13.64 53.14
N PHE B 480 -4.60 -13.56 51.89
CA PHE B 480 -4.74 -14.76 51.08
C PHE B 480 -4.11 -14.66 49.69
N LEU B 481 -3.86 -15.82 49.09
CA LEU B 481 -3.35 -15.91 47.73
C LEU B 481 -4.24 -16.87 46.97
N ALA B 482 -4.95 -16.35 45.98
CA ALA B 482 -5.79 -17.19 45.12
C ALA B 482 -5.03 -17.60 43.86
N ILE B 483 -5.01 -18.90 43.58
CA ILE B 483 -4.25 -19.44 42.45
C ILE B 483 -5.13 -20.19 41.47
N GLY B 484 -5.47 -19.55 40.36
CA GLY B 484 -6.29 -20.18 39.34
C GLY B 484 -5.51 -21.14 38.48
N SER B 485 -6.00 -22.38 38.37
CA SER B 485 -5.29 -23.40 37.61
C SER B 485 -6.12 -23.93 36.46
N HIS B 486 -5.45 -24.54 35.49
CA HIS B 486 -6.14 -25.13 34.35
C HIS B 486 -6.69 -26.51 34.69
N ASP B 487 -6.33 -27.02 35.86
CA ASP B 487 -6.94 -28.26 36.36
C ASP B 487 -8.34 -27.97 36.90
N ASN B 488 -8.75 -26.71 36.80
CA ASN B 488 -10.13 -26.29 37.08
C ASN B 488 -10.43 -26.06 38.56
N CYS B 489 -9.38 -25.90 39.36
CA CYS B 489 -9.52 -25.50 40.75
C CYS B 489 -8.76 -24.23 41.07
N ILE B 490 -9.30 -23.41 41.96
CA ILE B 490 -8.56 -22.27 42.49
C ILE B 490 -8.00 -22.64 43.85
N TYR B 491 -6.69 -22.54 44.00
CA TYR B 491 -6.03 -22.91 45.24
C TYR B 491 -5.87 -21.69 46.14
N ILE B 492 -6.16 -21.84 47.43
CA ILE B 492 -6.05 -20.74 48.36
C ILE B 492 -4.98 -20.97 49.42
N TYR B 493 -4.17 -19.94 49.66
CA TYR B 493 -3.14 -20.00 50.69
C TYR B 493 -3.33 -18.86 51.67
N GLY B 494 -3.06 -19.14 52.94
CA GLY B 494 -3.07 -18.10 53.96
C GLY B 494 -1.71 -17.45 53.99
N VAL B 495 -1.69 -16.13 53.91
CA VAL B 495 -0.43 -15.40 53.82
C VAL B 495 -0.14 -14.65 55.11
N SER B 496 1.10 -14.75 55.57
CA SER B 496 1.51 -14.14 56.83
C SER B 496 2.94 -13.61 56.79
N ASP B 497 3.22 -12.65 57.66
CA ASP B 497 4.54 -12.02 57.75
C ASP B 497 4.85 -11.15 56.54
N ASN B 498 3.88 -10.30 56.18
CA ASN B 498 4.00 -9.42 55.03
C ASN B 498 4.32 -10.18 53.74
N GLY B 499 3.77 -11.38 53.61
CA GLY B 499 3.90 -12.15 52.39
C GLY B 499 5.01 -13.18 52.42
N ARG B 500 5.65 -13.35 53.56
CA ARG B 500 6.83 -14.21 53.65
C ARG B 500 6.52 -15.60 54.20
N LYS B 501 5.27 -15.82 54.61
CA LYS B 501 4.85 -17.13 55.11
C LYS B 501 3.56 -17.60 54.43
N TYR B 502 3.52 -18.86 54.04
CA TYR B 502 2.37 -19.39 53.30
C TYR B 502 1.86 -20.70 53.88
N THR B 503 0.54 -20.86 53.90
CA THR B 503 -0.08 -22.08 54.40
C THR B 503 -1.29 -22.49 53.57
N ARG B 504 -1.21 -23.68 52.98
CA ARG B 504 -2.30 -24.23 52.19
C ARG B 504 -3.61 -24.21 52.98
N VAL B 505 -4.67 -23.71 52.35
CA VAL B 505 -5.98 -23.64 52.98
C VAL B 505 -6.90 -24.71 52.41
N GLY B 506 -6.98 -24.74 51.08
CA GLY B 506 -7.81 -25.70 50.38
C GLY B 506 -7.98 -25.29 48.94
N LYS B 507 -8.90 -25.94 48.23
CA LYS B 507 -9.15 -25.60 46.84
C LYS B 507 -10.61 -25.24 46.62
N CYS B 508 -10.86 -24.20 45.84
CA CYS B 508 -12.22 -23.82 45.50
C CYS B 508 -12.70 -24.63 44.31
N SER B 509 -13.12 -25.86 44.57
CA SER B 509 -13.62 -26.76 43.52
C SER B 509 -15.02 -26.37 43.06
N GLY B 510 -15.39 -26.82 41.88
CA GLY B 510 -16.70 -26.53 41.33
C GLY B 510 -16.74 -25.97 39.93
N HIS B 511 -15.58 -25.61 39.39
CA HIS B 511 -15.53 -25.11 38.01
C HIS B 511 -15.47 -26.39 37.20
N SER B 512 -16.17 -26.39 36.07
CA SER B 512 -16.07 -27.44 35.07
C SER B 512 -14.95 -27.37 34.05
N SER B 513 -14.47 -26.15 33.81
CA SER B 513 -13.37 -25.92 32.87
C SER B 513 -12.16 -25.27 33.54
N PHE B 514 -11.15 -24.95 32.75
CA PHE B 514 -9.94 -24.30 33.26
C PHE B 514 -10.24 -22.87 33.73
N ILE B 515 -9.52 -22.42 34.75
CA ILE B 515 -9.73 -21.08 35.31
C ILE B 515 -9.04 -20.00 34.47
N THR B 516 -9.83 -19.03 34.01
CA THR B 516 -9.31 -17.95 33.18
C THR B 516 -9.09 -16.63 33.93
N HIS B 517 -9.95 -16.34 34.91
CA HIS B 517 -9.91 -15.05 35.61
C HIS B 517 -10.40 -15.10 37.06
N LEU B 518 -9.80 -14.26 37.91
CA LEU B 518 -10.19 -14.11 39.30
C LEU B 518 -10.32 -12.63 39.64
N ASP B 519 -11.08 -12.34 40.69
CA ASP B 519 -11.19 -10.99 41.23
C ASP B 519 -11.61 -11.08 42.70
N TRP B 520 -10.93 -10.34 43.58
CA TRP B 520 -11.33 -10.27 44.98
C TRP B 520 -12.30 -9.11 45.17
N SER B 521 -13.13 -9.20 46.20
CA SER B 521 -13.97 -8.07 46.61
C SER B 521 -13.14 -7.07 47.42
N VAL B 522 -13.58 -5.83 47.44
CA VAL B 522 -12.87 -4.78 48.18
C VAL B 522 -12.60 -5.16 49.63
N ASN B 523 -13.61 -5.69 50.30
CA ASN B 523 -13.48 -6.07 51.69
C ASN B 523 -12.64 -7.33 51.86
N SER B 524 -12.23 -7.91 50.74
CA SER B 524 -11.30 -9.03 50.76
C SER B 524 -11.95 -10.36 51.20
N GLN B 525 -13.28 -10.39 51.21
CA GLN B 525 -14.01 -11.58 51.64
C GLN B 525 -14.39 -12.53 50.52
N PHE B 526 -14.86 -11.97 49.41
CA PHE B 526 -15.39 -12.77 48.31
C PHE B 526 -14.44 -12.87 47.11
N LEU B 527 -14.68 -13.88 46.28
CA LEU B 527 -13.89 -14.09 45.09
C LEU B 527 -14.82 -14.42 43.93
N VAL B 528 -14.66 -13.71 42.82
CA VAL B 528 -15.39 -14.05 41.59
C VAL B 528 -14.43 -14.64 40.56
N SER B 529 -14.85 -15.74 39.94
CA SER B 529 -13.99 -16.46 39.01
C SER B 529 -14.69 -16.75 37.67
N ASN B 530 -13.94 -16.61 36.59
CA ASN B 530 -14.40 -17.06 35.28
C ASN B 530 -13.66 -18.34 34.87
N SER B 531 -14.23 -19.10 33.95
CA SER B 531 -13.54 -20.29 33.43
C SER B 531 -13.65 -20.40 31.91
N GLY B 532 -12.97 -21.39 31.35
CA GLY B 532 -13.00 -21.66 29.93
C GLY B 532 -14.38 -22.04 29.42
N ASP B 533 -15.21 -22.57 30.31
CA ASP B 533 -16.58 -22.96 29.98
C ASP B 533 -17.48 -21.73 29.89
N TYR B 534 -16.95 -20.59 30.32
CA TYR B 534 -17.69 -19.33 30.34
C TYR B 534 -18.68 -19.28 31.50
N GLU B 535 -18.27 -19.79 32.65
CA GLU B 535 -19.12 -19.76 33.83
C GLU B 535 -18.56 -18.84 34.91
N ILE B 536 -19.45 -18.16 35.62
CA ILE B 536 -19.05 -17.26 36.70
C ILE B 536 -19.41 -17.85 38.05
N LEU B 537 -18.39 -18.22 38.83
CA LEU B 537 -18.59 -18.78 40.15
C LEU B 537 -18.08 -17.84 41.24
N TYR B 538 -18.84 -17.69 42.31
CA TYR B 538 -18.42 -16.84 43.43
C TYR B 538 -17.99 -17.68 44.63
N TRP B 539 -17.09 -17.14 45.44
CA TRP B 539 -16.46 -17.93 46.50
C TRP B 539 -16.19 -17.14 47.77
N VAL B 540 -15.87 -17.88 48.83
CA VAL B 540 -15.26 -17.32 50.03
C VAL B 540 -14.01 -18.13 50.30
N PRO B 541 -12.87 -17.68 49.75
CA PRO B 541 -11.58 -18.37 49.74
C PRO B 541 -11.08 -18.77 51.12
N SER B 542 -11.32 -17.93 52.13
CA SER B 542 -10.85 -18.21 53.49
C SER B 542 -11.27 -19.60 53.97
N ALA B 543 -12.39 -20.09 53.44
CA ALA B 543 -12.90 -21.41 53.79
C ALA B 543 -13.05 -22.30 52.54
N CYS B 544 -12.73 -21.75 51.38
CA CYS B 544 -12.87 -22.49 50.12
C CYS B 544 -14.29 -23.01 49.94
N LYS B 545 -15.24 -22.08 49.94
CA LYS B 545 -16.65 -22.43 49.84
C LYS B 545 -17.33 -21.60 48.77
N GLN B 546 -18.16 -22.24 47.95
CA GLN B 546 -18.87 -21.51 46.91
C GLN B 546 -20.07 -20.76 47.46
N VAL B 547 -20.24 -19.51 47.02
CA VAL B 547 -21.39 -18.73 47.39
C VAL B 547 -22.47 -18.85 46.33
N VAL B 548 -23.55 -19.54 46.65
CA VAL B 548 -24.62 -19.80 45.69
C VAL B 548 -25.75 -18.78 45.78
N SER B 549 -25.59 -17.79 46.66
CA SER B 549 -26.64 -16.79 46.86
C SER B 549 -26.49 -15.59 45.92
N VAL B 550 -27.42 -15.48 44.97
CA VAL B 550 -27.44 -14.35 44.06
C VAL B 550 -27.53 -13.01 44.79
N GLU B 551 -28.46 -12.91 45.74
CA GLU B 551 -28.72 -11.63 46.39
C GLU B 551 -27.49 -11.08 47.11
N THR B 552 -26.59 -11.98 47.52
CA THR B 552 -25.35 -11.55 48.15
C THR B 552 -24.35 -11.08 47.11
N THR B 553 -24.09 -11.93 46.12
CA THR B 553 -23.08 -11.68 45.09
C THR B 553 -23.38 -10.44 44.25
N ARG B 554 -24.63 -10.29 43.81
CA ARG B 554 -25.04 -9.24 42.88
C ARG B 554 -24.66 -7.79 43.25
N ASP B 555 -24.40 -7.53 44.52
CA ASP B 555 -24.14 -6.15 44.96
C ASP B 555 -22.70 -5.92 45.40
N ILE B 556 -21.93 -7.01 45.49
CA ILE B 556 -20.53 -6.95 45.87
C ILE B 556 -19.77 -5.87 45.09
N GLU B 557 -18.99 -5.08 45.80
CA GLU B 557 -18.09 -4.13 45.14
C GLU B 557 -16.72 -4.79 45.03
N TRP B 558 -16.28 -5.02 43.80
CA TRP B 558 -15.06 -5.79 43.55
C TRP B 558 -13.82 -4.92 43.57
N ALA B 559 -12.74 -5.47 44.10
CA ALA B 559 -11.45 -4.78 44.13
C ALA B 559 -10.92 -4.56 42.72
N THR B 560 -10.83 -5.63 41.95
CA THR B 560 -10.37 -5.56 40.57
C THR B 560 -11.44 -6.08 39.62
N TYR B 561 -11.32 -5.72 38.35
CA TYR B 561 -12.26 -6.17 37.34
C TYR B 561 -11.50 -6.77 36.17
N THR B 562 -10.87 -7.91 36.41
CA THR B 562 -10.10 -8.59 35.38
C THR B 562 -10.89 -9.77 34.81
N CYS B 563 -12.08 -10.01 35.35
CA CYS B 563 -12.99 -11.01 34.79
C CYS B 563 -13.71 -10.44 33.58
N THR B 564 -13.55 -11.10 32.43
CA THR B 564 -14.19 -10.63 31.21
C THR B 564 -15.68 -10.92 31.22
N LEU B 565 -16.09 -11.84 32.09
CA LEU B 565 -17.49 -12.19 32.25
C LEU B 565 -18.01 -11.60 33.57
N GLY B 566 -18.93 -10.64 33.45
CA GLY B 566 -19.47 -9.95 34.60
C GLY B 566 -20.32 -8.79 34.12
N PHE B 567 -21.26 -8.36 34.97
CA PHE B 567 -22.20 -7.31 34.59
C PHE B 567 -21.52 -5.97 34.29
N HIS B 568 -20.41 -5.69 34.98
CA HIS B 568 -19.74 -4.40 34.84
C HIS B 568 -18.84 -4.30 33.61
N VAL B 569 -18.49 -5.43 33.02
CA VAL B 569 -17.52 -5.39 31.92
C VAL B 569 -17.97 -6.09 30.63
N PHE B 570 -19.12 -6.75 30.62
CA PHE B 570 -19.60 -7.30 29.36
C PHE B 570 -19.82 -6.09 28.45
N GLY B 571 -20.11 -6.31 27.18
CA GLY B 571 -20.21 -5.18 26.28
C GLY B 571 -18.84 -4.76 25.76
N VAL B 572 -17.77 -5.20 26.44
CA VAL B 572 -16.45 -5.14 25.84
C VAL B 572 -16.37 -6.25 24.81
N TRP B 573 -17.36 -7.13 24.85
CA TRP B 573 -17.49 -8.20 23.86
C TRP B 573 -18.21 -7.69 22.62
N PRO B 574 -17.48 -7.60 21.51
CA PRO B 574 -18.04 -7.13 20.23
C PRO B 574 -19.06 -8.15 19.72
N GLU B 575 -20.07 -7.67 19.01
CA GLU B 575 -21.15 -8.53 18.52
C GLU B 575 -20.64 -9.72 17.74
N GLY B 576 -21.12 -10.92 18.10
CA GLY B 576 -20.80 -12.13 17.38
C GLY B 576 -19.54 -12.82 17.88
N SER B 577 -19.00 -12.30 18.97
CA SER B 577 -17.75 -12.82 19.55
C SER B 577 -17.92 -14.22 20.15
N ASP B 578 -16.82 -14.97 20.18
CA ASP B 578 -16.79 -16.22 20.95
C ASP B 578 -15.89 -16.04 22.17
N GLY B 579 -16.10 -16.86 23.19
CA GLY B 579 -15.44 -16.69 24.47
C GLY B 579 -13.94 -16.49 24.46
N THR B 580 -13.28 -16.87 23.36
CA THR B 580 -11.81 -16.79 23.30
C THR B 580 -11.29 -15.48 22.72
N ASP B 581 -12.19 -14.64 22.24
CA ASP B 581 -11.81 -13.40 21.56
C ASP B 581 -11.07 -12.39 22.43
N ILE B 582 -11.49 -12.25 23.68
CA ILE B 582 -10.85 -11.30 24.58
C ILE B 582 -10.04 -12.01 25.66
N ASN B 583 -8.73 -11.81 25.65
CA ASN B 583 -7.85 -12.49 26.59
C ASN B 583 -7.84 -11.86 27.96
N ALA B 584 -8.06 -10.56 28.02
CA ALA B 584 -7.88 -9.82 29.26
C ALA B 584 -8.67 -8.53 29.32
N VAL B 585 -9.07 -8.18 30.53
CA VAL B 585 -9.73 -6.91 30.80
C VAL B 585 -9.16 -6.36 32.10
N CYS B 586 -9.35 -5.07 32.32
CA CYS B 586 -8.95 -4.47 33.58
C CYS B 586 -9.58 -3.09 33.72
N ARG B 587 -9.64 -2.61 34.96
CA ARG B 587 -10.19 -1.30 35.24
C ARG B 587 -9.04 -0.40 35.65
N ALA B 588 -9.14 0.88 35.31
CA ALA B 588 -8.22 1.85 35.87
C ALA B 588 -8.44 1.87 37.39
N HIS B 589 -7.42 2.31 38.13
CA HIS B 589 -7.49 2.28 39.59
C HIS B 589 -8.39 3.37 40.19
N GLU B 590 -8.33 4.57 39.61
CA GLU B 590 -9.09 5.72 40.10
C GLU B 590 -9.92 6.40 39.02
N LYS B 591 -9.71 6.03 37.77
CA LYS B 591 -10.46 6.61 36.65
C LYS B 591 -11.50 5.63 36.13
N LYS B 592 -12.53 6.14 35.47
CA LYS B 592 -13.60 5.31 34.96
C LYS B 592 -13.30 4.77 33.57
N LEU B 593 -12.30 3.89 33.49
CA LEU B 593 -11.84 3.32 32.22
C LEU B 593 -11.74 1.80 32.32
N LEU B 594 -12.08 1.12 31.23
CA LEU B 594 -11.76 -0.29 31.08
C LEU B 594 -10.82 -0.47 29.88
N SER B 595 -9.94 -1.46 29.96
CA SER B 595 -9.08 -1.80 28.84
C SER B 595 -9.10 -3.30 28.59
N THR B 596 -8.97 -3.69 27.33
CA THR B 596 -8.95 -5.10 26.97
C THR B 596 -7.83 -5.40 25.99
N GLY B 597 -7.60 -6.69 25.78
CA GLY B 597 -6.71 -7.15 24.73
C GLY B 597 -7.39 -8.30 24.02
N ASP B 598 -7.42 -8.24 22.69
CA ASP B 598 -8.10 -9.26 21.91
C ASP B 598 -7.13 -10.12 21.09
N ASP B 599 -7.64 -11.23 20.57
CA ASP B 599 -6.86 -12.14 19.75
C ASP B 599 -6.55 -11.56 18.37
N PHE B 600 -6.73 -10.25 18.22
CA PHE B 600 -6.53 -9.61 16.94
C PHE B 600 -5.53 -8.46 17.05
N GLY B 601 -4.62 -8.58 18.01
CA GLY B 601 -3.54 -7.64 18.18
C GLY B 601 -3.92 -6.27 18.73
N LYS B 602 -5.19 -6.09 19.08
CA LYS B 602 -5.68 -4.78 19.48
C LYS B 602 -5.83 -4.64 21.00
N VAL B 603 -5.42 -3.50 21.53
CA VAL B 603 -5.78 -3.12 22.89
C VAL B 603 -6.81 -1.99 22.85
N HIS B 604 -7.89 -2.16 23.62
CA HIS B 604 -9.01 -1.22 23.60
C HIS B 604 -9.05 -0.36 24.85
N LEU B 605 -9.77 0.75 24.76
CA LEU B 605 -10.04 1.59 25.93
C LEU B 605 -11.52 1.94 25.95
N PHE B 606 -12.22 1.39 26.94
CA PHE B 606 -13.64 1.69 27.14
C PHE B 606 -13.79 2.62 28.33
N SER B 607 -15.00 3.09 28.56
CA SER B 607 -15.31 3.80 29.79
C SER B 607 -15.85 2.81 30.81
N TYR B 608 -15.85 3.21 32.08
CA TYR B 608 -16.45 2.41 33.14
C TYR B 608 -17.62 3.16 33.79
N PRO B 609 -18.71 2.44 34.09
CA PRO B 609 -18.82 1.01 33.84
C PRO B 609 -19.17 0.73 32.39
N CYS B 610 -19.05 -0.53 31.99
CA CYS B 610 -19.36 -0.94 30.64
C CYS B 610 -20.45 -2.00 30.69
N SER B 611 -21.69 -1.57 30.86
CA SER B 611 -22.79 -2.50 31.11
C SER B 611 -23.93 -2.42 30.09
N GLN B 612 -23.61 -1.91 28.90
CA GLN B 612 -24.55 -1.96 27.79
C GLN B 612 -23.90 -2.69 26.62
N PHE B 613 -24.59 -3.71 26.10
CA PHE B 613 -24.04 -4.56 25.05
C PHE B 613 -23.45 -3.76 23.88
N ARG B 614 -22.39 -4.31 23.28
CA ARG B 614 -21.74 -3.69 22.13
C ARG B 614 -21.31 -2.26 22.44
N ALA B 615 -20.31 -2.12 23.29
CA ALA B 615 -19.82 -0.81 23.69
C ALA B 615 -18.75 -0.32 22.72
N PRO B 616 -18.73 0.99 22.43
CA PRO B 616 -17.72 1.62 21.59
C PRO B 616 -16.40 1.75 22.33
N SER B 617 -15.28 1.60 21.62
CA SER B 617 -13.97 1.75 22.26
C SER B 617 -12.92 2.37 21.34
N HIS B 618 -11.92 3.00 21.95
CA HIS B 618 -10.74 3.45 21.23
C HIS B 618 -9.84 2.24 21.00
N ILE B 619 -9.25 2.15 19.80
CA ILE B 619 -8.49 0.96 19.42
C ILE B 619 -7.03 1.29 19.10
N TYR B 620 -6.12 0.49 19.64
CA TYR B 620 -4.69 0.74 19.44
C TYR B 620 -3.93 -0.49 18.94
N GLY B 621 -3.33 -0.37 17.76
CA GLY B 621 -2.59 -1.45 17.14
C GLY B 621 -1.10 -1.44 17.47
N GLY B 622 -0.40 -2.49 17.05
CA GLY B 622 1.02 -2.61 17.33
C GLY B 622 1.44 -4.05 17.60
N HIS B 623 0.70 -4.71 18.49
CA HIS B 623 0.90 -6.13 18.74
C HIS B 623 0.54 -6.91 17.50
N SER B 624 1.24 -8.02 17.28
CA SER B 624 1.06 -8.81 16.06
C SER B 624 0.01 -9.91 16.04
N SER B 625 -0.10 -10.65 17.14
CA SER B 625 -1.00 -11.79 17.21
C SER B 625 -2.17 -11.71 18.18
N HIS B 626 -1.93 -12.13 19.42
CA HIS B 626 -2.92 -12.06 20.46
C HIS B 626 -2.40 -11.23 21.59
N VAL B 627 -3.01 -10.09 21.89
CA VAL B 627 -2.66 -9.36 23.10
C VAL B 627 -3.11 -10.16 24.30
N THR B 628 -2.20 -10.69 25.09
CA THR B 628 -2.53 -11.68 26.11
C THR B 628 -2.95 -11.10 27.46
N ASN B 629 -2.41 -9.95 27.82
CA ASN B 629 -2.73 -9.35 29.11
C ASN B 629 -2.67 -7.82 29.06
N VAL B 630 -3.36 -7.20 30.00
CA VAL B 630 -3.50 -5.76 30.06
C VAL B 630 -3.71 -5.37 31.52
N ASP B 631 -3.15 -4.24 31.94
CA ASP B 631 -3.20 -3.87 33.36
C ASP B 631 -2.68 -2.46 33.60
N PHE B 632 -3.51 -1.62 34.22
CA PHE B 632 -3.13 -0.25 34.53
C PHE B 632 -2.07 -0.14 35.63
N LEU B 633 -1.19 0.85 35.49
CA LEU B 633 -0.21 1.17 36.52
C LEU B 633 -0.93 1.80 37.71
N CYS B 634 -0.34 1.66 38.90
CA CYS B 634 -1.05 2.00 40.15
C CYS B 634 -1.72 3.38 40.13
N GLU B 635 -1.05 4.37 39.54
CA GLU B 635 -1.60 5.73 39.50
C GLU B 635 -2.26 6.07 38.17
N ASP B 636 -2.47 5.07 37.33
CA ASP B 636 -3.16 5.23 36.06
C ASP B 636 -2.39 6.09 35.04
N SER B 637 -1.08 6.23 35.24
CA SER B 637 -0.27 6.97 34.27
C SER B 637 -0.20 6.21 32.95
N HIS B 638 0.10 4.91 33.03
CA HIS B 638 0.25 4.10 31.83
C HIS B 638 -0.58 2.82 31.85
N LEU B 639 -0.91 2.33 30.65
CA LEU B 639 -1.45 0.99 30.49
C LEU B 639 -0.37 0.06 29.94
N ILE B 640 -0.17 -1.07 30.59
CA ILE B 640 0.80 -2.06 30.10
C ILE B 640 0.08 -3.20 29.40
N SER B 641 0.64 -3.66 28.29
CA SER B 641 0.09 -4.82 27.59
C SER B 641 1.18 -5.82 27.23
N THR B 642 0.81 -7.08 27.14
CA THR B 642 1.73 -8.14 26.74
C THR B 642 1.25 -8.76 25.44
N GLY B 643 2.18 -9.22 24.61
CA GLY B 643 1.87 -9.59 23.24
C GLY B 643 1.87 -11.07 22.93
N GLY B 644 1.98 -11.89 23.97
CA GLY B 644 2.01 -13.32 23.77
C GLY B 644 3.12 -13.74 22.82
N LYS B 645 2.74 -14.38 21.72
CA LYS B 645 3.74 -14.92 20.80
C LYS B 645 4.63 -13.84 20.17
N ASP B 646 4.11 -12.63 20.01
CA ASP B 646 4.92 -11.55 19.46
C ASP B 646 6.02 -11.10 20.42
N THR B 647 5.92 -11.56 21.68
CA THR B 647 7.06 -11.47 22.59
C THR B 647 7.18 -10.12 23.29
N SER B 648 6.44 -9.13 22.81
CA SER B 648 6.67 -7.74 23.21
C SER B 648 5.83 -7.24 24.37
N ILE B 649 6.40 -6.33 25.14
CA ILE B 649 5.63 -5.56 26.09
C ILE B 649 5.44 -4.17 25.49
N MET B 650 4.23 -3.64 25.59
CA MET B 650 3.99 -2.27 25.16
C MET B 650 3.48 -1.41 26.32
N GLN B 651 3.93 -0.15 26.34
CA GLN B 651 3.57 0.76 27.42
C GLN B 651 2.86 1.99 26.87
N TRP B 652 1.59 2.12 27.24
CA TRP B 652 0.73 3.17 26.71
C TRP B 652 0.50 4.27 27.74
N ARG B 653 0.91 5.49 27.42
CA ARG B 653 0.60 6.64 28.26
C ARG B 653 -0.89 6.93 28.20
N VAL B 654 -1.48 7.26 29.35
CA VAL B 654 -2.89 7.64 29.39
C VAL B 654 -3.04 9.16 29.28
N ILE B 655 -3.94 9.59 28.40
CA ILE B 655 -4.24 11.00 28.19
C ILE B 655 -5.58 11.21 27.49
S SO4 C . 1.98 5.01 -37.07
O1 SO4 C . 1.68 5.49 -38.41
O2 SO4 C . 1.66 3.59 -36.95
O3 SO4 C . 3.40 5.19 -36.78
O4 SO4 C . 1.18 5.78 -36.11
S SO4 D . 10.61 14.89 -56.62
O1 SO4 D . 9.22 15.28 -56.38
O2 SO4 D . 11.35 14.95 -55.36
O3 SO4 D . 10.67 13.54 -57.17
O4 SO4 D . 11.20 15.82 -57.57
S SO4 E . -13.32 3.86 -54.55
O1 SO4 E . -14.46 4.78 -54.46
O2 SO4 E . -12.09 4.64 -54.43
O3 SO4 E . -13.39 2.89 -53.46
O4 SO4 E . -13.33 3.16 -55.83
S SO4 F . 13.16 9.62 -14.62
O1 SO4 F . 13.01 10.84 -13.84
O2 SO4 F . 14.45 9.01 -14.34
O3 SO4 F . 12.08 8.68 -14.30
O4 SO4 F . 13.07 9.94 -16.05
S SO4 G . -1.41 24.24 -51.08
O1 SO4 G . -2.74 23.65 -51.12
O2 SO4 G . -0.75 23.90 -49.83
O3 SO4 G . -0.61 23.72 -52.20
O4 SO4 G . -1.52 25.69 -51.21
S SO4 H . -23.81 10.77 -25.89
O1 SO4 H . -25.06 10.74 -25.12
O2 SO4 H . -22.88 9.79 -25.34
O3 SO4 H . -24.08 10.46 -27.28
O4 SO4 H . -23.22 12.10 -25.80
S SO4 I . -15.74 33.86 -4.01
O1 SO4 I . -14.52 33.51 -3.29
O2 SO4 I . -16.54 34.77 -3.20
O3 SO4 I . -15.38 34.51 -5.27
O4 SO4 I . -16.51 32.64 -4.28
S SO4 J . -14.54 22.70 -35.47
O1 SO4 J . -15.97 23.00 -35.36
O2 SO4 J . -13.80 23.57 -34.56
O3 SO4 J . -14.32 21.30 -35.10
O4 SO4 J . -14.09 22.92 -36.85
S SO4 K . -18.01 18.27 -39.05
O1 SO4 K . -18.01 17.15 -38.12
O2 SO4 K . -18.04 17.76 -40.42
O3 SO4 K . -19.19 19.10 -38.82
O4 SO4 K . -16.81 19.08 -38.83
S SO4 L . -9.16 -6.92 -36.16
O1 SO4 L . -10.44 -7.53 -35.82
O2 SO4 L . -8.59 -6.30 -34.97
O3 SO4 L . -8.24 -7.95 -36.64
O4 SO4 L . -9.35 -5.91 -37.20
S SO4 M . -37.78 6.63 -12.62
O1 SO4 M . -38.24 8.02 -12.73
O2 SO4 M . -37.18 6.42 -11.30
O3 SO4 M . -38.93 5.74 -12.77
O4 SO4 M . -36.80 6.35 -13.67
S SO4 N . -30.41 29.49 -22.06
O1 SO4 N . -31.76 28.96 -21.89
O2 SO4 N . -29.43 28.49 -21.64
O3 SO4 N . -30.18 29.80 -23.47
O4 SO4 N . -30.25 30.69 -21.25
S SO4 O . -9.04 11.93 -56.58
O1 SO4 O . -9.87 12.76 -55.71
O2 SO4 O . -7.64 12.26 -56.38
O3 SO4 O . -9.26 10.52 -56.25
O4 SO4 O . -9.39 12.16 -57.98
S SO4 P . -4.30 -11.20 35.61
O1 SO4 P . -4.80 -12.30 34.80
O2 SO4 P . -2.99 -10.75 35.12
O3 SO4 P . -5.25 -10.09 35.52
O4 SO4 P . -4.15 -11.64 37.00
S SO4 Q . 4.34 -28.76 48.10
O1 SO4 Q . 3.42 -29.24 49.13
O2 SO4 Q . 5.47 -28.08 48.73
O3 SO4 Q . 4.84 -29.90 47.34
O4 SO4 Q . 3.64 -27.85 47.21
S SO4 R . 30.73 10.40 13.48
O1 SO4 R . 31.41 11.51 14.12
O2 SO4 R . 30.16 9.52 14.50
O3 SO4 R . 29.64 10.92 12.64
O4 SO4 R . 31.66 9.65 12.65
S SO4 S . -17.79 -26.91 48.96
O1 SO4 S . -18.55 -27.25 50.16
O2 SO4 S . -16.40 -26.64 49.32
O3 SO4 S . -17.83 -28.04 48.02
O4 SO4 S . -18.37 -25.73 48.31
S SO4 T . -14.21 -27.91 54.91
O1 SO4 T . -15.48 -27.38 54.45
O2 SO4 T . -13.70 -27.07 55.99
O3 SO4 T . -14.39 -29.28 55.39
O4 SO4 T . -13.27 -27.92 53.79
S SO4 U . 37.60 -7.95 27.09
O1 SO4 U . 37.14 -7.82 28.47
O2 SO4 U . 39.05 -8.12 27.06
O3 SO4 U . 36.96 -9.12 26.48
O4 SO4 U . 37.23 -6.74 26.34
S SO4 V . 43.14 -6.76 22.52
O1 SO4 V . 41.87 -6.13 22.19
O2 SO4 V . 43.19 -7.06 23.95
O3 SO4 V . 43.29 -8.00 21.75
O4 SO4 V . 44.23 -5.85 22.18
S SO4 W . 9.06 -6.82 55.20
O1 SO4 W . 8.17 -5.83 54.61
O2 SO4 W . 9.68 -6.25 56.40
O3 SO4 W . 8.30 -8.01 55.56
O4 SO4 W . 10.10 -7.17 54.24
S SO4 X . 20.02 -8.93 37.45
O1 SO4 X . 18.82 -9.69 37.80
O2 SO4 X . 21.08 -9.23 38.41
O3 SO4 X . 20.46 -9.32 36.11
O4 SO4 X . 19.72 -7.50 37.48
S SO4 Y . 14.98 -7.09 -20.63
O1 SO4 Y . 13.72 -7.36 -19.98
O2 SO4 Y . 16.08 -7.59 -19.80
O3 SO4 Y . 15.01 -7.77 -21.92
O4 SO4 Y . 15.14 -5.64 -20.83
S SO4 Z . 1.13 -10.08 59.01
O1 SO4 Z . 0.38 -9.16 58.15
O2 SO4 Z . 0.20 -10.94 59.75
O3 SO4 Z . 1.99 -10.89 58.18
O4 SO4 Z . 1.93 -9.31 59.96
S SO4 AA . 6.14 -22.03 53.74
O1 SO4 AA . 5.40 -23.07 54.46
O2 SO4 AA . 7.57 -22.27 53.88
O3 SO4 AA . 5.78 -22.06 52.33
O4 SO4 AA . 5.80 -20.72 54.30
#